data_1PVN
#
_entry.id   1PVN
#
_cell.length_a   96.754
_cell.length_b   112.566
_cell.length_c   159.756
_cell.angle_alpha   90.00
_cell.angle_beta   90.00
_cell.angle_gamma   90.00
#
_symmetry.space_group_name_H-M   'P 21 21 21'
#
loop_
_entity.id
_entity.type
_entity.pdbx_description
1 polymer "Inosine-5'-monophosphate dehydrogenase"
2 non-polymer 'POTASSIUM ION'
3 non-polymer "4-CARBAMOYL-1-BETA-D-RIBOFURANOSYL-IMIDAZOLIUM-5-OLATE-5'-PHOSPHATE"
4 non-polymer 2-AMINO-2-HYDROXYMETHYL-PROPANE-1,3-DIOL
5 water water
#
_entity_poly.entity_id   1
_entity_poly.type   'polypeptide(L)'
_entity_poly.pdbx_seq_one_letter_code
;AKYYNEPCHTFNEYLLIPGLSTVDCIPSNVNLSTPLVKFQKGQQSEINLKIPLVSAIMQSVSGEKMAIALAREGGISFIF
GSQSIESQAAMVHAVKNFKDSQKRYLVGAGINTRDFRERVPALVEAGADVLCIDSSDGFSEWQKITIGWIREKYGDKVKV
GAGNIVDGEGFRYLADAGADFIKIGIGGGSICITREQKGIGRGQATAVIDVVAERNKYFEETGIYIPVCSDGGIVYDYHM
TLALAMGADFIMLGRYFARFEESPTRKVTINGSVMKEYWGEGSSRARNWQRYDLGGKQKLSFEEGVDSYVPYAGKLKDNV
EASLNKVKSTMCNCGALTIPQLQSKAKITLVSSVSIVEGGAHDVIVKDRINDYHPK
;
_entity_poly.pdbx_strand_id   A,B,C,D
#
# COMPACT_ATOMS: atom_id res chain seq x y z
N ALA A 1 -1.81 -8.96 25.26
CA ALA A 1 -0.71 -8.88 24.26
C ALA A 1 -0.22 -7.45 24.10
N LYS A 2 0.97 -7.30 23.51
CA LYS A 2 1.57 -6.00 23.28
C LYS A 2 1.56 -5.71 21.78
N TYR A 3 1.23 -4.48 21.41
CA TYR A 3 1.20 -4.09 20.00
C TYR A 3 2.15 -2.92 19.76
N TYR A 4 2.35 -2.55 18.50
CA TYR A 4 3.27 -1.47 18.15
C TYR A 4 2.58 -0.35 17.37
N ASN A 5 3.15 0.85 17.41
CA ASN A 5 2.57 2.00 16.73
C ASN A 5 2.75 1.99 15.22
N GLU A 6 3.78 1.30 14.74
CA GLU A 6 4.05 1.24 13.32
C GLU A 6 4.35 -0.18 12.86
N PRO A 7 4.08 -0.48 11.58
CA PRO A 7 4.36 -1.81 11.05
C PRO A 7 5.86 -1.87 10.79
N CYS A 8 6.41 -3.08 10.68
CA CYS A 8 7.84 -3.24 10.41
C CYS A 8 8.12 -3.06 8.92
N HIS A 9 9.34 -2.66 8.60
CA HIS A 9 9.73 -2.45 7.21
C HIS A 9 11.07 -3.11 6.95
N THR A 10 11.45 -3.20 5.68
CA THR A 10 12.75 -3.76 5.38
C THR A 10 13.48 -3.00 4.26
N PHE A 11 14.71 -3.41 3.99
CA PHE A 11 15.60 -2.76 3.03
C PHE A 11 15.06 -2.11 1.75
N ASN A 12 14.29 -2.83 0.95
CA ASN A 12 13.75 -2.28 -0.30
C ASN A 12 12.92 -1.01 -0.11
N GLU A 13 12.47 -0.75 1.11
CA GLU A 13 11.65 0.43 1.38
C GLU A 13 12.42 1.69 1.75
N TYR A 14 13.75 1.61 1.78
CA TYR A 14 14.57 2.75 2.18
C TYR A 14 15.54 3.31 1.15
N LEU A 15 15.89 4.58 1.35
CA LEU A 15 16.87 5.28 0.53
C LEU A 15 17.65 6.23 1.43
N LEU A 16 18.89 6.51 1.05
CA LEU A 16 19.72 7.43 1.79
C LEU A 16 19.65 8.79 1.09
N ILE A 17 19.51 9.85 1.89
CA ILE A 17 19.47 11.21 1.34
C ILE A 17 20.87 11.76 1.58
N PRO A 18 21.61 12.04 0.49
CA PRO A 18 22.97 12.57 0.58
C PRO A 18 23.15 13.81 1.46
N GLY A 19 24.29 13.85 2.15
CA GLY A 19 24.63 14.98 2.99
C GLY A 19 25.75 15.70 2.26
N LEU A 20 26.49 16.55 2.96
CA LEU A 20 27.60 17.28 2.32
C LEU A 20 28.82 16.40 2.06
N SER A 21 29.31 16.44 0.82
CA SER A 21 30.49 15.68 0.46
C SER A 21 31.64 16.69 0.40
N THR A 22 32.67 16.49 1.21
CA THR A 22 33.81 17.40 1.21
C THR A 22 34.81 16.90 0.18
N VAL A 23 35.81 17.70 -0.14
CA VAL A 23 36.80 17.30 -1.14
C VAL A 23 37.56 16.03 -0.75
N ASP A 24 37.58 15.73 0.54
CA ASP A 24 38.28 14.53 1.01
C ASP A 24 37.39 13.29 0.98
N CYS A 25 36.14 13.46 0.59
CA CYS A 25 35.22 12.32 0.50
C CYS A 25 35.40 11.59 -0.82
N ILE A 26 36.54 10.92 -0.93
CA ILE A 26 36.90 10.15 -2.13
C ILE A 26 36.81 8.68 -1.76
N PRO A 27 36.21 7.87 -2.63
CA PRO A 27 36.06 6.42 -2.36
C PRO A 27 37.34 5.73 -1.91
N SER A 28 38.48 6.14 -2.46
CA SER A 28 39.76 5.54 -2.10
C SER A 28 40.17 5.84 -0.66
N ASN A 29 39.59 6.89 -0.08
CA ASN A 29 39.92 7.26 1.31
C ASN A 29 38.98 6.59 2.32
N VAL A 30 37.98 5.85 1.84
CA VAL A 30 37.04 5.21 2.75
C VAL A 30 37.63 4.01 3.49
N ASN A 31 37.48 4.00 4.80
CA ASN A 31 37.97 2.91 5.65
C ASN A 31 36.78 2.07 6.08
N LEU A 32 36.75 0.82 5.62
CA LEU A 32 35.65 -0.09 5.92
C LEU A 32 35.87 -1.01 7.13
N SER A 33 36.86 -0.68 7.95
CA SER A 33 37.15 -1.48 9.14
C SER A 33 35.97 -1.46 10.10
N THR A 34 35.79 -2.54 10.86
CA THR A 34 34.68 -2.61 11.80
C THR A 34 34.99 -3.61 12.92
N PRO A 35 34.52 -3.31 14.15
CA PRO A 35 34.74 -4.21 15.29
C PRO A 35 33.88 -5.46 15.23
N LEU A 36 34.45 -6.58 15.64
CA LEU A 36 33.72 -7.84 15.64
C LEU A 36 33.24 -8.22 17.03
N VAL A 37 34.01 -7.89 18.06
CA VAL A 37 33.64 -8.25 19.43
C VAL A 37 33.60 -7.06 20.39
N LYS A 38 32.78 -7.16 21.44
CA LYS A 38 32.60 -6.08 22.40
C LYS A 38 33.88 -5.57 23.04
N PHE A 39 33.87 -4.27 23.34
CA PHE A 39 35.02 -3.62 23.98
C PHE A 39 34.53 -2.48 24.85
N GLN A 40 35.46 -1.92 25.63
CA GLN A 40 35.16 -0.81 26.54
C GLN A 40 35.31 0.54 25.86
N LYS A 41 34.50 1.50 26.30
CA LYS A 41 34.52 2.85 25.75
C LYS A 41 35.93 3.40 25.70
N GLY A 42 36.27 4.04 24.60
CA GLY A 42 37.59 4.62 24.44
C GLY A 42 38.60 3.65 23.87
N GLN A 43 38.28 2.35 23.90
CA GLN A 43 39.20 1.36 23.40
C GLN A 43 38.83 0.78 22.04
N GLN A 44 39.67 -0.14 21.55
CA GLN A 44 39.44 -0.80 20.28
C GLN A 44 39.07 -2.27 20.53
N SER A 45 38.30 -2.84 19.60
CA SER A 45 37.90 -4.25 19.72
C SER A 45 39.15 -5.10 19.53
N GLU A 46 39.19 -6.27 20.16
CA GLU A 46 40.33 -7.17 20.03
C GLU A 46 40.37 -7.77 18.63
N ILE A 47 39.24 -7.74 17.94
CA ILE A 47 39.15 -8.27 16.59
C ILE A 47 38.42 -7.27 15.67
N ASN A 48 39.14 -6.76 14.68
CA ASN A 48 38.57 -5.82 13.73
C ASN A 48 38.71 -6.38 12.33
N LEU A 49 37.61 -6.38 11.58
CA LEU A 49 37.64 -6.87 10.21
C LEU A 49 38.05 -5.69 9.34
N LYS A 50 38.54 -5.96 8.14
CA LYS A 50 38.92 -4.89 7.23
C LYS A 50 37.72 -4.51 6.37
N ILE A 51 36.76 -5.43 6.24
CA ILE A 51 35.51 -5.18 5.51
C ILE A 51 34.40 -5.76 6.39
N PRO A 52 33.21 -5.13 6.40
CA PRO A 52 32.08 -5.59 7.23
C PRO A 52 31.23 -6.74 6.72
N LEU A 53 31.84 -7.69 6.05
CA LEU A 53 31.09 -8.83 5.52
C LEU A 53 31.53 -10.16 6.12
N VAL A 54 30.57 -10.97 6.56
CA VAL A 54 30.86 -12.28 7.13
C VAL A 54 29.92 -13.31 6.49
N SER A 55 30.41 -14.51 6.23
CA SER A 55 29.58 -15.53 5.60
C SER A 55 28.78 -16.34 6.63
N ALA A 56 27.55 -16.69 6.23
CA ALA A 56 26.61 -17.44 7.07
C ALA A 56 27.11 -18.80 7.56
N ILE A 57 26.60 -19.18 8.72
CA ILE A 57 26.94 -20.46 9.36
C ILE A 57 26.08 -21.51 8.67
N MET A 58 26.43 -21.84 7.44
CA MET A 58 25.66 -22.78 6.64
C MET A 58 26.50 -23.78 5.86
N GLN A 59 25.96 -24.99 5.73
CA GLN A 59 26.63 -26.07 4.99
C GLN A 59 26.91 -25.66 3.56
N SER A 60 25.95 -24.96 2.94
CA SER A 60 26.10 -24.54 1.56
C SER A 60 26.85 -23.23 1.37
N VAL A 61 27.48 -22.73 2.42
CA VAL A 61 28.18 -21.46 2.30
C VAL A 61 29.60 -21.42 2.86
N SER A 62 29.73 -21.59 4.18
CA SER A 62 31.03 -21.48 4.85
C SER A 62 31.89 -22.73 5.01
N GLY A 63 32.56 -23.10 3.94
CA GLY A 63 33.46 -24.25 3.97
C GLY A 63 34.88 -23.71 4.04
N GLU A 64 35.87 -24.58 3.88
CA GLU A 64 37.27 -24.15 3.94
C GLU A 64 37.65 -23.12 2.87
N LYS A 65 37.27 -23.37 1.63
CA LYS A 65 37.61 -22.45 0.54
C LYS A 65 37.00 -21.07 0.75
N MET A 66 35.76 -21.03 1.22
CA MET A 66 35.08 -19.76 1.48
C MET A 66 35.81 -18.99 2.57
N ALA A 67 36.12 -19.67 3.67
CA ALA A 67 36.80 -19.05 4.81
C ALA A 67 38.13 -18.40 4.41
N ILE A 68 38.92 -19.10 3.60
CA ILE A 68 40.20 -18.58 3.15
C ILE A 68 40.01 -17.38 2.21
N ALA A 69 39.14 -17.53 1.23
CA ALA A 69 38.88 -16.46 0.27
C ALA A 69 38.34 -15.19 0.92
N LEU A 70 37.39 -15.33 1.84
CA LEU A 70 36.82 -14.16 2.51
C LEU A 70 37.82 -13.53 3.49
N ALA A 71 38.57 -14.37 4.20
CA ALA A 71 39.57 -13.85 5.13
C ALA A 71 40.59 -13.02 4.35
N ARG A 72 40.98 -13.50 3.18
CA ARG A 72 41.94 -12.80 2.34
C ARG A 72 41.45 -11.40 1.97
N GLU A 73 40.14 -11.25 1.79
CA GLU A 73 39.58 -9.96 1.41
C GLU A 73 39.29 -9.06 2.60
N GLY A 74 39.52 -9.55 3.82
CA GLY A 74 39.30 -8.73 4.98
C GLY A 74 38.12 -9.07 5.86
N GLY A 75 37.34 -10.08 5.48
CA GLY A 75 36.19 -10.48 6.28
C GLY A 75 36.47 -11.74 7.07
N ILE A 76 35.42 -12.46 7.43
CA ILE A 76 35.59 -13.69 8.18
C ILE A 76 34.39 -14.61 7.95
N SER A 77 34.65 -15.92 7.91
CA SER A 77 33.60 -16.90 7.72
C SER A 77 33.40 -17.67 9.01
N PHE A 78 32.16 -18.12 9.24
CA PHE A 78 31.86 -18.93 10.42
C PHE A 78 31.58 -20.34 9.92
N ILE A 79 32.61 -21.20 9.99
CA ILE A 79 32.49 -22.58 9.55
C ILE A 79 31.21 -23.17 10.14
N PHE A 80 30.38 -23.77 9.29
CA PHE A 80 29.11 -24.33 9.75
C PHE A 80 29.27 -25.39 10.81
N GLY A 81 28.35 -25.39 11.76
CA GLY A 81 28.39 -26.34 12.86
C GLY A 81 27.46 -27.53 12.68
N SER A 82 26.70 -27.53 11.59
CA SER A 82 25.79 -28.63 11.32
C SER A 82 26.57 -29.78 10.68
N GLN A 83 27.53 -30.29 11.44
CA GLN A 83 28.39 -31.40 11.03
C GLN A 83 29.07 -31.90 12.30
N SER A 84 29.76 -33.03 12.22
CA SER A 84 30.42 -33.56 13.42
C SER A 84 31.45 -32.58 13.96
N ILE A 85 31.67 -32.64 15.26
CA ILE A 85 32.64 -31.77 15.92
C ILE A 85 34.02 -31.98 15.29
N GLU A 86 34.36 -33.24 15.06
CA GLU A 86 35.64 -33.58 14.47
C GLU A 86 35.85 -32.96 13.10
N SER A 87 34.86 -33.08 12.21
CA SER A 87 34.99 -32.52 10.88
C SER A 87 35.03 -30.99 10.89
N GLN A 88 34.26 -30.36 11.79
CA GLN A 88 34.26 -28.90 11.85
C GLN A 88 35.61 -28.43 12.37
N ALA A 89 36.12 -29.09 13.40
CA ALA A 89 37.42 -28.73 13.97
C ALA A 89 38.52 -28.85 12.90
N ALA A 90 38.41 -29.88 12.08
CA ALA A 90 39.38 -30.11 11.00
C ALA A 90 39.34 -28.96 10.00
N MET A 91 38.15 -28.47 9.67
CA MET A 91 38.03 -27.36 8.73
C MET A 91 38.68 -26.11 9.31
N VAL A 92 38.38 -25.81 10.57
CA VAL A 92 38.93 -24.65 11.23
C VAL A 92 40.46 -24.74 11.25
N HIS A 93 40.96 -25.93 11.59
CA HIS A 93 42.40 -26.15 11.65
C HIS A 93 43.06 -25.91 10.29
N ALA A 94 42.43 -26.41 9.23
CA ALA A 94 42.97 -26.26 7.89
C ALA A 94 43.06 -24.79 7.48
N VAL A 95 42.07 -24.00 7.86
CA VAL A 95 42.06 -22.59 7.53
C VAL A 95 43.13 -21.85 8.34
N LYS A 96 43.21 -22.15 9.62
CA LYS A 96 44.19 -21.50 10.50
C LYS A 96 45.63 -21.82 10.14
N ASN A 97 45.86 -23.00 9.57
CA ASN A 97 47.22 -23.40 9.21
C ASN A 97 47.46 -23.44 7.72
N PHE A 98 46.63 -22.71 6.96
CA PHE A 98 46.79 -22.67 5.51
C PHE A 98 48.10 -22.00 5.15
N ARG A 104 48.38 -15.31 9.22
CA ARG A 104 47.37 -16.26 9.68
C ARG A 104 45.97 -15.69 9.46
N TYR A 105 45.16 -16.41 8.69
CA TYR A 105 43.80 -15.99 8.39
C TYR A 105 42.86 -16.17 9.58
N LEU A 106 41.95 -15.22 9.76
CA LEU A 106 40.97 -15.30 10.84
C LEU A 106 39.87 -16.24 10.40
N VAL A 107 39.26 -16.94 11.36
CA VAL A 107 38.17 -17.84 11.04
C VAL A 107 37.28 -18.05 12.24
N GLY A 108 35.97 -18.10 12.01
CA GLY A 108 35.03 -18.30 13.08
C GLY A 108 34.41 -19.67 12.95
N ALA A 109 33.58 -20.05 13.91
CA ALA A 109 32.92 -21.34 13.87
C ALA A 109 31.60 -21.28 14.63
N GLY A 110 30.57 -21.88 14.06
CA GLY A 110 29.28 -21.90 14.71
C GLY A 110 29.16 -23.03 15.71
N ILE A 111 28.41 -22.80 16.78
CA ILE A 111 28.20 -23.82 17.79
C ILE A 111 26.70 -23.83 18.08
N ASN A 112 26.25 -24.85 18.81
CA ASN A 112 24.84 -24.96 19.16
C ASN A 112 24.70 -24.99 20.68
N THR A 113 23.46 -24.91 21.17
CA THR A 113 23.21 -24.89 22.60
C THR A 113 23.14 -26.27 23.25
N ARG A 114 23.51 -27.32 22.52
CA ARG A 114 23.42 -28.64 23.14
C ARG A 114 24.77 -29.35 23.38
N ASP A 115 25.63 -29.50 22.36
CA ASP A 115 26.91 -30.17 22.56
C ASP A 115 28.11 -29.25 22.76
N PHE A 116 27.86 -28.03 23.23
CA PHE A 116 28.92 -27.05 23.42
C PHE A 116 30.05 -27.48 24.37
N ARG A 117 29.74 -28.32 25.35
CA ARG A 117 30.77 -28.77 26.28
C ARG A 117 31.86 -29.55 25.57
N GLU A 118 31.50 -30.19 24.46
CA GLU A 118 32.47 -30.96 23.69
C GLU A 118 32.94 -30.18 22.45
N ARG A 119 32.02 -29.50 21.78
CA ARG A 119 32.36 -28.74 20.57
C ARG A 119 33.27 -27.55 20.82
N VAL A 120 32.99 -26.77 21.85
CA VAL A 120 33.79 -25.59 22.13
C VAL A 120 35.27 -25.90 22.33
N PRO A 121 35.60 -26.83 23.24
CA PRO A 121 37.03 -27.15 23.46
C PRO A 121 37.71 -27.56 22.16
N ALA A 122 37.03 -28.36 21.35
CA ALA A 122 37.58 -28.83 20.09
C ALA A 122 37.84 -27.68 19.13
N LEU A 123 36.94 -26.72 19.09
CA LEU A 123 37.08 -25.57 18.20
C LEU A 123 38.18 -24.62 18.67
N VAL A 124 38.26 -24.42 19.99
CA VAL A 124 39.27 -23.54 20.55
C VAL A 124 40.63 -24.17 20.24
N GLU A 125 40.72 -25.47 20.44
CA GLU A 125 41.93 -26.24 20.21
C GLU A 125 42.36 -26.13 18.74
N ALA A 126 41.37 -26.16 17.84
CA ALA A 126 41.64 -26.07 16.40
C ALA A 126 42.13 -24.68 15.99
N GLY A 127 41.93 -23.70 16.86
CA GLY A 127 42.38 -22.35 16.54
C GLY A 127 41.33 -21.35 16.11
N ALA A 128 40.06 -21.63 16.35
CA ALA A 128 39.00 -20.70 15.96
C ALA A 128 39.20 -19.38 16.70
N ASP A 129 39.09 -18.26 15.98
CA ASP A 129 39.27 -16.94 16.58
C ASP A 129 38.02 -16.45 17.30
N VAL A 130 36.86 -16.92 16.86
CA VAL A 130 35.60 -16.50 17.47
C VAL A 130 34.53 -17.54 17.19
N LEU A 131 33.57 -17.66 18.11
CA LEU A 131 32.49 -18.62 17.95
C LEU A 131 31.17 -17.86 17.83
N CYS A 132 30.12 -18.55 17.43
CA CYS A 132 28.80 -17.92 17.32
C CYS A 132 27.71 -18.97 17.43
N ILE A 133 26.80 -18.78 18.38
CA ILE A 133 25.70 -19.71 18.56
C ILE A 133 24.79 -19.53 17.35
N ASP A 134 24.45 -20.65 16.71
CA ASP A 134 23.59 -20.64 15.52
C ASP A 134 22.17 -21.02 15.92
N SER A 135 21.31 -20.01 16.03
CA SER A 135 19.91 -20.26 16.41
C SER A 135 18.96 -19.31 15.70
N SER A 136 17.80 -19.85 15.30
CA SER A 136 16.77 -19.06 14.64
C SER A 136 16.24 -18.01 15.63
N ASP A 137 15.95 -18.47 16.84
CA ASP A 137 15.43 -17.60 17.90
C ASP A 137 16.38 -17.69 19.09
N GLY A 138 17.28 -16.71 19.19
CA GLY A 138 18.25 -16.71 20.27
C GLY A 138 17.82 -16.10 21.59
N PHE A 139 16.58 -15.65 21.69
CA PHE A 139 16.09 -15.07 22.93
C PHE A 139 15.72 -16.24 23.85
N SER A 140 16.72 -16.92 24.39
CA SER A 140 16.44 -18.06 25.26
C SER A 140 17.48 -18.32 26.34
N GLU A 141 17.02 -19.00 27.38
CA GLU A 141 17.87 -19.37 28.50
C GLU A 141 18.96 -20.32 28.02
N TRP A 142 18.66 -21.08 26.96
CA TRP A 142 19.62 -22.02 26.40
C TRP A 142 20.89 -21.28 25.95
N GLN A 143 20.73 -20.11 25.35
CA GLN A 143 21.89 -19.33 24.91
C GLN A 143 22.61 -18.76 26.13
N LYS A 144 21.85 -18.32 27.12
CA LYS A 144 22.44 -17.76 28.33
C LYS A 144 23.29 -18.83 29.02
N ILE A 145 22.79 -20.05 29.05
CA ILE A 145 23.50 -21.17 29.67
C ILE A 145 24.80 -21.45 28.90
N THR A 146 24.71 -21.48 27.57
CA THR A 146 25.87 -21.75 26.73
C THR A 146 26.96 -20.69 26.93
N ILE A 147 26.57 -19.42 26.89
CA ILE A 147 27.52 -18.33 27.07
C ILE A 147 28.12 -18.40 28.47
N GLY A 148 27.27 -18.69 29.45
CA GLY A 148 27.72 -18.79 30.83
C GLY A 148 28.78 -19.86 31.03
N TRP A 149 28.61 -20.99 30.37
CA TRP A 149 29.56 -22.09 30.48
C TRP A 149 30.90 -21.67 29.90
N ILE A 150 30.86 -21.03 28.74
CA ILE A 150 32.07 -20.57 28.08
C ILE A 150 32.83 -19.59 28.98
N ARG A 151 32.11 -18.64 29.56
CA ARG A 151 32.72 -17.65 30.46
C ARG A 151 33.32 -18.35 31.68
N GLU A 152 32.59 -19.35 32.16
CA GLU A 152 33.00 -20.13 33.32
C GLU A 152 34.33 -20.83 33.07
N LYS A 153 34.46 -21.45 31.90
CA LYS A 153 35.66 -22.19 31.53
C LYS A 153 36.79 -21.38 30.90
N TYR A 154 36.46 -20.33 30.15
CA TYR A 154 37.49 -19.55 29.47
C TYR A 154 37.54 -18.06 29.80
N GLY A 155 36.61 -17.57 30.61
CA GLY A 155 36.61 -16.16 30.92
C GLY A 155 36.41 -15.38 29.63
N ASP A 156 37.15 -14.29 29.46
CA ASP A 156 37.04 -13.47 28.26
C ASP A 156 37.99 -13.89 27.15
N LYS A 157 38.70 -15.00 27.33
CA LYS A 157 39.65 -15.48 26.34
C LYS A 157 38.96 -16.00 25.08
N VAL A 158 37.76 -16.55 25.23
CA VAL A 158 37.02 -17.07 24.09
C VAL A 158 35.89 -16.11 23.76
N LYS A 159 35.80 -15.73 22.49
CA LYS A 159 34.78 -14.81 22.03
C LYS A 159 33.62 -15.58 21.44
N VAL A 160 32.41 -15.26 21.87
CA VAL A 160 31.23 -15.95 21.37
C VAL A 160 30.10 -15.00 21.00
N GLY A 161 29.64 -15.11 19.76
CA GLY A 161 28.54 -14.28 19.30
C GLY A 161 27.27 -15.01 19.66
N ALA A 162 26.15 -14.31 19.70
CA ALA A 162 24.94 -14.98 20.06
C ALA A 162 23.67 -14.40 19.49
N GLY A 163 22.61 -15.15 19.74
CA GLY A 163 21.28 -14.73 19.38
C GLY A 163 20.58 -14.97 18.09
N ASN A 164 20.07 -13.82 17.65
CA ASN A 164 19.24 -13.56 16.51
C ASN A 164 17.99 -13.25 17.26
N ILE A 165 17.92 -11.96 17.54
CA ILE A 165 16.86 -11.33 18.25
C ILE A 165 16.45 -10.25 17.28
N VAL A 166 15.31 -9.60 17.53
CA VAL A 166 14.86 -8.57 16.62
C VAL A 166 14.37 -7.32 17.33
N ASP A 167 14.58 -7.26 18.65
CA ASP A 167 14.16 -6.08 19.40
C ASP A 167 15.09 -5.79 20.58
N GLY A 168 14.85 -4.65 21.22
CA GLY A 168 15.66 -4.24 22.35
C GLY A 168 15.68 -5.23 23.50
N GLU A 169 14.54 -5.84 23.81
CA GLU A 169 14.47 -6.82 24.90
C GLU A 169 15.41 -7.99 24.67
N GLY A 170 15.39 -8.54 23.46
CA GLY A 170 16.25 -9.66 23.12
C GLY A 170 17.72 -9.29 23.22
N PHE A 171 18.06 -8.13 22.67
CA PHE A 171 19.44 -7.65 22.73
C PHE A 171 19.91 -7.54 24.18
N ARG A 172 19.11 -6.88 25.00
CA ARG A 172 19.43 -6.67 26.41
C ARG A 172 19.69 -7.98 27.13
N TYR A 173 18.86 -8.99 26.87
CA TYR A 173 19.03 -10.29 27.50
C TYR A 173 20.36 -10.94 27.15
N LEU A 174 20.72 -10.95 25.87
CA LEU A 174 21.97 -11.55 25.45
C LEU A 174 23.18 -10.73 25.85
N ALA A 175 22.99 -9.41 25.94
CA ALA A 175 24.08 -8.52 26.34
C ALA A 175 24.42 -8.83 27.80
N ASP A 176 23.40 -8.91 28.64
CA ASP A 176 23.59 -9.21 30.05
C ASP A 176 24.15 -10.62 30.22
N ALA A 177 23.83 -11.50 29.28
CA ALA A 177 24.30 -12.88 29.32
C ALA A 177 25.81 -12.95 29.04
N GLY A 178 26.35 -11.90 28.43
CA GLY A 178 27.77 -11.87 28.15
C GLY A 178 28.22 -12.05 26.71
N ALA A 179 27.28 -12.01 25.76
CA ALA A 179 27.64 -12.19 24.34
C ALA A 179 28.64 -11.13 23.88
N ASP A 180 29.58 -11.53 23.01
CA ASP A 180 30.59 -10.60 22.51
C ASP A 180 30.07 -9.79 21.32
N PHE A 181 29.05 -10.32 20.66
CA PHE A 181 28.38 -9.61 19.56
C PHE A 181 27.01 -10.26 19.43
N ILE A 182 26.04 -9.50 18.95
CA ILE A 182 24.69 -10.03 18.85
C ILE A 182 24.14 -9.94 17.42
N LYS A 183 23.65 -11.07 16.94
CA LYS A 183 23.11 -11.19 15.59
C LYS A 183 21.62 -10.85 15.53
N ILE A 184 21.27 -10.06 14.52
CA ILE A 184 19.90 -9.57 14.32
C ILE A 184 19.18 -10.20 13.14
N GLY A 185 17.91 -10.56 13.32
CA GLY A 185 17.15 -11.10 12.22
C GLY A 185 16.47 -12.44 12.34
N ILE A 186 15.19 -12.46 12.03
CA ILE A 186 14.41 -13.70 12.06
C ILE A 186 13.49 -13.75 10.83
N GLY A 187 13.71 -14.74 9.97
CA GLY A 187 12.85 -14.88 8.80
C GLY A 187 13.21 -14.13 7.52
N GLY A 188 14.22 -13.27 7.57
CA GLY A 188 14.59 -12.51 6.40
C GLY A 188 15.43 -13.25 5.37
N GLY A 189 15.99 -14.39 5.76
CA GLY A 189 16.82 -15.15 4.85
C GLY A 189 16.14 -15.53 3.54
N SER A 190 16.90 -15.47 2.45
CA SER A 190 16.40 -15.80 1.12
C SER A 190 15.78 -17.19 1.03
N ILE A 191 16.34 -18.15 1.77
CA ILE A 191 15.82 -19.52 1.75
C ILE A 191 14.99 -19.88 2.97
N CYS A 192 14.65 -18.87 3.77
CA CYS A 192 13.89 -19.07 4.99
C CYS A 192 12.37 -18.91 4.82
N ILE A 193 11.60 -19.84 5.40
CA ILE A 193 10.14 -19.76 5.34
C ILE A 193 9.56 -19.85 6.75
N THR A 194 10.37 -19.48 7.74
CA THR A 194 9.94 -19.50 9.13
C THR A 194 8.72 -18.60 9.36
N ARG A 195 8.74 -17.40 8.78
CA ARG A 195 7.63 -16.46 8.95
C ARG A 195 6.32 -17.01 8.40
N GLU A 196 6.41 -17.90 7.42
CA GLU A 196 5.22 -18.49 6.82
C GLU A 196 4.80 -19.79 7.50
N GLN A 197 5.75 -20.42 8.19
CA GLN A 197 5.48 -21.67 8.89
C GLN A 197 5.04 -21.46 10.33
N LYS A 198 5.71 -20.54 11.02
CA LYS A 198 5.43 -20.28 12.44
C LYS A 198 4.83 -18.91 12.74
N GLY A 199 4.95 -17.97 11.81
CA GLY A 199 4.39 -16.66 12.03
C GLY A 199 5.21 -15.77 12.95
N ILE A 200 6.50 -16.06 13.08
CA ILE A 200 7.37 -15.23 13.93
C ILE A 200 8.39 -14.52 13.08
N GLY A 201 8.83 -13.36 13.53
CA GLY A 201 9.80 -12.60 12.77
C GLY A 201 9.52 -11.11 12.78
N ARG A 202 10.30 -10.37 11.99
CA ARG A 202 10.17 -8.93 11.90
C ARG A 202 10.95 -8.43 10.69
N GLY A 203 10.48 -7.36 10.06
CA GLY A 203 11.18 -6.81 8.91
C GLY A 203 12.62 -6.55 9.33
N GLN A 204 13.57 -6.98 8.51
CA GLN A 204 14.99 -6.83 8.85
C GLN A 204 15.44 -5.41 9.20
N ALA A 205 15.04 -4.42 8.41
CA ALA A 205 15.43 -3.04 8.69
C ALA A 205 14.92 -2.56 10.05
N THR A 206 13.64 -2.78 10.31
CA THR A 206 13.06 -2.36 11.58
C THR A 206 13.78 -3.05 12.74
N ALA A 207 14.14 -4.32 12.56
CA ALA A 207 14.83 -5.08 13.60
C ALA A 207 16.19 -4.45 13.90
N VAL A 208 16.95 -4.15 12.84
CA VAL A 208 18.27 -3.54 13.02
C VAL A 208 18.16 -2.19 13.72
N ILE A 209 17.26 -1.34 13.24
CA ILE A 209 17.06 -0.02 13.81
C ILE A 209 16.69 -0.08 15.30
N ASP A 210 15.78 -0.99 15.65
CA ASP A 210 15.35 -1.13 17.04
C ASP A 210 16.48 -1.66 17.94
N VAL A 211 17.16 -2.71 17.48
CA VAL A 211 18.26 -3.29 18.25
C VAL A 211 19.40 -2.30 18.44
N VAL A 212 19.74 -1.57 17.37
CA VAL A 212 20.81 -0.58 17.45
C VAL A 212 20.48 0.50 18.48
N ALA A 213 19.22 0.91 18.53
CA ALA A 213 18.81 1.93 19.49
C ALA A 213 19.09 1.42 20.90
N GLU A 214 18.73 0.17 21.17
CA GLU A 214 18.94 -0.42 22.49
C GLU A 214 20.45 -0.60 22.76
N ARG A 215 21.19 -0.98 21.73
CA ARG A 215 22.63 -1.18 21.86
C ARG A 215 23.31 0.12 22.28
N ASN A 216 22.87 1.24 21.71
CA ASN A 216 23.45 2.54 22.03
C ASN A 216 23.09 3.00 23.44
N LYS A 217 21.90 2.62 23.91
CA LYS A 217 21.50 2.98 25.27
C LYS A 217 22.34 2.14 26.22
N TYR A 218 22.52 0.87 25.87
CA TYR A 218 23.31 -0.05 26.69
C TYR A 218 24.75 0.46 26.83
N PHE A 219 25.29 0.97 25.73
CA PHE A 219 26.65 1.51 25.71
C PHE A 219 26.77 2.69 26.66
N GLU A 220 25.81 3.61 26.60
CA GLU A 220 25.83 4.78 27.46
C GLU A 220 25.69 4.40 28.92
N GLU A 221 24.94 3.33 29.18
CA GLU A 221 24.72 2.86 30.54
C GLU A 221 25.90 2.10 31.14
N THR A 222 26.50 1.22 30.35
CA THR A 222 27.60 0.38 30.81
C THR A 222 29.00 0.73 30.34
N GLY A 223 29.12 1.54 29.30
CA GLY A 223 30.44 1.87 28.78
C GLY A 223 30.95 0.72 27.93
N ILE A 224 30.09 -0.26 27.69
CA ILE A 224 30.44 -1.43 26.88
C ILE A 224 29.77 -1.37 25.51
N TYR A 225 30.57 -1.39 24.45
CA TYR A 225 30.03 -1.35 23.10
C TYR A 225 29.95 -2.78 22.55
N ILE A 226 28.74 -3.20 22.24
CA ILE A 226 28.52 -4.54 21.69
C ILE A 226 28.20 -4.46 20.20
N PRO A 227 29.10 -4.97 19.36
CA PRO A 227 28.84 -4.94 17.91
C PRO A 227 27.60 -5.78 17.58
N VAL A 228 26.81 -5.34 16.61
CA VAL A 228 25.65 -6.12 16.22
C VAL A 228 25.77 -6.45 14.74
N CYS A 229 25.21 -7.60 14.37
CA CYS A 229 25.27 -8.08 12.99
C CYS A 229 23.90 -8.21 12.35
N SER A 230 23.73 -7.60 11.17
CA SER A 230 22.47 -7.72 10.46
C SER A 230 22.59 -9.01 9.67
N ASP A 231 21.83 -10.03 10.07
CA ASP A 231 21.91 -11.33 9.44
C ASP A 231 20.72 -11.69 8.57
N GLY A 232 20.98 -11.80 7.26
CA GLY A 232 19.94 -12.18 6.31
C GLY A 232 19.19 -11.05 5.63
N GLY A 233 18.61 -11.37 4.47
CA GLY A 233 17.83 -10.39 3.74
C GLY A 233 18.55 -9.47 2.78
N ILE A 234 19.87 -9.53 2.72
CA ILE A 234 20.61 -8.68 1.79
C ILE A 234 20.41 -9.20 0.36
N VAL A 235 19.79 -8.37 -0.48
CA VAL A 235 19.53 -8.75 -1.86
C VAL A 235 20.38 -7.95 -2.83
N TYR A 236 20.45 -6.64 -2.62
CA TYR A 236 21.25 -5.79 -3.49
C TYR A 236 22.40 -5.17 -2.72
N ASP A 237 23.46 -4.79 -3.45
CA ASP A 237 24.62 -4.19 -2.82
C ASP A 237 24.25 -2.98 -1.96
N TYR A 238 23.29 -2.16 -2.40
CA TYR A 238 22.94 -0.98 -1.61
C TYR A 238 22.29 -1.35 -0.29
N HIS A 239 21.81 -2.59 -0.17
CA HIS A 239 21.20 -3.06 1.08
C HIS A 239 22.30 -3.12 2.14
N MET A 240 23.53 -3.41 1.70
CA MET A 240 24.67 -3.47 2.63
C MET A 240 24.87 -2.08 3.25
N THR A 241 24.87 -1.07 2.40
CA THR A 241 25.06 0.30 2.85
C THR A 241 23.94 0.72 3.83
N LEU A 242 22.71 0.32 3.53
CA LEU A 242 21.59 0.65 4.39
C LEU A 242 21.74 -0.01 5.77
N ALA A 243 22.08 -1.29 5.79
CA ALA A 243 22.25 -2.00 7.06
C ALA A 243 23.31 -1.33 7.91
N LEU A 244 24.44 -1.00 7.30
CA LEU A 244 25.53 -0.34 8.04
C LEU A 244 25.08 1.04 8.54
N ALA A 245 24.42 1.80 7.67
CA ALA A 245 23.95 3.13 8.03
C ALA A 245 22.97 3.07 9.21
N MET A 246 22.14 2.04 9.23
CA MET A 246 21.17 1.87 10.30
C MET A 246 21.80 1.50 11.63
N GLY A 247 23.10 1.19 11.63
CA GLY A 247 23.77 0.87 12.87
C GLY A 247 24.48 -0.47 12.97
N ALA A 248 24.25 -1.37 12.02
CA ALA A 248 24.90 -2.67 12.06
C ALA A 248 26.40 -2.48 11.87
N ASP A 249 27.21 -3.21 12.64
CA ASP A 249 28.66 -3.10 12.53
C ASP A 249 29.15 -3.98 11.38
N PHE A 250 28.53 -5.14 11.23
CA PHE A 250 28.86 -6.02 10.11
C PHE A 250 27.62 -6.75 9.63
N ILE A 251 27.74 -7.37 8.47
CA ILE A 251 26.61 -8.05 7.84
C ILE A 251 26.89 -9.53 7.56
N MET A 252 25.94 -10.39 7.88
CA MET A 252 26.12 -11.80 7.61
C MET A 252 25.26 -12.14 6.40
N LEU A 253 25.88 -12.80 5.43
CA LEU A 253 25.18 -13.15 4.20
C LEU A 253 25.34 -14.62 3.82
N GLY A 254 24.27 -15.19 3.28
CA GLY A 254 24.30 -16.57 2.84
C GLY A 254 24.26 -16.60 1.33
N ARG A 255 23.10 -16.21 0.77
CA ARG A 255 22.89 -16.20 -0.68
C ARG A 255 24.01 -15.49 -1.44
N TYR A 256 24.40 -14.32 -0.96
CA TYR A 256 25.43 -13.51 -1.60
C TYR A 256 26.69 -14.32 -1.87
N PHE A 257 27.12 -15.09 -0.87
CA PHE A 257 28.33 -15.90 -1.00
C PHE A 257 28.14 -17.26 -1.66
N ALA A 258 26.94 -17.82 -1.52
CA ALA A 258 26.65 -19.13 -2.10
C ALA A 258 26.82 -19.13 -3.61
N ARG A 259 26.68 -17.94 -4.21
CA ARG A 259 26.79 -17.79 -5.67
C ARG A 259 28.24 -17.86 -6.18
N PHE A 260 29.21 -17.75 -5.28
CA PHE A 260 30.61 -17.75 -5.69
C PHE A 260 31.28 -19.10 -5.86
N GLU A 261 32.34 -19.08 -6.68
CA GLU A 261 33.14 -20.26 -6.98
C GLU A 261 33.59 -20.95 -5.70
N GLU A 262 33.92 -20.14 -4.69
CA GLU A 262 34.41 -20.68 -3.43
C GLU A 262 33.39 -21.38 -2.51
N SER A 263 32.10 -21.22 -2.78
CA SER A 263 31.11 -21.89 -1.94
C SER A 263 31.27 -23.39 -2.15
N PRO A 264 31.09 -24.19 -1.09
CA PRO A 264 31.24 -25.64 -1.16
C PRO A 264 30.22 -26.45 -1.95
N THR A 265 29.29 -25.78 -2.63
CA THR A 265 28.28 -26.50 -3.38
C THR A 265 28.62 -26.71 -4.85
N ARG A 266 27.84 -27.55 -5.51
CA ARG A 266 28.05 -27.86 -6.92
C ARG A 266 27.41 -26.85 -7.84
N LYS A 267 28.03 -26.66 -9.01
CA LYS A 267 27.50 -25.74 -10.01
C LYS A 267 26.62 -26.62 -10.88
N VAL A 268 25.41 -26.14 -11.16
CA VAL A 268 24.47 -26.89 -11.97
C VAL A 268 23.81 -25.98 -13.00
N THR A 269 23.57 -26.50 -14.18
CA THR A 269 22.95 -25.72 -15.24
C THR A 269 21.44 -25.95 -15.23
N ILE A 270 20.69 -24.85 -15.08
CA ILE A 270 19.23 -24.91 -15.07
C ILE A 270 18.72 -23.96 -16.14
N ASN A 271 18.24 -24.53 -17.25
CA ASN A 271 17.70 -23.75 -18.35
C ASN A 271 18.75 -22.83 -18.99
N GLY A 272 19.89 -23.40 -19.34
CA GLY A 272 20.94 -22.62 -19.97
C GLY A 272 21.67 -21.64 -19.07
N SER A 273 21.32 -21.64 -17.78
CA SER A 273 21.97 -20.74 -16.83
C SER A 273 22.77 -21.52 -15.81
N VAL A 274 24.02 -21.13 -15.60
CA VAL A 274 24.86 -21.79 -14.62
C VAL A 274 24.45 -21.33 -13.22
N MET A 275 24.08 -22.29 -12.38
CA MET A 275 23.63 -21.98 -11.02
C MET A 275 24.47 -22.72 -10.01
N LYS A 276 24.24 -22.41 -8.73
CA LYS A 276 24.93 -23.06 -7.63
C LYS A 276 23.85 -23.50 -6.64
N GLU A 277 24.08 -24.62 -5.97
CA GLU A 277 23.12 -25.12 -4.99
C GLU A 277 23.19 -24.26 -3.74
N TYR A 278 22.04 -24.02 -3.12
CA TYR A 278 21.97 -23.23 -1.90
C TYR A 278 20.73 -23.67 -1.14
N TRP A 279 20.92 -24.16 0.09
CA TRP A 279 19.79 -24.62 0.89
C TRP A 279 19.82 -24.10 2.33
N GLY A 280 18.65 -23.98 2.93
CA GLY A 280 18.57 -23.49 4.30
C GLY A 280 18.93 -24.56 5.32
N GLU A 281 19.38 -24.13 6.48
CA GLU A 281 19.75 -25.04 7.54
C GLU A 281 18.50 -25.72 8.09
N GLY A 282 17.35 -25.10 7.81
CA GLY A 282 16.08 -25.64 8.27
C GLY A 282 15.38 -26.51 7.25
N SER A 283 16.08 -26.84 6.15
CA SER A 283 15.50 -27.68 5.11
C SER A 283 15.82 -29.14 5.48
N SER A 284 15.06 -30.07 4.93
CA SER A 284 15.28 -31.49 5.20
C SER A 284 16.68 -31.91 4.73
N ARG A 285 17.23 -31.19 3.77
CA ARG A 285 18.55 -31.50 3.24
C ARG A 285 19.65 -31.27 4.28
N ALA A 286 19.57 -30.16 5.01
CA ALA A 286 20.56 -29.84 6.02
C ALA A 286 20.28 -30.53 7.34
N ARG A 287 19.01 -30.57 7.74
CA ARG A 287 18.62 -31.22 8.99
C ARG A 287 19.31 -30.63 10.22
N ASN A 288 19.52 -29.31 10.21
CA ASN A 288 20.15 -28.65 11.35
C ASN A 288 19.07 -28.38 12.39
N TRP A 289 18.64 -29.43 13.09
CA TRP A 289 17.59 -29.30 14.09
C TRP A 289 18.01 -28.47 15.31
N GLN A 290 19.30 -28.45 15.62
CA GLN A 290 19.79 -27.68 16.76
C GLN A 290 19.47 -26.20 16.62
N ARG A 291 19.49 -25.70 15.39
CA ARG A 291 19.20 -24.29 15.11
C ARG A 291 17.77 -23.89 15.50
N TYR A 292 16.86 -24.87 15.52
CA TYR A 292 15.47 -24.60 15.85
C TYR A 292 15.04 -25.31 17.13
N ASP A 293 16.03 -25.81 17.86
CA ASP A 293 15.79 -26.55 19.10
C ASP A 293 15.07 -25.78 20.19
N LEU A 294 14.02 -26.38 20.72
CA LEU A 294 13.24 -25.78 21.80
C LEU A 294 13.17 -26.78 22.96
N GLY A 295 14.23 -27.56 23.11
CA GLY A 295 14.29 -28.55 24.18
C GLY A 295 13.53 -29.83 23.88
N GLY A 296 13.12 -29.99 22.62
CA GLY A 296 12.37 -31.18 22.24
C GLY A 296 13.24 -32.31 21.70
N LYS A 297 12.66 -33.11 20.81
CA LYS A 297 13.37 -34.24 20.22
C LYS A 297 14.50 -33.78 19.29
N GLN A 298 15.57 -34.56 19.24
CA GLN A 298 16.72 -34.24 18.41
C GLN A 298 16.46 -34.46 16.93
N LYS A 299 15.44 -33.78 16.41
CA LYS A 299 15.07 -33.91 15.00
C LYS A 299 14.28 -32.66 14.59
N LEU A 300 14.20 -32.44 13.29
CA LEU A 300 13.48 -31.29 12.74
C LEU A 300 11.98 -31.60 12.76
N SER A 301 11.22 -30.86 13.56
CA SER A 301 9.77 -31.07 13.66
C SER A 301 9.07 -30.84 12.32
N PHE A 302 9.58 -29.86 11.58
CA PHE A 302 9.04 -29.51 10.26
C PHE A 302 10.03 -28.58 9.61
N GLU A 303 9.97 -28.45 8.29
CA GLU A 303 10.90 -27.59 7.56
C GLU A 303 10.65 -26.10 7.75
N GLU A 304 11.73 -25.34 7.85
CA GLU A 304 11.66 -23.89 8.00
C GLU A 304 12.56 -23.24 6.96
N GLY A 305 13.09 -24.06 6.05
CA GLY A 305 13.95 -23.57 4.99
C GLY A 305 13.77 -24.43 3.75
N VAL A 306 14.22 -23.93 2.60
CA VAL A 306 14.08 -24.65 1.34
C VAL A 306 15.41 -24.97 0.67
N ASP A 307 15.35 -25.87 -0.31
CA ASP A 307 16.51 -26.27 -1.10
C ASP A 307 16.35 -25.49 -2.39
N SER A 308 17.40 -24.83 -2.86
CA SER A 308 17.27 -24.02 -4.06
C SER A 308 18.53 -23.85 -4.91
N TYR A 309 18.41 -22.99 -5.92
CA TYR A 309 19.50 -22.66 -6.82
C TYR A 309 19.63 -21.14 -6.88
N VAL A 310 20.86 -20.66 -6.95
CA VAL A 310 21.13 -19.23 -7.07
C VAL A 310 22.06 -19.06 -8.25
N PRO A 311 22.01 -17.91 -8.93
CA PRO A 311 22.88 -17.69 -10.08
C PRO A 311 24.37 -17.68 -9.74
N TYR A 312 25.17 -18.32 -10.58
CA TYR A 312 26.61 -18.37 -10.39
C TYR A 312 27.15 -16.98 -10.69
N ALA A 313 27.91 -16.41 -9.77
CA ALA A 313 28.43 -15.06 -9.96
C ALA A 313 29.94 -14.96 -10.14
N GLY A 314 30.65 -16.08 -10.07
CA GLY A 314 32.08 -16.03 -10.26
C GLY A 314 32.91 -16.08 -8.99
N LYS A 315 34.07 -15.44 -9.01
CA LYS A 315 34.96 -15.44 -7.85
C LYS A 315 34.56 -14.41 -6.79
N LEU A 316 34.74 -14.78 -5.52
CA LEU A 316 34.40 -13.91 -4.40
C LEU A 316 35.13 -12.57 -4.49
N LYS A 317 36.44 -12.62 -4.69
CA LYS A 317 37.25 -11.41 -4.77
C LYS A 317 36.69 -10.34 -5.70
N ASP A 318 36.38 -10.72 -6.94
CA ASP A 318 35.85 -9.77 -7.91
C ASP A 318 34.49 -9.21 -7.53
N ASN A 319 33.62 -10.07 -7.01
CA ASN A 319 32.29 -9.64 -6.60
C ASN A 319 32.31 -8.74 -5.38
N VAL A 320 33.08 -9.13 -4.37
CA VAL A 320 33.19 -8.34 -3.16
C VAL A 320 33.75 -6.96 -3.50
N GLU A 321 34.73 -6.92 -4.39
CA GLU A 321 35.34 -5.66 -4.80
C GLU A 321 34.28 -4.76 -5.43
N ALA A 322 33.49 -5.32 -6.35
CA ALA A 322 32.45 -4.56 -7.03
C ALA A 322 31.39 -4.04 -6.05
N SER A 323 30.97 -4.90 -5.12
CA SER A 323 29.96 -4.54 -4.13
C SER A 323 30.43 -3.38 -3.25
N LEU A 324 31.62 -3.53 -2.67
CA LEU A 324 32.17 -2.53 -1.78
C LEU A 324 32.51 -1.21 -2.49
N ASN A 325 32.76 -1.25 -3.79
CA ASN A 325 33.04 -0.01 -4.51
C ASN A 325 31.75 0.82 -4.50
N LYS A 326 30.61 0.15 -4.57
CA LYS A 326 29.33 0.85 -4.55
C LYS A 326 29.09 1.39 -3.14
N VAL A 327 29.41 0.58 -2.14
CA VAL A 327 29.23 0.98 -0.76
C VAL A 327 30.08 2.22 -0.46
N LYS A 328 31.36 2.16 -0.82
CA LYS A 328 32.27 3.28 -0.58
C LYS A 328 31.81 4.54 -1.31
N SER A 329 31.34 4.39 -2.54
CA SER A 329 30.87 5.53 -3.31
C SER A 329 29.69 6.21 -2.64
N THR A 330 28.73 5.41 -2.17
CA THR A 330 27.56 5.94 -1.49
C THR A 330 27.97 6.62 -0.20
N MET A 331 28.89 5.99 0.54
CA MET A 331 29.35 6.58 1.80
C MET A 331 29.89 7.98 1.52
N CYS A 332 30.58 8.15 0.40
CA CYS A 332 31.12 9.45 0.03
C CYS A 332 30.01 10.44 -0.29
N ASN A 333 28.93 9.98 -0.92
CA ASN A 333 27.79 10.86 -1.22
C ASN A 333 27.24 11.36 0.12
N CYS A 334 27.30 10.49 1.14
CA CYS A 334 26.78 10.82 2.46
C CYS A 334 27.79 11.55 3.34
N GLY A 335 28.98 11.79 2.81
CA GLY A 335 30.01 12.49 3.54
C GLY A 335 30.73 11.69 4.62
N ALA A 336 30.76 10.37 4.45
CA ALA A 336 31.40 9.51 5.45
C ALA A 336 32.62 8.74 4.92
N LEU A 337 33.70 8.74 5.71
CA LEU A 337 34.91 8.03 5.33
C LEU A 337 35.14 6.78 6.20
N THR A 338 34.24 6.56 7.15
CA THR A 338 34.31 5.38 8.02
C THR A 338 32.87 4.93 8.31
N ILE A 339 32.73 3.70 8.78
CA ILE A 339 31.41 3.19 9.08
C ILE A 339 30.77 3.98 10.24
N PRO A 340 31.53 4.27 11.31
CA PRO A 340 30.92 5.04 12.40
C PRO A 340 30.43 6.40 11.91
N GLN A 341 31.18 6.99 10.98
CA GLN A 341 30.78 8.30 10.41
C GLN A 341 29.46 8.16 9.67
N LEU A 342 29.33 7.10 8.87
CA LEU A 342 28.12 6.84 8.11
C LEU A 342 26.93 6.69 9.06
N GLN A 343 27.13 5.92 10.12
CA GLN A 343 26.07 5.67 11.09
C GLN A 343 25.63 6.94 11.79
N SER A 344 26.53 7.90 11.87
CA SER A 344 26.22 9.16 12.51
C SER A 344 25.58 10.16 11.56
N LYS A 345 26.12 10.25 10.34
CA LYS A 345 25.64 11.21 9.34
C LYS A 345 24.47 10.79 8.45
N ALA A 346 24.20 9.49 8.36
CA ALA A 346 23.14 8.99 7.49
C ALA A 346 21.77 9.62 7.71
N LYS A 347 21.10 9.92 6.60
CA LYS A 347 19.74 10.47 6.59
C LYS A 347 18.99 9.39 5.84
N ILE A 348 18.08 8.71 6.54
CA ILE A 348 17.36 7.58 5.97
C ILE A 348 15.84 7.76 5.92
N THR A 349 15.27 7.62 4.72
CA THR A 349 13.84 7.79 4.53
C THR A 349 13.15 6.55 3.98
N LEU A 350 11.88 6.38 4.34
CA LEU A 350 11.08 5.29 3.82
C LEU A 350 10.62 5.81 2.46
N VAL A 351 10.28 4.89 1.56
CA VAL A 351 9.88 5.24 0.19
C VAL A 351 8.54 4.61 -0.20
N SER A 352 7.64 5.42 -0.76
CA SER A 352 6.33 4.92 -1.17
C SER A 352 6.52 3.97 -2.35
N SER A 353 5.55 3.08 -2.57
CA SER A 353 5.64 2.13 -3.67
C SER A 353 5.73 2.85 -5.02
N VAL A 354 5.03 3.97 -5.15
CA VAL A 354 5.07 4.72 -6.40
C VAL A 354 6.45 5.35 -6.59
N SER A 355 7.06 5.76 -5.49
CA SER A 355 8.41 6.34 -5.55
C SER A 355 9.39 5.25 -5.97
N ILE A 356 9.12 4.01 -5.55
CA ILE A 356 9.97 2.89 -5.92
C ILE A 356 9.96 2.72 -7.43
N VAL A 357 8.78 2.78 -8.03
CA VAL A 357 8.64 2.65 -9.47
C VAL A 357 9.47 3.74 -10.17
N GLU A 358 9.41 4.95 -9.63
CA GLU A 358 10.14 6.08 -10.19
C GLU A 358 11.66 5.88 -10.06
N GLY A 359 12.08 5.10 -9.07
CA GLY A 359 13.49 4.85 -8.84
C GLY A 359 14.18 4.00 -9.89
N GLY A 360 13.42 3.14 -10.56
CA GLY A 360 14.02 2.31 -11.59
C GLY A 360 13.82 2.97 -12.93
N ALA A 361 14.28 2.32 -14.00
CA ALA A 361 14.09 2.88 -15.32
C ALA A 361 12.56 2.84 -15.52
N HIS A 362 12.01 3.85 -16.19
CA HIS A 362 10.58 3.85 -16.41
C HIS A 362 10.16 4.62 -17.64
N ASP A 363 9.12 4.12 -18.29
CA ASP A 363 8.57 4.74 -19.49
C ASP A 363 9.55 4.77 -20.65
N VAL A 364 10.43 3.78 -20.69
CA VAL A 364 11.40 3.65 -21.78
C VAL A 364 11.61 2.16 -22.00
N ILE A 365 12.04 1.80 -23.21
CA ILE A 365 12.31 0.40 -23.51
C ILE A 365 13.81 0.28 -23.39
N VAL A 366 14.26 -0.45 -22.38
CA VAL A 366 15.69 -0.64 -22.13
C VAL A 366 16.33 -1.51 -23.21
N LYS A 367 17.33 -0.94 -23.89
CA LYS A 367 18.05 -1.64 -24.94
C LYS A 367 19.13 -2.54 -24.35
N ALA B 1 -22.66 9.56 10.47
CA ALA B 1 -22.00 8.22 10.50
C ALA B 1 -20.78 8.27 11.42
N LYS B 2 -20.30 7.09 11.81
CA LYS B 2 -19.13 6.97 12.66
C LYS B 2 -17.97 6.39 11.86
N TYR B 3 -16.78 6.95 12.07
CA TYR B 3 -15.58 6.50 11.36
C TYR B 3 -14.52 6.03 12.36
N TYR B 4 -13.44 5.45 11.85
CA TYR B 4 -12.38 4.93 12.71
C TYR B 4 -11.02 5.54 12.39
N ASN B 5 -10.12 5.53 13.37
CA ASN B 5 -8.79 6.11 13.20
C ASN B 5 -7.85 5.29 12.33
N GLU B 6 -8.09 3.98 12.30
CA GLU B 6 -7.24 3.10 11.51
C GLU B 6 -8.05 2.14 10.66
N PRO B 7 -7.48 1.67 9.54
CA PRO B 7 -8.19 0.73 8.67
C PRO B 7 -8.07 -0.64 9.34
N CYS B 8 -8.95 -1.58 8.98
CA CYS B 8 -8.89 -2.92 9.56
C CYS B 8 -7.83 -3.75 8.86
N HIS B 9 -7.30 -4.74 9.57
CA HIS B 9 -6.26 -5.60 9.02
C HIS B 9 -6.61 -7.06 9.30
N THR B 10 -5.89 -7.98 8.67
CA THR B 10 -6.14 -9.37 8.93
C THR B 10 -4.85 -10.19 9.04
N PHE B 11 -5.00 -11.47 9.37
CA PHE B 11 -3.88 -12.38 9.60
C PHE B 11 -2.57 -12.27 8.82
N ASN B 12 -2.63 -12.27 7.49
CA ASN B 12 -1.41 -12.19 6.68
C ASN B 12 -0.54 -10.96 6.97
N GLU B 13 -1.10 -9.96 7.64
CA GLU B 13 -0.35 -8.73 7.93
C GLU B 13 0.38 -8.75 9.27
N TYR B 14 0.30 -9.85 10.01
CA TYR B 14 0.94 -9.91 11.32
C TYR B 14 2.01 -10.97 11.51
N LEU B 15 2.87 -10.71 12.49
CA LEU B 15 3.93 -11.61 12.90
C LEU B 15 4.10 -11.49 14.41
N LEU B 16 4.56 -12.57 15.03
CA LEU B 16 4.81 -12.59 16.46
C LEU B 16 6.29 -12.35 16.68
N ILE B 17 6.63 -11.50 17.65
CA ILE B 17 8.02 -11.22 17.98
C ILE B 17 8.31 -12.06 19.22
N PRO B 18 9.21 -13.04 19.09
CA PRO B 18 9.57 -13.92 20.21
C PRO B 18 9.97 -13.23 21.51
N GLY B 19 9.57 -13.82 22.62
CA GLY B 19 9.93 -13.30 23.93
C GLY B 19 10.94 -14.28 24.50
N LEU B 20 11.16 -14.26 25.80
CA LEU B 20 12.12 -15.18 26.41
C LEU B 20 11.60 -16.62 26.50
N SER B 21 12.40 -17.56 26.03
CA SER B 21 12.05 -18.97 26.10
C SER B 21 12.87 -19.57 27.23
N THR B 22 12.21 -20.11 28.25
CA THR B 22 12.92 -20.71 29.37
C THR B 22 13.18 -22.18 29.02
N VAL B 23 14.00 -22.85 29.82
CA VAL B 23 14.30 -24.25 29.56
C VAL B 23 13.07 -25.15 29.60
N ASP B 24 12.02 -24.69 30.27
CA ASP B 24 10.79 -25.49 30.36
C ASP B 24 9.84 -25.24 29.19
N CYS B 25 10.22 -24.32 28.30
CA CYS B 25 9.41 -24.02 27.13
C CYS B 25 9.67 -25.04 26.02
N ILE B 26 9.21 -26.26 26.26
CA ILE B 26 9.37 -27.38 25.33
C ILE B 26 8.00 -27.66 24.74
N PRO B 27 7.92 -27.87 23.41
CA PRO B 27 6.63 -28.15 22.76
C PRO B 27 5.80 -29.24 23.44
N SER B 28 6.47 -30.27 23.96
CA SER B 28 5.77 -31.38 24.61
C SER B 28 5.09 -30.96 25.91
N ASN B 29 5.54 -29.85 26.50
CA ASN B 29 4.95 -29.36 27.74
C ASN B 29 3.79 -28.37 27.51
N VAL B 30 3.52 -28.04 26.25
CA VAL B 30 2.45 -27.10 25.95
C VAL B 30 1.04 -27.69 26.13
N ASN B 31 0.21 -26.99 26.89
CA ASN B 31 -1.16 -27.41 27.14
C ASN B 31 -2.09 -26.54 26.27
N LEU B 32 -2.77 -27.18 25.33
CA LEU B 32 -3.66 -26.47 24.41
C LEU B 32 -5.13 -26.44 24.85
N SER B 33 -5.40 -26.77 26.10
CA SER B 33 -6.77 -26.76 26.61
C SER B 33 -7.36 -25.36 26.56
N THR B 34 -8.67 -25.28 26.37
CA THR B 34 -9.32 -23.98 26.29
C THR B 34 -10.80 -24.08 26.65
N PRO B 35 -11.35 -23.04 27.32
CA PRO B 35 -12.75 -23.04 27.72
C PRO B 35 -13.70 -22.81 26.54
N LEU B 36 -14.81 -23.52 26.52
CA LEU B 36 -15.79 -23.37 25.45
C LEU B 36 -16.96 -22.48 25.85
N VAL B 37 -17.35 -22.54 27.13
CA VAL B 37 -18.50 -21.75 27.59
C VAL B 37 -18.17 -20.85 28.78
N LYS B 38 -18.92 -19.76 28.92
CA LYS B 38 -18.69 -18.79 29.99
C LYS B 38 -18.69 -19.36 31.40
N PHE B 39 -17.89 -18.74 32.25
CA PHE B 39 -17.77 -19.14 33.64
C PHE B 39 -17.43 -17.95 34.52
N GLN B 40 -17.52 -18.15 35.84
CA GLN B 40 -17.23 -17.10 36.82
C GLN B 40 -15.76 -17.03 37.17
N LYS B 41 -15.29 -15.82 37.47
CA LYS B 41 -13.89 -15.59 37.82
C LYS B 41 -13.45 -16.59 38.88
N GLY B 42 -12.23 -17.09 38.74
CA GLY B 42 -11.70 -18.03 39.70
C GLY B 42 -12.10 -19.47 39.43
N GLN B 43 -13.11 -19.67 38.59
CA GLN B 43 -13.56 -21.02 38.29
C GLN B 43 -13.16 -21.53 36.92
N GLN B 44 -13.58 -22.76 36.62
CA GLN B 44 -13.30 -23.41 35.33
C GLN B 44 -14.58 -23.53 34.53
N SER B 45 -14.46 -23.52 33.21
CA SER B 45 -15.61 -23.66 32.33
C SER B 45 -16.16 -25.06 32.49
N GLU B 46 -17.46 -25.23 32.29
CA GLU B 46 -18.08 -26.53 32.40
C GLU B 46 -17.68 -27.43 31.22
N ILE B 47 -17.19 -26.79 30.15
CA ILE B 47 -16.75 -27.53 28.97
C ILE B 47 -15.40 -26.98 28.51
N ASN B 48 -14.38 -27.82 28.53
CA ASN B 48 -13.05 -27.43 28.09
C ASN B 48 -12.59 -28.38 26.99
N LEU B 49 -12.11 -27.82 25.89
CA LEU B 49 -11.62 -28.64 24.78
C LEU B 49 -10.16 -28.94 25.09
N LYS B 50 -9.61 -29.96 24.45
CA LYS B 50 -8.20 -30.30 24.66
C LYS B 50 -7.36 -29.56 23.62
N ILE B 51 -7.99 -29.17 22.52
CA ILE B 51 -7.33 -28.39 21.45
C ILE B 51 -8.34 -27.31 21.08
N PRO B 52 -7.86 -26.10 20.73
CA PRO B 52 -8.74 -24.99 20.36
C PRO B 52 -9.30 -24.93 18.94
N LEU B 53 -9.62 -26.08 18.37
CA LEU B 53 -10.17 -26.12 17.01
C LEU B 53 -11.59 -26.69 16.98
N VAL B 54 -12.48 -25.99 16.27
CA VAL B 54 -13.87 -26.46 16.12
C VAL B 54 -14.24 -26.34 14.64
N SER B 55 -15.01 -27.30 14.13
CA SER B 55 -15.41 -27.28 12.73
C SER B 55 -16.67 -26.46 12.50
N ALA B 56 -16.70 -25.77 11.36
CA ALA B 56 -17.79 -24.91 10.96
C ALA B 56 -19.16 -25.58 10.86
N ILE B 57 -20.20 -24.77 11.09
CA ILE B 57 -21.58 -25.23 11.03
C ILE B 57 -21.98 -25.22 9.56
N MET B 58 -21.43 -26.18 8.81
CA MET B 58 -21.66 -26.25 7.37
C MET B 58 -21.96 -27.65 6.84
N GLN B 59 -22.83 -27.72 5.84
CA GLN B 59 -23.20 -28.98 5.20
C GLN B 59 -21.98 -29.71 4.66
N SER B 60 -21.04 -28.96 4.09
CA SER B 60 -19.84 -29.55 3.51
C SER B 60 -18.70 -29.75 4.51
N VAL B 61 -18.98 -29.61 5.80
CA VAL B 61 -17.93 -29.79 6.78
C VAL B 61 -18.26 -30.68 7.99
N SER B 62 -19.21 -30.25 8.81
CA SER B 62 -19.54 -30.98 10.03
C SER B 62 -20.62 -32.05 9.97
N GLY B 63 -20.24 -33.23 9.50
CA GLY B 63 -21.16 -34.36 9.44
C GLY B 63 -20.78 -35.30 10.57
N GLU B 64 -21.36 -36.49 10.61
CA GLU B 64 -21.06 -37.43 11.69
C GLU B 64 -19.59 -37.85 11.76
N LYS B 65 -19.00 -38.21 10.62
CA LYS B 65 -17.60 -38.63 10.60
C LYS B 65 -16.65 -37.54 11.09
N MET B 66 -16.93 -36.30 10.71
CA MET B 66 -16.09 -35.17 11.12
C MET B 66 -16.19 -34.99 12.64
N ALA B 67 -17.41 -35.00 13.16
CA ALA B 67 -17.65 -34.81 14.59
C ALA B 67 -16.90 -35.83 15.45
N ILE B 68 -16.92 -37.10 15.02
CA ILE B 68 -16.25 -38.15 15.75
C ILE B 68 -14.74 -37.98 15.68
N ALA B 69 -14.22 -37.78 14.47
CA ALA B 69 -12.78 -37.61 14.27
C ALA B 69 -12.21 -36.41 15.03
N LEU B 70 -12.91 -35.28 14.99
CA LEU B 70 -12.42 -34.09 15.68
C LEU B 70 -12.53 -34.24 17.20
N ALA B 71 -13.63 -34.83 17.66
CA ALA B 71 -13.83 -35.03 19.09
C ALA B 71 -12.70 -35.91 19.61
N ARG B 72 -12.32 -36.93 18.83
CA ARG B 72 -11.25 -37.84 19.22
C ARG B 72 -9.93 -37.11 19.43
N GLU B 73 -9.69 -36.06 18.64
CA GLU B 73 -8.46 -35.31 18.74
C GLU B 73 -8.51 -34.19 19.78
N GLY B 74 -9.66 -34.04 20.44
CA GLY B 74 -9.76 -33.01 21.47
C GLY B 74 -10.59 -31.78 21.16
N GLY B 75 -11.12 -31.68 19.94
CA GLY B 75 -11.93 -30.52 19.59
C GLY B 75 -13.41 -30.85 19.60
N ILE B 76 -14.19 -30.11 18.84
CA ILE B 76 -15.63 -30.37 18.77
C ILE B 76 -16.19 -29.82 17.47
N SER B 77 -17.18 -30.52 16.92
CA SER B 77 -17.83 -30.12 15.69
C SER B 77 -19.24 -29.66 15.99
N PHE B 78 -19.72 -28.70 15.19
CA PHE B 78 -21.08 -28.22 15.34
C PHE B 78 -21.86 -28.73 14.14
N ILE B 79 -22.57 -29.84 14.33
CA ILE B 79 -23.37 -30.43 13.26
C ILE B 79 -24.20 -29.36 12.59
N PHE B 80 -24.12 -29.28 11.26
CA PHE B 80 -24.84 -28.25 10.52
C PHE B 80 -26.34 -28.29 10.74
N GLY B 81 -26.93 -27.10 10.80
CA GLY B 81 -28.36 -26.98 11.04
C GLY B 81 -29.17 -26.73 9.79
N SER B 82 -28.49 -26.59 8.65
CA SER B 82 -29.18 -26.38 7.38
C SER B 82 -29.66 -27.72 6.84
N GLN B 83 -30.55 -28.35 7.60
CA GLN B 83 -31.14 -29.64 7.26
C GLN B 83 -32.33 -29.79 8.20
N SER B 84 -33.17 -30.80 7.98
CA SER B 84 -34.34 -31.00 8.84
C SER B 84 -33.91 -31.23 10.28
N ILE B 85 -34.79 -30.86 11.21
CA ILE B 85 -34.52 -31.04 12.63
C ILE B 85 -34.28 -32.53 12.91
N GLU B 86 -35.13 -33.37 12.33
CA GLU B 86 -35.02 -34.81 12.51
C GLU B 86 -33.67 -35.37 12.09
N SER B 87 -33.21 -34.99 10.90
CA SER B 87 -31.93 -35.50 10.43
C SER B 87 -30.74 -34.96 11.23
N GLN B 88 -30.83 -33.71 11.68
CA GLN B 88 -29.74 -33.15 12.47
C GLN B 88 -29.69 -33.85 13.83
N ALA B 89 -30.86 -34.04 14.44
CA ALA B 89 -30.93 -34.71 15.73
C ALA B 89 -30.35 -36.12 15.63
N ALA B 90 -30.63 -36.78 14.50
CA ALA B 90 -30.14 -38.14 14.27
C ALA B 90 -28.62 -38.15 14.20
N MET B 91 -28.03 -37.14 13.58
CA MET B 91 -26.57 -37.07 13.48
C MET B 91 -25.96 -36.88 14.86
N VAL B 92 -26.54 -35.97 15.64
CA VAL B 92 -26.05 -35.69 16.99
C VAL B 92 -26.14 -36.96 17.83
N HIS B 93 -27.28 -37.64 17.74
CA HIS B 93 -27.50 -38.88 18.48
C HIS B 93 -26.46 -39.95 18.12
N ALA B 94 -26.16 -40.09 16.83
CA ALA B 94 -25.19 -41.07 16.39
C ALA B 94 -23.81 -40.80 16.95
N VAL B 95 -23.44 -39.53 17.00
CA VAL B 95 -22.14 -39.15 17.54
C VAL B 95 -22.06 -39.41 19.04
N LYS B 96 -23.11 -39.00 19.74
CA LYS B 96 -23.16 -39.18 21.20
C LYS B 96 -23.19 -40.63 21.63
N ASN B 97 -23.76 -41.50 20.79
CA ASN B 97 -23.83 -42.91 21.15
C ASN B 97 -22.91 -43.80 20.33
N PHE B 98 -21.87 -43.20 19.75
CA PHE B 98 -20.92 -43.96 18.95
C PHE B 98 -20.18 -44.95 19.84
N ARG B 104 -17.56 -40.93 25.98
CA ARG B 104 -18.59 -40.23 25.21
C ARG B 104 -18.01 -38.98 24.56
N TYR B 105 -18.08 -38.93 23.23
CA TYR B 105 -17.55 -37.80 22.48
C TYR B 105 -18.46 -36.58 22.59
N LEU B 106 -17.84 -35.40 22.67
CA LEU B 106 -18.57 -34.15 22.75
C LEU B 106 -19.02 -33.78 21.35
N VAL B 107 -20.16 -33.10 21.25
CA VAL B 107 -20.65 -32.68 19.95
C VAL B 107 -21.57 -31.48 20.09
N GLY B 108 -21.45 -30.56 19.14
CA GLY B 108 -22.29 -29.38 19.16
C GLY B 108 -23.26 -29.42 18.01
N ALA B 109 -24.17 -28.46 17.95
CA ALA B 109 -25.15 -28.41 16.88
C ALA B 109 -25.58 -26.97 16.63
N GLY B 110 -25.70 -26.61 15.36
CA GLY B 110 -26.11 -25.26 15.01
C GLY B 110 -27.62 -25.13 15.00
N ILE B 111 -28.10 -23.94 15.36
CA ILE B 111 -29.53 -23.68 15.36
C ILE B 111 -29.74 -22.34 14.68
N ASN B 112 -30.99 -22.03 14.36
CA ASN B 112 -31.28 -20.75 13.71
C ASN B 112 -32.27 -19.96 14.57
N THR B 113 -32.50 -18.71 14.20
CA THR B 113 -33.40 -17.84 14.96
C THR B 113 -34.88 -17.99 14.61
N ARG B 114 -35.22 -19.02 13.83
CA ARG B 114 -36.64 -19.23 13.47
C ARG B 114 -37.35 -20.40 14.06
N ASP B 115 -36.82 -21.59 13.84
CA ASP B 115 -37.47 -22.80 14.35
C ASP B 115 -36.88 -23.36 15.64
N PHE B 116 -36.23 -22.50 16.42
CA PHE B 116 -35.59 -22.93 17.67
C PHE B 116 -36.52 -23.58 18.69
N ARG B 117 -37.80 -23.19 18.69
CA ARG B 117 -38.74 -23.78 19.65
C ARG B 117 -38.91 -25.28 19.44
N GLU B 118 -38.69 -25.72 18.19
CA GLU B 118 -38.80 -27.13 17.86
C GLU B 118 -37.42 -27.79 17.75
N ARG B 119 -36.47 -27.08 17.15
CA ARG B 119 -35.13 -27.63 16.97
C ARG B 119 -34.34 -27.83 18.26
N VAL B 120 -34.40 -26.86 19.17
CA VAL B 120 -33.66 -26.97 20.42
C VAL B 120 -34.04 -28.19 21.25
N PRO B 121 -35.34 -28.40 21.52
CA PRO B 121 -35.72 -29.58 22.32
C PRO B 121 -35.23 -30.87 21.69
N ALA B 122 -35.34 -30.97 20.36
CA ALA B 122 -34.91 -32.15 19.63
C ALA B 122 -33.40 -32.38 19.78
N LEU B 123 -32.62 -31.30 19.72
CA LEU B 123 -31.17 -31.41 19.85
C LEU B 123 -30.74 -31.74 21.27
N VAL B 124 -31.41 -31.15 22.25
CA VAL B 124 -31.08 -31.42 23.65
C VAL B 124 -31.38 -32.89 23.90
N GLU B 125 -32.54 -33.34 23.40
CA GLU B 125 -32.97 -34.72 23.56
C GLU B 125 -31.95 -35.67 22.92
N ALA B 126 -31.41 -35.28 21.77
CA ALA B 126 -30.43 -36.11 21.07
C ALA B 126 -29.10 -36.18 21.82
N GLY B 127 -28.88 -35.26 22.75
CA GLY B 127 -27.64 -35.29 23.52
C GLY B 127 -26.58 -34.27 23.16
N ALA B 128 -26.96 -33.23 22.42
CA ALA B 128 -25.98 -32.20 22.05
C ALA B 128 -25.42 -31.56 23.32
N ASP B 129 -24.10 -31.37 23.36
CA ASP B 129 -23.47 -30.77 24.54
C ASP B 129 -23.53 -29.25 24.53
N VAL B 130 -23.62 -28.67 23.34
CA VAL B 130 -23.67 -27.22 23.21
C VAL B 130 -24.31 -26.85 21.87
N LEU B 131 -24.96 -25.70 21.84
CA LEU B 131 -25.62 -25.23 20.63
C LEU B 131 -24.96 -23.94 20.18
N CYS B 132 -25.23 -23.50 18.96
CA CYS B 132 -24.66 -22.25 18.47
C CYS B 132 -25.54 -21.69 17.36
N ILE B 133 -25.99 -20.45 17.53
CA ILE B 133 -26.83 -19.82 16.52
C ILE B 133 -25.93 -19.54 15.31
N ASP B 134 -26.38 -19.98 14.15
CA ASP B 134 -25.63 -19.80 12.91
C ASP B 134 -26.16 -18.60 12.14
N SER B 135 -25.46 -17.48 12.24
CA SER B 135 -25.88 -16.27 11.54
C SER B 135 -24.70 -15.45 11.02
N SER B 136 -24.86 -14.88 9.83
CA SER B 136 -23.82 -14.06 9.22
C SER B 136 -23.64 -12.81 10.10
N ASP B 137 -24.75 -12.17 10.43
CA ASP B 137 -24.75 -10.96 11.26
C ASP B 137 -25.58 -11.24 12.50
N GLY B 138 -24.89 -11.57 13.59
CA GLY B 138 -25.57 -11.89 14.84
C GLY B 138 -25.94 -10.73 15.75
N PHE B 139 -25.64 -9.49 15.33
CA PHE B 139 -25.97 -8.33 16.14
C PHE B 139 -27.46 -8.04 15.89
N SER B 140 -28.34 -8.85 16.47
CA SER B 140 -29.76 -8.64 16.25
C SER B 140 -30.65 -9.10 17.41
N GLU B 141 -31.84 -8.53 17.46
CA GLU B 141 -32.82 -8.85 18.48
C GLU B 141 -33.25 -10.30 18.29
N TRP B 142 -33.16 -10.79 17.05
CA TRP B 142 -33.55 -12.17 16.77
C TRP B 142 -32.70 -13.14 17.60
N GLN B 143 -31.40 -12.85 17.73
CA GLN B 143 -30.53 -13.72 18.52
C GLN B 143 -30.86 -13.55 20.01
N LYS B 144 -31.15 -12.31 20.42
CA LYS B 144 -31.48 -12.06 21.82
C LYS B 144 -32.75 -12.84 22.20
N ILE B 145 -33.72 -12.86 21.30
CA ILE B 145 -34.97 -13.58 21.53
C ILE B 145 -34.71 -15.08 21.65
N THR B 146 -33.89 -15.60 20.74
CA THR B 146 -33.55 -17.03 20.73
C THR B 146 -32.88 -17.45 22.04
N ILE B 147 -31.86 -16.69 22.43
CA ILE B 147 -31.14 -16.99 23.67
C ILE B 147 -32.07 -16.86 24.86
N GLY B 148 -32.92 -15.83 24.84
CA GLY B 148 -33.86 -15.62 25.93
C GLY B 148 -34.82 -16.79 26.12
N TRP B 149 -35.28 -17.35 25.01
CA TRP B 149 -36.21 -18.48 25.06
C TRP B 149 -35.52 -19.69 25.68
N ILE B 150 -34.29 -19.94 25.25
CA ILE B 150 -33.51 -21.05 25.77
C ILE B 150 -33.33 -20.91 27.29
N ARG B 151 -32.97 -19.71 27.73
CA ARG B 151 -32.78 -19.46 29.16
C ARG B 151 -34.08 -19.65 29.92
N GLU B 152 -35.16 -19.21 29.28
CA GLU B 152 -36.50 -19.31 29.85
C GLU B 152 -36.88 -20.76 30.10
N LYS B 153 -36.61 -21.61 29.11
CA LYS B 153 -36.95 -23.03 29.18
C LYS B 153 -35.93 -23.93 29.85
N TYR B 154 -34.65 -23.62 29.72
CA TYR B 154 -33.61 -24.47 30.29
C TYR B 154 -32.67 -23.83 31.30
N GLY B 155 -32.80 -22.52 31.54
CA GLY B 155 -31.90 -21.87 32.47
C GLY B 155 -30.48 -22.01 31.94
N ASP B 156 -29.53 -22.32 32.83
CA ASP B 156 -28.14 -22.46 32.42
C ASP B 156 -27.77 -23.90 32.04
N LYS B 157 -28.76 -24.79 32.00
CA LYS B 157 -28.51 -26.19 31.66
C LYS B 157 -28.12 -26.38 30.20
N VAL B 158 -28.61 -25.53 29.33
CA VAL B 158 -28.29 -25.63 27.92
C VAL B 158 -27.33 -24.50 27.54
N LYS B 159 -26.23 -24.86 26.89
CA LYS B 159 -25.22 -23.90 26.49
C LYS B 159 -25.44 -23.49 25.04
N VAL B 160 -25.47 -22.19 24.80
CA VAL B 160 -25.68 -21.70 23.44
C VAL B 160 -24.73 -20.59 23.05
N GLY B 161 -24.00 -20.82 21.95
CA GLY B 161 -23.08 -19.84 21.45
C GLY B 161 -23.87 -18.90 20.55
N ALA B 162 -23.34 -17.71 20.30
CA ALA B 162 -24.10 -16.80 19.47
C ALA B 162 -23.29 -15.82 18.68
N GLY B 163 -24.03 -15.10 17.86
CA GLY B 163 -23.48 -14.04 17.07
C GLY B 163 -22.85 -14.14 15.73
N ASN B 164 -21.68 -13.50 15.74
CA ASN B 164 -20.76 -13.25 14.66
C ASN B 164 -20.98 -11.77 14.57
N ILE B 165 -20.17 -11.13 15.39
CA ILE B 165 -20.12 -9.71 15.53
C ILE B 165 -18.65 -9.42 15.27
N VAL B 166 -18.31 -8.15 15.10
CA VAL B 166 -16.93 -7.80 14.80
C VAL B 166 -16.42 -6.62 15.60
N ASP B 167 -17.21 -6.18 16.59
CA ASP B 167 -16.76 -5.08 17.43
C ASP B 167 -17.28 -5.19 18.85
N GLY B 168 -16.82 -4.29 19.71
CA GLY B 168 -17.22 -4.30 21.11
C GLY B 168 -18.71 -4.18 21.33
N GLU B 169 -19.37 -3.32 20.54
CA GLU B 169 -20.81 -3.13 20.70
C GLU B 169 -21.58 -4.43 20.49
N GLY B 170 -21.24 -5.14 19.42
CA GLY B 170 -21.92 -6.40 19.15
C GLY B 170 -21.69 -7.42 20.24
N PHE B 171 -20.44 -7.52 20.70
CA PHE B 171 -20.10 -8.45 21.77
C PHE B 171 -20.93 -8.16 23.02
N ARG B 172 -20.93 -6.89 23.42
CA ARG B 172 -21.65 -6.45 24.60
C ARG B 172 -23.13 -6.82 24.52
N TYR B 173 -23.74 -6.61 23.36
CA TYR B 173 -25.15 -6.93 23.19
C TYR B 173 -25.44 -8.41 23.41
N LEU B 174 -24.65 -9.28 22.79
CA LEU B 174 -24.86 -10.71 22.92
C LEU B 174 -24.46 -11.23 24.30
N ALA B 175 -23.50 -10.57 24.94
CA ALA B 175 -23.06 -10.96 26.28
C ALA B 175 -24.22 -10.68 27.25
N ASP B 176 -24.80 -9.48 27.15
CA ASP B 176 -25.92 -9.12 27.99
C ASP B 176 -27.12 -10.02 27.69
N ALA B 177 -27.21 -10.50 26.46
CA ALA B 177 -28.31 -11.37 26.05
C ALA B 177 -28.21 -12.74 26.70
N GLY B 178 -27.01 -13.08 27.18
CA GLY B 178 -26.80 -14.35 27.85
C GLY B 178 -26.02 -15.44 27.09
N ALA B 179 -25.40 -15.09 25.98
CA ALA B 179 -24.65 -16.07 25.19
C ALA B 179 -23.53 -16.73 26.01
N ASP B 180 -23.31 -18.03 25.81
CA ASP B 180 -22.26 -18.74 26.54
C ASP B 180 -20.88 -18.56 25.92
N PHE B 181 -20.86 -18.20 24.63
CA PHE B 181 -19.62 -17.90 23.92
C PHE B 181 -20.04 -17.07 22.72
N ILE B 182 -19.14 -16.21 22.24
CA ILE B 182 -19.49 -15.35 21.12
C ILE B 182 -18.53 -15.52 19.96
N LYS B 183 -19.10 -15.73 18.78
CA LYS B 183 -18.34 -15.95 17.55
C LYS B 183 -18.03 -14.63 16.83
N ILE B 184 -16.78 -14.50 16.39
CA ILE B 184 -16.30 -13.29 15.74
C ILE B 184 -16.02 -13.47 14.24
N GLY B 185 -16.41 -12.49 13.44
CA GLY B 185 -16.13 -12.56 12.02
C GLY B 185 -17.26 -12.45 11.01
N ILE B 186 -17.08 -11.54 10.06
CA ILE B 186 -18.06 -11.35 8.99
C ILE B 186 -17.30 -11.17 7.67
N GLY B 187 -17.53 -12.08 6.73
CA GLY B 187 -16.91 -11.99 5.42
C GLY B 187 -15.52 -12.57 5.20
N GLY B 188 -14.88 -13.04 6.26
CA GLY B 188 -13.54 -13.59 6.11
C GLY B 188 -13.48 -15.01 5.58
N GLY B 189 -14.62 -15.70 5.55
CA GLY B 189 -14.64 -17.06 5.07
C GLY B 189 -14.10 -17.24 3.66
N SER B 190 -13.35 -18.33 3.45
CA SER B 190 -12.77 -18.63 2.14
C SER B 190 -13.79 -18.68 1.00
N ILE B 191 -15.00 -19.16 1.29
CA ILE B 191 -16.04 -19.26 0.27
C ILE B 191 -17.09 -18.16 0.38
N CYS B 192 -16.81 -17.14 1.20
CA CYS B 192 -17.75 -16.05 1.43
C CYS B 192 -17.52 -14.82 0.53
N ILE B 193 -18.61 -14.29 -0.03
CA ILE B 193 -18.52 -13.09 -0.85
C ILE B 193 -19.46 -12.01 -0.34
N THR B 194 -19.80 -12.09 0.94
CA THR B 194 -20.70 -11.12 1.56
C THR B 194 -20.14 -9.69 1.47
N ARG B 195 -18.84 -9.53 1.73
CA ARG B 195 -18.23 -8.21 1.69
C ARG B 195 -18.29 -7.58 0.31
N GLU B 196 -18.36 -8.41 -0.73
CA GLU B 196 -18.43 -7.92 -2.10
C GLU B 196 -19.87 -7.76 -2.59
N GLN B 197 -20.80 -8.45 -1.93
CA GLN B 197 -22.20 -8.37 -2.29
C GLN B 197 -22.97 -7.30 -1.51
N LYS B 198 -22.70 -7.20 -0.22
CA LYS B 198 -23.38 -6.24 0.65
C LYS B 198 -22.51 -5.11 1.20
N GLY B 199 -21.20 -5.29 1.16
CA GLY B 199 -20.32 -4.25 1.65
C GLY B 199 -20.21 -4.18 3.16
N ILE B 200 -20.52 -5.28 3.85
CA ILE B 200 -20.42 -5.30 5.31
C ILE B 200 -19.32 -6.26 5.73
N GLY B 201 -18.69 -5.98 6.86
CA GLY B 201 -17.64 -6.85 7.35
C GLY B 201 -16.49 -6.09 7.96
N ARG B 202 -15.44 -6.81 8.31
CA ARG B 202 -14.25 -6.22 8.92
C ARG B 202 -13.11 -7.22 8.85
N GLY B 203 -11.88 -6.73 8.74
CA GLY B 203 -10.73 -7.61 8.70
C GLY B 203 -10.80 -8.50 9.92
N GLN B 204 -10.59 -9.80 9.73
CA GLN B 204 -10.71 -10.76 10.84
C GLN B 204 -9.82 -10.45 12.06
N ALA B 205 -8.57 -10.08 11.83
CA ALA B 205 -7.67 -9.80 12.96
C ALA B 205 -8.15 -8.60 13.76
N THR B 206 -8.48 -7.51 13.08
CA THR B 206 -8.96 -6.30 13.75
C THR B 206 -10.23 -6.63 14.55
N ALA B 207 -11.10 -7.47 13.99
CA ALA B 207 -12.34 -7.85 14.67
C ALA B 207 -12.03 -8.60 15.97
N VAL B 208 -11.15 -9.59 15.88
CA VAL B 208 -10.79 -10.36 17.07
C VAL B 208 -10.19 -9.45 18.14
N ILE B 209 -9.22 -8.64 17.74
CA ILE B 209 -8.55 -7.74 18.68
C ILE B 209 -9.54 -6.79 19.37
N ASP B 210 -10.47 -6.22 18.61
CA ASP B 210 -11.45 -5.29 19.17
C ASP B 210 -12.42 -6.00 20.11
N VAL B 211 -12.94 -7.15 19.69
CA VAL B 211 -13.89 -7.90 20.52
C VAL B 211 -13.24 -8.39 21.81
N VAL B 212 -12.01 -8.87 21.71
CA VAL B 212 -11.29 -9.37 22.87
C VAL B 212 -11.11 -8.25 23.91
N ALA B 213 -10.80 -7.04 23.43
CA ALA B 213 -10.62 -5.92 24.32
C ALA B 213 -11.91 -5.68 25.10
N GLU B 214 -13.05 -5.74 24.41
CA GLU B 214 -14.34 -5.53 25.08
C GLU B 214 -14.64 -6.70 26.02
N ARG B 215 -14.30 -7.91 25.60
CA ARG B 215 -14.53 -9.11 26.42
C ARG B 215 -13.78 -9.00 27.75
N ASN B 216 -12.54 -8.49 27.69
CA ASN B 216 -11.75 -8.35 28.90
C ASN B 216 -12.30 -7.27 29.82
N LYS B 217 -12.88 -6.23 29.24
CA LYS B 217 -13.46 -5.16 30.05
C LYS B 217 -14.71 -5.72 30.71
N TYR B 218 -15.48 -6.48 29.95
CA TYR B 218 -16.71 -7.08 30.44
C TYR B 218 -16.42 -8.02 31.62
N PHE B 219 -15.32 -8.76 31.50
CA PHE B 219 -14.89 -9.68 32.55
C PHE B 219 -14.58 -8.94 33.84
N GLU B 220 -13.84 -7.84 33.72
CA GLU B 220 -13.47 -7.05 34.88
C GLU B 220 -14.71 -6.42 35.53
N GLU B 221 -15.68 -6.06 34.70
CA GLU B 221 -16.91 -5.43 35.17
C GLU B 221 -17.87 -6.41 35.84
N THR B 222 -18.04 -7.58 35.24
CA THR B 222 -18.98 -8.58 35.74
C THR B 222 -18.43 -9.81 36.44
N GLY B 223 -17.15 -10.08 36.25
CA GLY B 223 -16.57 -11.26 36.86
C GLY B 223 -16.92 -12.50 36.03
N ILE B 224 -17.51 -12.26 34.88
CA ILE B 224 -17.91 -13.34 33.97
C ILE B 224 -17.00 -13.37 32.75
N TYR B 225 -16.34 -14.51 32.53
CA TYR B 225 -15.44 -14.65 31.38
C TYR B 225 -16.21 -15.35 30.26
N ILE B 226 -16.35 -14.66 29.13
CA ILE B 226 -17.05 -15.21 27.98
C ILE B 226 -16.04 -15.58 26.89
N PRO B 227 -15.90 -16.89 26.60
CA PRO B 227 -14.96 -17.31 25.56
C PRO B 227 -15.40 -16.76 24.21
N VAL B 228 -14.45 -16.39 23.36
CA VAL B 228 -14.81 -15.90 22.03
C VAL B 228 -14.12 -16.78 21.00
N CYS B 229 -14.78 -16.91 19.85
CA CYS B 229 -14.29 -17.75 18.76
C CYS B 229 -13.99 -16.95 17.50
N SER B 230 -12.78 -17.12 16.95
CA SER B 230 -12.42 -16.45 15.72
C SER B 230 -12.93 -17.38 14.62
N ASP B 231 -13.96 -16.94 13.91
CA ASP B 231 -14.57 -17.77 12.89
C ASP B 231 -14.31 -17.32 11.46
N GLY B 232 -13.58 -18.16 10.71
CA GLY B 232 -13.28 -17.87 9.33
C GLY B 232 -11.97 -17.16 9.05
N GLY B 233 -11.47 -17.31 7.82
CA GLY B 233 -10.24 -16.65 7.43
C GLY B 233 -8.91 -17.34 7.70
N ILE B 234 -8.93 -18.48 8.38
CA ILE B 234 -7.68 -19.19 8.68
C ILE B 234 -7.19 -19.85 7.40
N VAL B 235 -6.02 -19.43 6.92
CA VAL B 235 -5.44 -19.97 5.71
C VAL B 235 -4.21 -20.82 6.00
N TYR B 236 -3.31 -20.30 6.84
CA TYR B 236 -2.10 -21.03 7.19
C TYR B 236 -2.12 -21.41 8.66
N ASP B 237 -1.37 -22.44 9.00
CA ASP B 237 -1.30 -22.90 10.38
C ASP B 237 -0.92 -21.75 11.34
N TYR B 238 0.01 -20.90 10.94
CA TYR B 238 0.41 -19.82 11.85
C TYR B 238 -0.72 -18.82 12.11
N HIS B 239 -1.73 -18.84 11.26
CA HIS B 239 -2.89 -17.95 11.46
C HIS B 239 -3.61 -18.38 12.74
N MET B 240 -3.56 -19.68 13.03
CA MET B 240 -4.18 -20.22 14.23
C MET B 240 -3.51 -19.59 15.45
N THR B 241 -2.17 -19.62 15.45
CA THR B 241 -1.40 -19.06 16.54
C THR B 241 -1.71 -17.58 16.73
N LEU B 242 -1.81 -16.85 15.62
CA LEU B 242 -2.11 -15.42 15.69
C LEU B 242 -3.48 -15.17 16.32
N ALA B 243 -4.49 -15.90 15.86
CA ALA B 243 -5.83 -15.73 16.38
C ALA B 243 -5.86 -15.96 17.89
N LEU B 244 -5.22 -17.04 18.34
CA LEU B 244 -5.17 -17.35 19.77
C LEU B 244 -4.41 -16.25 20.52
N ALA B 245 -3.26 -15.85 20.00
CA ALA B 245 -2.47 -14.81 20.65
C ALA B 245 -3.24 -13.51 20.79
N MET B 246 -4.07 -13.19 19.79
CA MET B 246 -4.87 -11.97 19.83
C MET B 246 -6.00 -12.03 20.85
N GLY B 247 -6.24 -13.20 21.43
CA GLY B 247 -7.28 -13.30 22.43
C GLY B 247 -8.37 -14.33 22.22
N ALA B 248 -8.47 -14.89 21.01
CA ALA B 248 -9.49 -15.89 20.75
C ALA B 248 -9.23 -17.14 21.60
N ASP B 249 -10.29 -17.70 22.17
CA ASP B 249 -10.15 -18.90 23.00
C ASP B 249 -10.11 -20.13 22.11
N PHE B 250 -10.89 -20.12 21.04
CA PHE B 250 -10.87 -21.21 20.08
C PHE B 250 -11.14 -20.67 18.68
N ILE B 251 -10.89 -21.52 17.69
CA ILE B 251 -11.02 -21.13 16.30
C ILE B 251 -11.98 -22.02 15.53
N MET B 252 -12.86 -21.41 14.74
CA MET B 252 -13.79 -22.19 13.94
C MET B 252 -13.27 -22.17 12.50
N LEU B 253 -13.17 -23.36 11.90
CA LEU B 253 -12.67 -23.45 10.53
C LEU B 253 -13.56 -24.30 9.64
N GLY B 254 -13.67 -23.88 8.37
CA GLY B 254 -14.45 -24.60 7.40
C GLY B 254 -13.52 -25.24 6.40
N ARG B 255 -12.88 -24.41 5.59
CA ARG B 255 -11.95 -24.88 4.56
C ARG B 255 -10.92 -25.87 5.08
N TYR B 256 -10.32 -25.55 6.21
CA TYR B 256 -9.30 -26.38 6.84
C TYR B 256 -9.74 -27.84 6.97
N PHE B 257 -10.97 -28.04 7.45
CA PHE B 257 -11.52 -29.38 7.65
C PHE B 257 -12.16 -30.01 6.42
N ALA B 258 -12.69 -29.16 5.53
CA ALA B 258 -13.34 -29.66 4.32
C ALA B 258 -12.38 -30.48 3.45
N ARG B 259 -11.08 -30.21 3.60
CA ARG B 259 -10.05 -30.89 2.84
C ARG B 259 -9.78 -32.33 3.30
N PHE B 260 -10.26 -32.68 4.49
CA PHE B 260 -10.01 -34.00 5.04
C PHE B 260 -10.94 -35.14 4.62
N GLU B 261 -10.42 -36.35 4.73
CA GLU B 261 -11.13 -37.57 4.40
C GLU B 261 -12.48 -37.61 5.12
N GLU B 262 -12.50 -37.13 6.35
CA GLU B 262 -13.71 -37.14 7.17
C GLU B 262 -14.82 -36.16 6.79
N SER B 263 -14.53 -35.17 5.95
CA SER B 263 -15.58 -34.23 5.57
C SER B 263 -16.61 -35.01 4.76
N PRO B 264 -17.90 -34.68 4.90
CA PRO B 264 -18.99 -35.36 4.20
C PRO B 264 -19.11 -35.17 2.69
N THR B 265 -18.16 -34.49 2.08
CA THR B 265 -18.23 -34.25 0.64
C THR B 265 -17.46 -35.26 -0.20
N ARG B 266 -17.70 -35.22 -1.50
CA ARG B 266 -17.07 -36.14 -2.43
C ARG B 266 -15.68 -35.68 -2.87
N LYS B 267 -14.80 -36.63 -3.12
CA LYS B 267 -13.48 -36.32 -3.60
C LYS B 267 -13.59 -36.31 -5.12
N VAL B 268 -13.05 -35.27 -5.74
CA VAL B 268 -13.12 -35.13 -7.19
C VAL B 268 -11.77 -34.72 -7.75
N THR B 269 -11.42 -35.27 -8.91
CA THR B 269 -10.15 -34.95 -9.54
C THR B 269 -10.32 -33.80 -10.53
N ILE B 270 -9.58 -32.72 -10.29
CA ILE B 270 -9.62 -31.54 -11.16
C ILE B 270 -8.21 -31.26 -11.65
N ASN B 271 -7.96 -31.56 -12.92
CA ASN B 271 -6.65 -31.34 -13.52
C ASN B 271 -5.53 -32.14 -12.85
N GLY B 272 -5.75 -33.44 -12.70
CA GLY B 272 -4.75 -34.30 -12.10
C GLY B 272 -4.57 -34.13 -10.60
N SER B 273 -5.38 -33.26 -9.99
CA SER B 273 -5.28 -33.05 -8.54
C SER B 273 -6.54 -33.53 -7.83
N VAL B 274 -6.35 -34.30 -6.76
CA VAL B 274 -7.49 -34.79 -6.00
C VAL B 274 -8.01 -33.66 -5.12
N MET B 275 -9.28 -33.33 -5.30
CA MET B 275 -9.91 -32.25 -4.54
C MET B 275 -11.12 -32.75 -3.78
N LYS B 276 -11.68 -31.87 -2.96
CA LYS B 276 -12.89 -32.18 -2.22
C LYS B 276 -13.85 -31.01 -2.44
N GLU B 277 -15.15 -31.31 -2.47
CA GLU B 277 -16.14 -30.26 -2.66
C GLU B 277 -16.25 -29.44 -1.38
N TYR B 278 -16.47 -28.15 -1.52
CA TYR B 278 -16.63 -27.25 -0.39
C TYR B 278 -17.46 -26.06 -0.86
N TRP B 279 -18.59 -25.83 -0.22
CA TRP B 279 -19.46 -24.71 -0.60
C TRP B 279 -19.97 -23.92 0.59
N GLY B 280 -20.24 -22.64 0.37
CA GLY B 280 -20.74 -21.80 1.43
C GLY B 280 -22.20 -22.02 1.73
N GLU B 281 -22.61 -21.71 2.95
CA GLU B 281 -24.00 -21.86 3.35
C GLU B 281 -24.86 -20.83 2.63
N GLY B 282 -24.20 -19.80 2.11
CA GLY B 282 -24.90 -18.75 1.39
C GLY B 282 -24.93 -18.95 -0.11
N SER B 283 -24.50 -20.13 -0.56
CA SER B 283 -24.51 -20.45 -1.99
C SER B 283 -25.86 -21.07 -2.31
N SER B 284 -26.23 -21.04 -3.59
CA SER B 284 -27.50 -21.60 -4.03
C SER B 284 -27.54 -23.10 -3.74
N ARG B 285 -26.37 -23.73 -3.66
CA ARG B 285 -26.27 -25.16 -3.39
C ARG B 285 -26.76 -25.51 -1.97
N ALA B 286 -26.36 -24.70 -1.00
CA ALA B 286 -26.76 -24.93 0.39
C ALA B 286 -28.13 -24.36 0.72
N ARG B 287 -28.41 -23.17 0.20
CA ARG B 287 -29.70 -22.53 0.44
C ARG B 287 -30.01 -22.32 1.92
N ASN B 288 -28.99 -22.01 2.72
CA ASN B 288 -29.20 -21.77 4.15
C ASN B 288 -29.65 -20.32 4.31
N TRP B 289 -30.90 -20.05 3.97
CA TRP B 289 -31.43 -18.70 4.08
C TRP B 289 -31.56 -18.20 5.51
N GLN B 290 -31.73 -19.11 6.46
CA GLN B 290 -31.86 -18.71 7.86
C GLN B 290 -30.62 -17.96 8.35
N ARG B 291 -29.46 -18.35 7.84
CA ARG B 291 -28.19 -17.73 8.22
C ARG B 291 -28.12 -16.25 7.83
N TYR B 292 -28.89 -15.85 6.82
CA TYR B 292 -28.89 -14.47 6.37
C TYR B 292 -30.26 -13.81 6.56
N ASP B 293 -31.11 -14.47 7.35
CA ASP B 293 -32.46 -14.00 7.60
C ASP B 293 -32.55 -12.63 8.29
N LEU B 294 -33.35 -11.75 7.70
CA LEU B 294 -33.56 -10.41 8.24
C LEU B 294 -35.07 -10.19 8.41
N GLY B 295 -35.78 -11.27 8.72
CA GLY B 295 -37.21 -11.20 8.92
C GLY B 295 -38.02 -11.18 7.63
N GLY B 296 -37.35 -11.46 6.52
CA GLY B 296 -38.03 -11.47 5.23
C GLY B 296 -38.58 -12.82 4.81
N LYS B 297 -38.63 -13.04 3.50
CA LYS B 297 -39.13 -14.30 2.95
C LYS B 297 -38.19 -15.46 3.25
N GLN B 298 -38.77 -16.65 3.44
CA GLN B 298 -37.99 -17.85 3.76
C GLN B 298 -37.23 -18.38 2.55
N LYS B 299 -36.37 -17.53 1.98
CA LYS B 299 -35.58 -17.90 0.82
C LYS B 299 -34.35 -17.00 0.74
N LEU B 300 -33.35 -17.44 -0.02
CA LEU B 300 -32.12 -16.67 -0.19
C LEU B 300 -32.37 -15.56 -1.21
N SER B 301 -32.30 -14.30 -0.76
CA SER B 301 -32.52 -13.15 -1.64
C SER B 301 -31.49 -13.11 -2.77
N PHE B 302 -30.26 -13.49 -2.44
CA PHE B 302 -29.16 -13.51 -3.40
C PHE B 302 -28.01 -14.27 -2.76
N GLU B 303 -27.09 -14.77 -3.57
CA GLU B 303 -25.97 -15.54 -3.06
C GLU B 303 -24.93 -14.72 -2.30
N GLU B 304 -24.41 -15.29 -1.23
CA GLU B 304 -23.37 -14.62 -0.43
C GLU B 304 -22.21 -15.59 -0.23
N GLY B 305 -22.28 -16.73 -0.93
CA GLY B 305 -21.24 -17.73 -0.84
C GLY B 305 -21.10 -18.45 -2.18
N VAL B 306 -19.99 -19.15 -2.38
CA VAL B 306 -19.76 -19.87 -3.63
C VAL B 306 -19.59 -21.37 -3.45
N ASP B 307 -19.67 -22.09 -4.57
CA ASP B 307 -19.50 -23.54 -4.61
C ASP B 307 -18.06 -23.71 -5.11
N SER B 308 -17.26 -24.55 -4.47
CA SER B 308 -15.87 -24.68 -4.88
C SER B 308 -15.21 -26.02 -4.61
N TYR B 309 -13.90 -26.06 -4.87
CA TYR B 309 -13.08 -27.23 -4.64
C TYR B 309 -11.86 -26.81 -3.82
N VAL B 310 -11.44 -27.67 -2.91
CA VAL B 310 -10.27 -27.43 -2.08
C VAL B 310 -9.39 -28.66 -2.20
N PRO B 311 -8.06 -28.49 -2.06
CA PRO B 311 -7.16 -29.64 -2.16
C PRO B 311 -7.38 -30.70 -1.09
N TYR B 312 -7.34 -31.96 -1.50
CA TYR B 312 -7.52 -33.07 -0.56
C TYR B 312 -6.24 -33.13 0.26
N ALA B 313 -6.39 -33.14 1.59
CA ALA B 313 -5.23 -33.16 2.48
C ALA B 313 -5.03 -34.43 3.29
N GLY B 314 -5.94 -35.39 3.16
CA GLY B 314 -5.78 -36.62 3.90
C GLY B 314 -6.63 -36.75 5.15
N LYS B 315 -6.12 -37.47 6.14
CA LYS B 315 -6.85 -37.67 7.39
C LYS B 315 -6.71 -36.50 8.36
N LEU B 316 -7.81 -36.23 9.07
CA LEU B 316 -7.84 -35.13 10.03
C LEU B 316 -6.77 -35.27 11.10
N LYS B 317 -6.67 -36.46 11.69
CA LYS B 317 -5.68 -36.71 12.74
C LYS B 317 -4.27 -36.27 12.37
N ASP B 318 -3.78 -36.72 11.22
CA ASP B 318 -2.43 -36.37 10.78
C ASP B 318 -2.25 -34.89 10.53
N ASN B 319 -3.24 -34.25 9.92
CA ASN B 319 -3.15 -32.84 9.62
C ASN B 319 -3.23 -31.98 10.87
N VAL B 320 -4.17 -32.30 11.76
CA VAL B 320 -4.31 -31.54 13.00
C VAL B 320 -3.04 -31.67 13.84
N GLU B 321 -2.44 -32.84 13.83
CA GLU B 321 -1.21 -33.06 14.58
C GLU B 321 -0.11 -32.16 14.04
N ALA B 322 0.04 -32.13 12.71
CA ALA B 322 1.06 -31.30 12.08
C ALA B 322 0.84 -29.81 12.35
N SER B 323 -0.41 -29.36 12.24
CA SER B 323 -0.75 -27.96 12.48
C SER B 323 -0.42 -27.53 13.91
N LEU B 324 -0.91 -28.29 14.87
CA LEU B 324 -0.68 -27.98 16.27
C LEU B 324 0.78 -28.10 16.71
N ASN B 325 1.58 -28.89 16.00
CA ASN B 325 2.98 -28.99 16.35
C ASN B 325 3.63 -27.64 16.04
N LYS B 326 3.15 -26.99 14.98
CA LYS B 326 3.68 -25.68 14.63
C LYS B 326 3.22 -24.65 15.66
N VAL B 327 1.95 -24.75 16.05
CA VAL B 327 1.40 -23.84 17.04
C VAL B 327 2.16 -23.94 18.36
N LYS B 328 2.36 -25.17 18.83
CA LYS B 328 3.07 -25.40 20.09
C LYS B 328 4.51 -24.89 20.01
N SER B 329 5.17 -25.11 18.89
CA SER B 329 6.54 -24.65 18.72
C SER B 329 6.62 -23.14 18.82
N THR B 330 5.71 -22.46 18.13
CA THR B 330 5.70 -21.00 18.16
C THR B 330 5.41 -20.51 19.57
N MET B 331 4.46 -21.14 20.25
CA MET B 331 4.13 -20.75 21.61
C MET B 331 5.39 -20.80 22.47
N CYS B 332 6.22 -21.81 22.25
CA CYS B 332 7.46 -21.94 23.01
C CYS B 332 8.44 -20.81 22.66
N ASN B 333 8.47 -20.39 21.40
CA ASN B 333 9.34 -19.28 21.01
C ASN B 333 8.89 -18.04 21.77
N CYS B 334 7.59 -17.94 22.01
CA CYS B 334 6.99 -16.82 22.72
C CYS B 334 7.00 -16.99 24.23
N GLY B 335 7.54 -18.10 24.70
CA GLY B 335 7.62 -18.36 26.14
C GLY B 335 6.31 -18.74 26.80
N ALA B 336 5.39 -19.33 26.05
CA ALA B 336 4.10 -19.72 26.60
C ALA B 336 3.84 -21.23 26.57
N LEU B 337 3.33 -21.76 27.69
CA LEU B 337 3.02 -23.18 27.80
C LEU B 337 1.51 -23.42 27.83
N THR B 338 0.73 -22.34 27.80
CA THR B 338 -0.73 -22.44 27.78
C THR B 338 -1.26 -21.31 26.92
N ILE B 339 -2.51 -21.42 26.49
CA ILE B 339 -3.10 -20.38 25.65
C ILE B 339 -3.22 -19.06 26.42
N PRO B 340 -3.65 -19.10 27.69
CA PRO B 340 -3.76 -17.84 28.42
C PRO B 340 -2.39 -17.16 28.53
N GLN B 341 -1.34 -17.96 28.69
CA GLN B 341 0.02 -17.43 28.77
C GLN B 341 0.41 -16.73 27.47
N LEU B 342 0.06 -17.36 26.35
CA LEU B 342 0.37 -16.79 25.03
C LEU B 342 -0.35 -15.46 24.85
N GLN B 343 -1.62 -15.43 25.22
CA GLN B 343 -2.43 -14.23 25.10
C GLN B 343 -1.88 -13.10 25.95
N SER B 344 -1.20 -13.45 27.03
CA SER B 344 -0.62 -12.45 27.90
C SER B 344 0.76 -11.98 27.44
N LYS B 345 1.60 -12.93 27.02
CA LYS B 345 2.97 -12.65 26.59
C LYS B 345 3.20 -12.25 25.14
N ALA B 346 2.26 -12.55 24.26
CA ALA B 346 2.42 -12.25 22.84
C ALA B 346 2.78 -10.80 22.52
N LYS B 347 3.70 -10.65 21.57
CA LYS B 347 4.14 -9.35 21.08
C LYS B 347 3.78 -9.47 19.60
N ILE B 348 2.80 -8.67 19.17
CA ILE B 348 2.29 -8.73 17.81
C ILE B 348 2.49 -7.45 17.01
N THR B 349 3.13 -7.57 15.85
CA THR B 349 3.38 -6.43 14.98
C THR B 349 2.75 -6.57 13.60
N LEU B 350 2.40 -5.42 13.00
CA LEU B 350 1.87 -5.40 11.65
C LEU B 350 3.13 -5.44 10.78
N VAL B 351 2.98 -5.90 9.54
CA VAL B 351 4.12 -6.06 8.63
C VAL B 351 3.86 -5.36 7.28
N SER B 352 4.84 -4.60 6.82
CA SER B 352 4.71 -3.90 5.53
C SER B 352 4.69 -4.93 4.41
N SER B 353 4.16 -4.55 3.25
CA SER B 353 4.11 -5.47 2.12
C SER B 353 5.51 -5.90 1.67
N VAL B 354 6.48 -4.99 1.77
CA VAL B 354 7.84 -5.32 1.38
C VAL B 354 8.45 -6.30 2.39
N SER B 355 8.07 -6.16 3.65
CA SER B 355 8.57 -7.07 4.68
C SER B 355 7.97 -8.46 4.43
N ILE B 356 6.75 -8.48 3.90
CA ILE B 356 6.10 -9.74 3.59
C ILE B 356 6.91 -10.50 2.53
N VAL B 357 7.36 -9.78 1.50
CA VAL B 357 8.17 -10.37 0.45
C VAL B 357 9.43 -10.98 1.05
N GLU B 358 10.07 -10.24 1.96
CA GLU B 358 11.29 -10.70 2.62
C GLU B 358 11.04 -11.96 3.46
N GLY B 359 9.82 -12.11 3.95
CA GLY B 359 9.46 -13.24 4.79
C GLY B 359 9.46 -14.59 4.09
N GLY B 360 9.21 -14.59 2.79
CA GLY B 360 9.22 -15.84 2.07
C GLY B 360 10.58 -16.03 1.43
N ALA B 361 10.77 -17.13 0.70
CA ALA B 361 12.03 -17.37 0.02
C ALA B 361 12.12 -16.26 -1.01
N HIS B 362 13.31 -15.72 -1.25
CA HIS B 362 13.43 -14.64 -2.22
C HIS B 362 14.81 -14.61 -2.84
N ASP B 363 14.84 -14.21 -4.12
CA ASP B 363 16.09 -14.08 -4.86
C ASP B 363 16.86 -15.38 -5.02
N VAL B 364 16.13 -16.47 -5.02
CA VAL B 364 16.71 -17.79 -5.20
C VAL B 364 15.69 -18.62 -6.00
N ILE B 365 16.19 -19.63 -6.71
CA ILE B 365 15.30 -20.50 -7.46
C ILE B 365 15.10 -21.72 -6.59
N VAL B 366 13.90 -21.88 -6.06
CA VAL B 366 13.60 -22.99 -5.17
C VAL B 366 13.60 -24.33 -5.92
N LYS B 367 14.49 -25.22 -5.48
CA LYS B 367 14.62 -26.55 -6.08
C LYS B 367 13.54 -27.48 -5.56
N ALA C 1 1.05 26.76 -1.19
CA ALA C 1 -0.02 25.77 -1.48
C ALA C 1 -0.54 25.16 -0.18
N LYS C 2 -1.71 24.53 -0.27
CA LYS C 2 -2.32 23.89 0.90
C LYS C 2 -2.26 22.38 0.72
N TYR C 3 -1.95 21.68 1.81
CA TYR C 3 -1.86 20.23 1.79
C TYR C 3 -2.84 19.61 2.79
N TYR C 4 -2.98 18.30 2.75
CA TYR C 4 -3.91 17.61 3.66
C TYR C 4 -3.21 16.55 4.52
N ASN C 5 -3.82 16.23 5.67
CA ASN C 5 -3.24 15.25 6.59
C ASN C 5 -3.36 13.81 6.13
N GLU C 6 -4.35 13.53 5.30
CA GLU C 6 -4.56 12.18 4.80
C GLU C 6 -4.81 12.15 3.31
N PRO C 7 -4.48 11.03 2.66
CA PRO C 7 -4.70 10.90 1.22
C PRO C 7 -6.19 10.62 1.03
N CYS C 8 -6.71 10.86 -0.17
CA CYS C 8 -8.13 10.61 -0.44
C CYS C 8 -8.35 9.12 -0.73
N HIS C 9 -9.56 8.65 -0.46
CA HIS C 9 -9.91 7.25 -0.68
C HIS C 9 -11.22 7.15 -1.43
N THR C 10 -11.55 5.95 -1.90
CA THR C 10 -12.82 5.79 -2.59
C THR C 10 -13.50 4.48 -2.21
N PHE C 11 -14.72 4.30 -2.72
CA PHE C 11 -15.58 3.16 -2.41
C PHE C 11 -15.01 1.77 -2.13
N ASN C 12 -14.18 1.24 -3.03
CA ASN C 12 -13.62 -0.10 -2.84
C ASN C 12 -12.82 -0.27 -1.55
N GLU C 13 -12.43 0.84 -0.92
CA GLU C 13 -11.65 0.77 0.31
C GLU C 13 -12.47 0.75 1.59
N TYR C 14 -13.81 0.75 1.48
CA TYR C 14 -14.65 0.77 2.67
C TYR C 14 -15.61 -0.40 2.85
N LEU C 15 -16.00 -0.59 4.11
CA LEU C 15 -16.95 -1.61 4.52
C LEU C 15 -17.78 -1.06 5.67
N LEU C 16 -19.01 -1.54 5.78
CA LEU C 16 -19.89 -1.12 6.85
C LEU C 16 -19.82 -2.19 7.94
N ILE C 17 -19.74 -1.74 9.20
CA ILE C 17 -19.73 -2.65 10.33
C ILE C 17 -21.15 -2.65 10.88
N PRO C 18 -21.84 -3.79 10.81
CA PRO C 18 -23.22 -3.90 11.30
C PRO C 18 -23.46 -3.44 12.73
N GLY C 19 -24.61 -2.81 12.94
CA GLY C 19 -25.01 -2.36 14.25
C GLY C 19 -26.13 -3.29 14.67
N LEU C 20 -26.91 -2.90 15.68
CA LEU C 20 -28.00 -3.75 16.15
C LEU C 20 -29.19 -3.80 15.20
N SER C 21 -29.63 -4.99 14.86
CA SER C 21 -30.79 -5.17 13.99
C SER C 21 -31.95 -5.56 14.89
N THR C 22 -33.01 -4.75 14.92
CA THR C 22 -34.18 -5.05 15.74
C THR C 22 -35.11 -5.92 14.91
N VAL C 23 -36.13 -6.51 15.56
CA VAL C 23 -37.06 -7.37 14.85
C VAL C 23 -37.80 -6.64 13.74
N ASP C 24 -37.87 -5.32 13.81
CA ASP C 24 -38.56 -4.54 12.79
C ASP C 24 -37.65 -4.18 11.61
N CYS C 25 -36.38 -4.57 11.71
CA CYS C 25 -35.43 -4.29 10.62
C CYS C 25 -35.55 -5.34 9.53
N ILE C 26 -36.66 -5.28 8.82
CA ILE C 26 -36.97 -6.21 7.73
C ILE C 26 -36.85 -5.43 6.43
N PRO C 27 -36.19 -6.01 5.42
CA PRO C 27 -36.03 -5.33 4.12
C PRO C 27 -37.31 -4.73 3.55
N SER C 28 -38.43 -5.42 3.74
CA SER C 28 -39.70 -4.93 3.23
C SER C 28 -40.18 -3.66 3.92
N ASN C 29 -39.67 -3.38 5.12
CA ASN C 29 -40.05 -2.18 5.85
C ASN C 29 -39.14 -0.98 5.55
N VAL C 30 -38.11 -1.18 4.73
CA VAL C 30 -37.19 -0.09 4.42
C VAL C 30 -37.78 0.94 3.47
N ASN C 31 -37.69 2.20 3.86
CA ASN C 31 -38.19 3.32 3.05
C ASN C 31 -36.99 4.01 2.40
N LEU C 32 -36.91 3.94 1.07
CA LEU C 32 -35.80 4.52 0.33
C LEU C 32 -36.06 5.94 -0.19
N SER C 33 -37.09 6.60 0.32
CA SER C 33 -37.41 7.96 -0.11
C SER C 33 -36.27 8.92 0.24
N THR C 34 -36.09 9.96 -0.58
CA THR C 34 -35.02 10.91 -0.33
C THR C 34 -35.33 12.27 -0.96
N PRO C 35 -34.91 13.36 -0.31
CA PRO C 35 -35.17 14.70 -0.83
C PRO C 35 -34.29 15.05 -2.02
N LEU C 36 -34.85 15.75 -2.99
CA LEU C 36 -34.09 16.14 -4.17
C LEU C 36 -33.66 17.60 -4.11
N VAL C 37 -34.49 18.46 -3.52
CA VAL C 37 -34.16 19.89 -3.44
C VAL C 37 -34.18 20.46 -2.01
N LYS C 38 -33.40 21.52 -1.79
CA LYS C 38 -33.29 22.13 -0.47
C LYS C 38 -34.60 22.54 0.18
N PHE C 39 -34.63 22.44 1.51
CA PHE C 39 -35.80 22.80 2.28
C PHE C 39 -35.40 23.29 3.65
N GLN C 40 -36.36 23.85 4.37
CA GLN C 40 -36.14 24.40 5.70
C GLN C 40 -36.25 23.35 6.81
N LYS C 41 -35.46 23.52 7.85
CA LYS C 41 -35.48 22.61 8.98
C LYS C 41 -36.92 22.36 9.46
N GLY C 42 -37.22 21.10 9.76
CA GLY C 42 -38.56 20.75 10.22
C GLY C 42 -39.54 20.45 9.10
N GLN C 43 -39.21 20.87 7.88
CA GLN C 43 -40.11 20.65 6.74
C GLN C 43 -39.65 19.54 5.81
N GLN C 44 -40.43 19.32 4.75
CA GLN C 44 -40.12 18.31 3.74
C GLN C 44 -39.73 19.00 2.43
N SER C 45 -38.91 18.32 1.63
CA SER C 45 -38.50 18.86 0.35
C SER C 45 -39.73 18.89 -0.56
N GLU C 46 -39.76 19.82 -1.51
CA GLU C 46 -40.88 19.93 -2.44
C GLU C 46 -40.86 18.78 -3.43
N ILE C 47 -39.71 18.13 -3.57
CA ILE C 47 -39.56 16.99 -4.47
C ILE C 47 -38.82 15.87 -3.75
N ASN C 48 -39.49 14.74 -3.60
CA ASN C 48 -38.90 13.58 -2.94
C ASN C 48 -38.96 12.39 -3.90
N LEU C 49 -37.84 11.72 -4.09
CA LEU C 49 -37.81 10.55 -4.95
C LEU C 49 -38.21 9.35 -4.10
N LYS C 50 -38.64 8.27 -4.73
CA LYS C 50 -39.01 7.08 -3.99
C LYS C 50 -37.79 6.18 -3.81
N ILE C 51 -36.80 6.36 -4.70
CA ILE C 51 -35.52 5.62 -4.63
C ILE C 51 -34.44 6.67 -4.90
N PRO C 52 -33.27 6.53 -4.25
CA PRO C 52 -32.16 7.49 -4.41
C PRO C 52 -31.27 7.37 -5.64
N LEU C 53 -31.84 6.97 -6.78
CA LEU C 53 -31.04 6.83 -7.99
C LEU C 53 -31.47 7.78 -9.10
N VAL C 54 -30.50 8.47 -9.70
CA VAL C 54 -30.80 9.39 -10.81
C VAL C 54 -29.79 9.10 -11.94
N SER C 55 -30.24 9.19 -13.18
CA SER C 55 -29.36 8.90 -14.31
C SER C 55 -28.58 10.14 -14.76
N ALA C 56 -27.34 9.90 -15.17
CA ALA C 56 -26.42 10.94 -15.62
C ALA C 56 -26.91 11.80 -16.78
N ILE C 57 -26.42 13.03 -16.81
CA ILE C 57 -26.77 14.01 -17.84
C ILE C 57 -25.86 13.71 -19.01
N MET C 58 -26.15 12.60 -19.69
CA MET C 58 -25.33 12.14 -20.81
C MET C 58 -26.11 11.66 -22.03
N GLN C 59 -25.55 11.91 -23.20
CA GLN C 59 -26.17 11.51 -24.46
C GLN C 59 -26.39 10.00 -24.51
N SER C 60 -25.44 9.24 -23.98
CA SER C 60 -25.54 7.78 -23.99
C SER C 60 -26.31 7.20 -22.82
N VAL C 61 -26.98 8.04 -22.04
CA VAL C 61 -27.72 7.53 -20.91
C VAL C 61 -29.16 8.01 -20.75
N SER C 62 -29.34 9.32 -20.52
CA SER C 62 -30.65 9.89 -20.27
C SER C 62 -31.49 10.38 -21.44
N GLY C 63 -32.13 9.43 -22.13
CA GLY C 63 -32.99 9.78 -23.24
C GLY C 63 -34.42 9.64 -22.76
N GLU C 64 -35.39 9.72 -23.67
CA GLU C 64 -36.79 9.61 -23.29
C GLU C 64 -37.16 8.27 -22.63
N LYS C 65 -36.73 7.16 -23.23
CA LYS C 65 -37.03 5.85 -22.68
C LYS C 65 -36.47 5.65 -21.27
N MET C 66 -35.27 6.14 -21.05
CA MET C 66 -34.62 6.03 -19.74
C MET C 66 -35.41 6.83 -18.70
N ALA C 67 -35.75 8.07 -19.04
CA ALA C 67 -36.47 8.95 -18.13
C ALA C 67 -37.80 8.35 -17.68
N ILE C 68 -38.53 7.74 -18.60
CA ILE C 68 -39.81 7.13 -18.29
C ILE C 68 -39.62 5.90 -17.40
N ALA C 69 -38.71 5.02 -17.81
CA ALA C 69 -38.45 3.80 -17.06
C ALA C 69 -37.95 4.06 -15.64
N LEU C 70 -37.04 5.01 -15.48
CA LEU C 70 -36.52 5.32 -14.15
C LEU C 70 -37.57 6.05 -13.29
N ALA C 71 -38.33 6.94 -13.90
CA ALA C 71 -39.37 7.66 -13.16
C ALA C 71 -40.38 6.64 -12.63
N ARG C 72 -40.71 5.64 -13.45
CA ARG C 72 -41.65 4.60 -13.06
C ARG C 72 -41.18 3.86 -11.81
N GLU C 73 -39.87 3.69 -11.67
CA GLU C 73 -39.31 2.97 -10.54
C GLU C 73 -39.08 3.85 -9.32
N GLY C 74 -39.36 5.14 -9.45
CA GLY C 74 -39.21 6.04 -8.31
C GLY C 74 -38.04 7.02 -8.36
N GLY C 75 -37.24 6.97 -9.40
CA GLY C 75 -36.11 7.88 -9.50
C GLY C 75 -36.39 8.99 -10.49
N ILE C 76 -35.34 9.58 -11.03
CA ILE C 76 -35.51 10.65 -11.99
C ILE C 76 -34.29 10.75 -12.91
N SER C 77 -34.53 11.08 -14.18
CA SER C 77 -33.45 11.22 -15.15
C SER C 77 -33.28 12.68 -15.50
N PHE C 78 -32.05 13.07 -15.81
CA PHE C 78 -31.78 14.44 -16.22
C PHE C 78 -31.43 14.38 -17.72
N ILE C 79 -32.43 14.68 -18.55
CA ILE C 79 -32.27 14.66 -20.00
C ILE C 79 -31.00 15.43 -20.36
N PHE C 80 -30.12 14.81 -21.14
CA PHE C 80 -28.87 15.46 -21.50
C PHE C 80 -29.05 16.79 -22.22
N GLY C 81 -28.16 17.71 -21.91
CA GLY C 81 -28.22 19.04 -22.50
C GLY C 81 -27.26 19.24 -23.65
N SER C 82 -26.45 18.23 -23.95
CA SER C 82 -25.51 18.32 -25.06
C SER C 82 -26.23 18.02 -26.36
N GLN C 83 -27.23 18.86 -26.66
CA GLN C 83 -28.03 18.77 -27.87
C GLN C 83 -28.75 20.11 -27.99
N SER C 84 -29.43 20.35 -29.12
CA SER C 84 -30.11 21.62 -29.30
C SER C 84 -31.18 21.82 -28.23
N ILE C 85 -31.46 23.08 -27.93
CA ILE C 85 -32.46 23.42 -26.94
C ILE C 85 -33.81 22.83 -27.36
N GLU C 86 -34.13 22.99 -28.64
CA GLU C 86 -35.37 22.48 -29.19
C GLU C 86 -35.54 20.98 -29.00
N SER C 87 -34.51 20.20 -29.33
CA SER C 87 -34.60 18.75 -29.19
C SER C 87 -34.67 18.31 -27.72
N GLN C 88 -33.96 19.01 -26.85
CA GLN C 88 -33.99 18.65 -25.43
C GLN C 88 -35.38 18.96 -24.85
N ALA C 89 -35.91 20.12 -25.21
CA ALA C 89 -37.24 20.52 -24.75
C ALA C 89 -38.28 19.50 -25.20
N ALA C 90 -38.12 19.00 -26.43
CA ALA C 90 -39.04 18.02 -26.99
C ALA C 90 -38.99 16.73 -26.18
N MET C 91 -37.80 16.31 -25.78
CA MET C 91 -37.66 15.09 -24.98
C MET C 91 -38.36 15.26 -23.63
N VAL C 92 -38.11 16.39 -22.99
CA VAL C 92 -38.73 16.67 -21.70
C VAL C 92 -40.25 16.67 -21.83
N HIS C 93 -40.74 17.32 -22.87
CA HIS C 93 -42.18 17.40 -23.11
C HIS C 93 -42.78 16.00 -23.31
N ALA C 94 -42.11 15.15 -24.08
CA ALA C 94 -42.60 13.81 -24.34
C ALA C 94 -42.71 13.00 -23.05
N VAL C 95 -41.74 13.16 -22.15
CA VAL C 95 -41.75 12.44 -20.89
C VAL C 95 -42.87 12.95 -19.99
N LYS C 96 -43.01 14.26 -19.92
CA LYS C 96 -44.04 14.88 -19.07
C LYS C 96 -45.45 14.58 -19.53
N ASN C 97 -45.63 14.38 -20.83
CA ASN C 97 -46.96 14.11 -21.36
C ASN C 97 -47.15 12.69 -21.84
N PHE C 98 -46.30 11.78 -21.33
CA PHE C 98 -46.40 10.38 -21.72
C PHE C 98 -47.72 9.79 -21.23
N ARG C 104 -48.30 11.71 -13.69
CA ARG C 104 -47.29 12.46 -14.42
C ARG C 104 -45.89 12.13 -13.89
N TYR C 105 -45.04 11.63 -14.77
CA TYR C 105 -43.68 11.27 -14.41
C TYR C 105 -42.79 12.49 -14.21
N LEU C 106 -41.90 12.42 -13.22
CA LEU C 106 -40.98 13.50 -12.95
C LEU C 106 -39.82 13.39 -13.94
N VAL C 107 -39.24 14.52 -14.30
CA VAL C 107 -38.12 14.50 -15.23
C VAL C 107 -37.27 15.75 -15.04
N GLY C 108 -35.96 15.57 -15.12
CA GLY C 108 -35.05 16.69 -14.97
C GLY C 108 -34.38 16.99 -16.29
N ALA C 109 -33.58 18.04 -16.33
CA ALA C 109 -32.91 18.42 -17.57
C ALA C 109 -31.61 19.16 -17.24
N GLY C 110 -30.55 18.83 -17.96
CA GLY C 110 -29.28 19.48 -17.74
C GLY C 110 -29.18 20.76 -18.52
N ILE C 111 -28.48 21.75 -17.97
CA ILE C 111 -28.28 23.03 -18.63
C ILE C 111 -26.80 23.38 -18.51
N ASN C 112 -26.35 24.37 -19.26
CA ASN C 112 -24.97 24.78 -19.20
C ASN C 112 -24.88 26.25 -18.81
N THR C 113 -23.66 26.72 -18.54
CA THR C 113 -23.47 28.10 -18.10
C THR C 113 -23.38 29.13 -19.22
N ARG C 114 -23.71 28.73 -20.45
CA ARG C 114 -23.60 29.64 -21.58
C ARG C 114 -24.96 30.09 -22.18
N ASP C 115 -25.76 29.13 -22.64
CA ASP C 115 -27.04 29.48 -23.27
C ASP C 115 -28.26 29.36 -22.37
N PHE C 116 -28.05 29.46 -21.06
CA PHE C 116 -29.15 29.33 -20.11
C PHE C 116 -30.31 30.33 -20.29
N ARG C 117 -30.01 31.52 -20.79
CA ARG C 117 -31.07 32.52 -20.97
C ARG C 117 -32.12 32.04 -21.97
N GLU C 118 -31.71 31.16 -22.89
CA GLU C 118 -32.62 30.62 -23.88
C GLU C 118 -33.06 29.19 -23.53
N ARG C 119 -32.13 28.39 -23.02
CA ARG C 119 -32.44 27.00 -22.68
C ARG C 119 -33.38 26.84 -21.50
N VAL C 120 -33.17 27.62 -20.45
CA VAL C 120 -34.01 27.51 -19.25
C VAL C 120 -35.49 27.76 -19.54
N PRO C 121 -35.84 28.88 -20.18
CA PRO C 121 -37.25 29.14 -20.47
C PRO C 121 -37.89 28.00 -21.25
N ALA C 122 -37.14 27.50 -22.24
CA ALA C 122 -37.64 26.40 -23.07
C ALA C 122 -37.88 25.14 -22.26
N LEU C 123 -36.99 24.84 -21.32
CA LEU C 123 -37.14 23.65 -20.49
C LEU C 123 -38.26 23.80 -19.48
N VAL C 124 -38.40 24.99 -18.90
CA VAL C 124 -39.47 25.24 -17.93
C VAL C 124 -40.79 25.09 -18.67
N GLU C 125 -40.86 25.66 -19.86
CA GLU C 125 -42.04 25.61 -20.71
C GLU C 125 -42.41 24.17 -21.04
N ALA C 126 -41.39 23.34 -21.29
CA ALA C 126 -41.60 21.95 -21.63
C ALA C 126 -42.10 21.12 -20.45
N GLY C 127 -41.97 21.68 -19.24
CA GLY C 127 -42.44 20.97 -18.06
C GLY C 127 -41.39 20.29 -17.19
N ALA C 128 -40.13 20.64 -17.36
CA ALA C 128 -39.08 20.04 -16.54
C ALA C 128 -39.33 20.34 -15.07
N ASP C 129 -39.21 19.33 -14.21
CA ASP C 129 -39.45 19.51 -12.78
C ASP C 129 -38.23 20.09 -12.06
N VAL C 130 -37.05 19.85 -12.60
CA VAL C 130 -35.82 20.35 -11.97
C VAL C 130 -34.73 20.43 -13.02
N LEU C 131 -33.80 21.36 -12.83
CA LEU C 131 -32.70 21.53 -13.76
C LEU C 131 -31.39 21.24 -13.03
N CYS C 132 -30.31 21.09 -13.77
CA CYS C 132 -29.01 20.84 -13.15
C CYS C 132 -27.90 21.27 -14.08
N ILE C 133 -27.03 22.16 -13.59
CA ILE C 133 -25.91 22.63 -14.40
C ILE C 133 -24.95 21.46 -14.55
N ASP C 134 -24.58 21.17 -15.80
CA ASP C 134 -23.67 20.06 -16.11
C ASP C 134 -22.26 20.60 -16.31
N SER C 135 -21.42 20.46 -15.29
CA SER C 135 -20.04 20.93 -15.36
C SER C 135 -19.08 20.01 -14.63
N SER C 136 -17.90 19.82 -15.22
CA SER C 136 -16.87 18.97 -14.62
C SER C 136 -16.41 19.62 -13.32
N ASP C 137 -16.13 20.92 -13.39
CA ASP C 137 -15.68 21.70 -12.24
C ASP C 137 -16.67 22.83 -12.03
N GLY C 138 -17.59 22.64 -11.08
CA GLY C 138 -18.61 23.64 -10.80
C GLY C 138 -18.24 24.74 -9.83
N PHE C 139 -17.02 24.73 -9.31
CA PHE C 139 -16.60 25.76 -8.37
C PHE C 139 -16.24 26.99 -9.21
N SER C 140 -17.24 27.69 -9.72
CA SER C 140 -16.98 28.85 -10.55
C SER C 140 -18.04 29.93 -10.51
N GLU C 141 -17.62 31.14 -10.86
CA GLU C 141 -18.51 32.29 -10.91
C GLU C 141 -19.55 32.08 -12.00
N TRP C 142 -19.19 31.29 -13.02
CA TRP C 142 -20.11 31.00 -14.11
C TRP C 142 -21.38 30.33 -13.58
N GLN C 143 -21.20 29.40 -12.62
CA GLN C 143 -22.37 28.73 -12.06
C GLN C 143 -23.16 29.69 -11.18
N LYS C 144 -22.44 30.54 -10.45
CA LYS C 144 -23.10 31.51 -9.58
C LYS C 144 -23.96 32.46 -10.42
N ILE C 145 -23.42 32.87 -11.57
CA ILE C 145 -24.13 33.75 -12.48
C ILE C 145 -25.38 33.07 -13.03
N THR C 146 -25.25 31.81 -13.42
CA THR C 146 -26.37 31.04 -13.96
C THR C 146 -27.49 30.90 -12.93
N ILE C 147 -27.13 30.49 -11.72
CA ILE C 147 -28.11 30.32 -10.67
C ILE C 147 -28.76 31.66 -10.33
N GLY C 148 -27.93 32.71 -10.30
CA GLY C 148 -28.45 34.04 -10.01
C GLY C 148 -29.49 34.51 -11.01
N TRP C 149 -29.27 34.22 -12.29
CA TRP C 149 -30.19 34.61 -13.34
C TRP C 149 -31.52 33.90 -13.14
N ILE C 150 -31.45 32.60 -12.87
CA ILE C 150 -32.64 31.79 -12.66
C ILE C 150 -33.45 32.34 -11.49
N ARG C 151 -32.78 32.65 -10.38
CA ARG C 151 -33.45 33.20 -9.21
C ARG C 151 -34.08 34.56 -9.53
N GLU C 152 -33.36 35.32 -10.33
CA GLU C 152 -33.80 36.65 -10.75
C GLU C 152 -35.09 36.57 -11.54
N LYS C 153 -35.15 35.63 -12.47
CA LYS C 153 -36.32 35.45 -13.33
C LYS C 153 -37.44 34.58 -12.77
N TYR C 154 -37.10 33.56 -11.99
CA TYR C 154 -38.13 32.65 -11.45
C TYR C 154 -38.22 32.54 -9.94
N GLY C 155 -37.34 33.20 -9.21
CA GLY C 155 -37.38 33.08 -7.76
C GLY C 155 -37.15 31.63 -7.39
N ASP C 156 -37.90 31.11 -6.42
CA ASP C 156 -37.77 29.73 -5.98
C ASP C 156 -38.66 28.76 -6.75
N LYS C 157 -39.36 29.25 -7.77
CA LYS C 157 -40.25 28.39 -8.56
C LYS C 157 -39.50 27.38 -9.40
N VAL C 158 -38.29 27.72 -9.83
CA VAL C 158 -37.50 26.81 -10.64
C VAL C 158 -36.38 26.24 -9.78
N LYS C 159 -36.26 24.91 -9.78
CA LYS C 159 -35.24 24.25 -8.99
C LYS C 159 -34.03 23.94 -9.87
N VAL C 160 -32.85 24.31 -9.40
CA VAL C 160 -31.64 24.07 -10.16
C VAL C 160 -30.52 23.48 -9.33
N GLY C 161 -30.01 22.33 -9.76
CA GLY C 161 -28.91 21.69 -9.06
C GLY C 161 -27.64 22.28 -9.62
N ALA C 162 -26.54 22.12 -8.92
CA ALA C 162 -25.31 22.71 -9.42
C ALA C 162 -24.06 22.04 -8.98
N GLY C 163 -22.98 22.54 -9.57
CA GLY C 163 -21.65 22.12 -9.24
C GLY C 163 -20.89 20.96 -9.83
N ASN C 164 -20.40 20.23 -8.85
CA ASN C 164 -19.54 19.08 -8.91
C ASN C 164 -18.31 19.74 -8.36
N ILE C 165 -18.29 19.65 -7.04
CA ILE C 165 -17.26 20.18 -6.20
C ILE C 165 -16.85 18.94 -5.42
N VAL C 166 -15.74 19.01 -4.70
CA VAL C 166 -15.26 17.86 -3.96
C VAL C 166 -14.83 18.20 -2.54
N ASP C 167 -15.09 19.43 -2.11
CA ASP C 167 -14.73 19.82 -0.76
C ASP C 167 -15.71 20.83 -0.15
N GLY C 168 -15.52 21.13 1.12
CA GLY C 168 -16.38 22.06 1.82
C GLY C 168 -16.42 23.45 1.20
N GLU C 169 -15.28 23.96 0.75
CA GLU C 169 -15.24 25.28 0.14
C GLU C 169 -16.15 25.38 -1.08
N GLY C 170 -16.06 24.39 -1.97
CA GLY C 170 -16.89 24.38 -3.15
C GLY C 170 -18.37 24.31 -2.81
N PHE C 171 -18.72 23.44 -1.87
CA PHE C 171 -20.11 23.30 -1.45
C PHE C 171 -20.64 24.64 -0.93
N ARG C 172 -19.88 25.25 -0.04
CA ARG C 172 -20.25 26.53 0.56
C ARG C 172 -20.52 27.60 -0.49
N TYR C 173 -19.66 27.66 -1.50
CA TYR C 173 -19.82 28.65 -2.57
C TYR C 173 -21.13 28.47 -3.33
N LEU C 174 -21.42 27.24 -3.73
CA LEU C 174 -22.64 26.96 -4.48
C LEU C 174 -23.89 27.06 -3.61
N ALA C 175 -23.75 26.77 -2.32
CA ALA C 175 -24.88 26.87 -1.38
C ALA C 175 -25.26 28.34 -1.26
N ASP C 176 -24.26 29.18 -1.05
CA ASP C 176 -24.50 30.62 -0.94
C ASP C 176 -25.03 31.17 -2.26
N ALA C 177 -24.65 30.53 -3.37
CA ALA C 177 -25.10 30.96 -4.68
C ALA C 177 -26.59 30.69 -4.87
N GLY C 178 -27.13 29.78 -4.07
CA GLY C 178 -28.55 29.44 -4.15
C GLY C 178 -28.93 28.11 -4.79
N ALA C 179 -27.98 27.21 -4.99
CA ALA C 179 -28.27 25.91 -5.59
C ALA C 179 -29.27 25.13 -4.75
N ASP C 180 -30.17 24.39 -5.41
CA ASP C 180 -31.17 23.60 -4.71
C ASP C 180 -30.63 22.24 -4.25
N PHE C 181 -29.57 21.79 -4.91
CA PHE C 181 -28.89 20.55 -4.54
C PHE C 181 -27.51 20.66 -5.15
N ILE C 182 -26.51 20.03 -4.53
CA ILE C 182 -25.15 20.12 -5.02
C ILE C 182 -24.55 18.76 -5.35
N LYS C 183 -24.00 18.65 -6.55
CA LYS C 183 -23.42 17.41 -7.05
C LYS C 183 -21.92 17.29 -6.69
N ILE C 184 -21.55 16.11 -6.22
CA ILE C 184 -20.19 15.82 -5.77
C ILE C 184 -19.40 14.88 -6.69
N GLY C 185 -18.14 15.21 -6.93
CA GLY C 185 -17.32 14.32 -7.75
C GLY C 185 -16.62 14.86 -8.97
N ILE C 186 -15.31 14.61 -9.04
CA ILE C 186 -14.52 15.02 -10.18
C ILE C 186 -13.55 13.89 -10.55
N GLY C 187 -13.71 13.35 -11.75
CA GLY C 187 -12.81 12.30 -12.21
C GLY C 187 -13.12 10.86 -11.87
N GLY C 188 -14.14 10.61 -11.07
CA GLY C 188 -14.47 9.25 -10.70
C GLY C 188 -15.27 8.46 -11.73
N GLY C 189 -15.81 9.15 -12.73
CA GLY C 189 -16.60 8.48 -13.75
C GLY C 189 -15.86 7.36 -14.48
N SER C 190 -16.58 6.28 -14.76
CA SER C 190 -16.02 5.12 -15.45
C SER C 190 -15.37 5.45 -16.78
N ILE C 191 -15.94 6.41 -17.52
CA ILE C 191 -15.39 6.80 -18.82
C ILE C 191 -14.60 8.11 -18.78
N CYS C 192 -14.31 8.58 -17.57
CA CYS C 192 -13.59 9.83 -17.38
C CYS C 192 -12.08 9.68 -17.22
N ILE C 193 -11.32 10.52 -17.92
CA ILE C 193 -9.86 10.51 -17.81
C ILE C 193 -9.33 11.90 -17.46
N THR C 194 -10.18 12.71 -16.84
CA THR C 194 -9.80 14.06 -16.42
C THR C 194 -8.62 14.05 -15.46
N ARG C 195 -8.64 13.15 -14.49
CA ARG C 195 -7.56 13.08 -13.51
C ARG C 195 -6.21 12.75 -14.13
N GLU C 196 -6.24 12.07 -15.27
CA GLU C 196 -5.00 11.70 -15.96
C GLU C 196 -4.60 12.74 -17.00
N GLN C 197 -5.56 13.55 -17.44
CA GLN C 197 -5.28 14.59 -18.43
C GLN C 197 -4.92 15.94 -17.79
N LYS C 198 -5.63 16.31 -16.73
CA LYS C 198 -5.42 17.59 -16.06
C LYS C 198 -4.85 17.51 -14.65
N GLY C 199 -4.96 16.34 -14.03
CA GLY C 199 -4.43 16.20 -12.68
C GLY C 199 -5.30 16.80 -11.61
N ILE C 200 -6.59 16.96 -11.87
CA ILE C 200 -7.51 17.49 -10.87
C ILE C 200 -8.51 16.42 -10.46
N GLY C 201 -9.00 16.50 -9.24
CA GLY C 201 -9.96 15.52 -8.77
C GLY C 201 -9.72 15.09 -7.35
N ARG C 202 -10.48 14.11 -6.89
CA ARG C 202 -10.37 13.61 -5.52
C ARG C 202 -11.12 12.28 -5.45
N GLY C 203 -10.66 11.39 -4.57
CA GLY C 203 -11.33 10.11 -4.41
C GLY C 203 -12.78 10.39 -4.09
N GLN C 204 -13.70 9.70 -4.77
CA GLN C 204 -15.13 9.93 -4.59
C GLN C 204 -15.62 9.84 -3.15
N ALA C 205 -15.20 8.80 -2.41
CA ALA C 205 -15.64 8.66 -1.02
C ALA C 205 -15.21 9.84 -0.16
N THR C 206 -13.92 10.18 -0.23
CA THR C 206 -13.40 11.30 0.55
C THR C 206 -14.16 12.59 0.21
N ALA C 207 -14.46 12.77 -1.07
CA ALA C 207 -15.19 13.95 -1.52
C ALA C 207 -16.58 14.00 -0.88
N VAL C 208 -17.30 12.89 -0.92
CA VAL C 208 -18.64 12.84 -0.34
C VAL C 208 -18.58 13.12 1.16
N ILE C 209 -17.69 12.43 1.87
CA ILE C 209 -17.54 12.62 3.30
C ILE C 209 -17.23 14.07 3.69
N ASP C 210 -16.34 14.71 2.95
CA ASP C 210 -15.95 16.09 3.23
C ASP C 210 -17.09 17.07 2.95
N VAL C 211 -17.73 16.89 1.80
CA VAL C 211 -18.85 17.77 1.43
C VAL C 211 -20.02 17.63 2.39
N VAL C 212 -20.32 16.40 2.78
CA VAL C 212 -21.41 16.13 3.71
C VAL C 212 -21.16 16.82 5.06
N ALA C 213 -19.90 16.78 5.51
CA ALA C 213 -19.55 17.42 6.78
C ALA C 213 -19.86 18.91 6.69
N GLU C 214 -19.51 19.52 5.56
CA GLU C 214 -19.76 20.95 5.39
C GLU C 214 -21.26 21.22 5.25
N ARG C 215 -21.96 20.32 4.56
CA ARG C 215 -23.41 20.47 4.37
C ARG C 215 -24.13 20.45 5.72
N ASN C 216 -23.68 19.60 6.64
CA ASN C 216 -24.29 19.51 7.95
C ASN C 216 -24.00 20.73 8.80
N LYS C 217 -22.83 21.33 8.61
CA LYS C 217 -22.48 22.54 9.36
C LYS C 217 -23.35 23.67 8.82
N TYR C 218 -23.50 23.71 7.51
CA TYR C 218 -24.29 24.72 6.84
C TYR C 218 -25.74 24.66 7.33
N PHE C 219 -26.25 23.44 7.47
CA PHE C 219 -27.63 23.21 7.95
C PHE C 219 -27.82 23.76 9.36
N GLU C 220 -26.86 23.48 10.23
CA GLU C 220 -26.95 23.96 11.61
C GLU C 220 -26.85 25.48 11.68
N GLU C 221 -26.10 26.06 10.77
CA GLU C 221 -25.92 27.51 10.71
C GLU C 221 -27.11 28.25 10.14
N THR C 222 -27.67 27.74 9.05
CA THR C 222 -28.77 28.41 8.35
C THR C 222 -30.16 27.80 8.50
N GLY C 223 -30.24 26.56 8.96
CA GLY C 223 -31.54 25.92 9.08
C GLY C 223 -32.00 25.42 7.71
N ILE C 224 -31.11 25.51 6.72
CA ILE C 224 -31.42 25.06 5.37
C ILE C 224 -30.68 23.77 5.05
N TYR C 225 -31.44 22.73 4.69
CA TYR C 225 -30.84 21.45 4.35
C TYR C 225 -30.72 21.34 2.83
N ILE C 226 -29.48 21.22 2.36
CA ILE C 226 -29.22 21.10 0.93
C ILE C 226 -28.84 19.67 0.57
N PRO C 227 -29.68 18.98 -0.20
CA PRO C 227 -29.37 17.60 -0.57
C PRO C 227 -28.10 17.57 -1.43
N VAL C 228 -27.29 16.53 -1.29
CA VAL C 228 -26.09 16.43 -2.11
C VAL C 228 -26.15 15.10 -2.87
N CYS C 229 -25.55 15.11 -4.05
CA CYS C 229 -25.55 13.93 -4.91
C CYS C 229 -24.14 13.41 -5.17
N SER C 230 -23.93 12.11 -4.94
CA SER C 230 -22.64 11.50 -5.21
C SER C 230 -22.71 11.11 -6.68
N ASP C 231 -21.93 11.82 -7.49
CA ASP C 231 -21.95 11.60 -8.92
C ASP C 231 -20.72 10.90 -9.50
N GLY C 232 -20.92 9.68 -10.01
CA GLY C 232 -19.84 8.93 -10.61
C GLY C 232 -19.09 7.96 -9.71
N GLY C 233 -18.47 6.96 -10.33
CA GLY C 233 -17.68 6.00 -9.57
C GLY C 233 -18.37 4.78 -8.99
N ILE C 234 -19.70 4.70 -9.11
CA ILE C 234 -20.41 3.55 -8.57
C ILE C 234 -20.14 2.34 -9.49
N VAL C 235 -19.50 1.32 -8.91
CA VAL C 235 -19.17 0.11 -9.67
C VAL C 235 -20.02 -1.08 -9.22
N TYR C 236 -20.12 -1.27 -7.91
CA TYR C 236 -20.90 -2.38 -7.38
C TYR C 236 -22.10 -1.86 -6.61
N ASP C 237 -23.13 -2.68 -6.49
CA ASP C 237 -24.33 -2.29 -5.77
C ASP C 237 -24.03 -1.81 -4.35
N TYR C 238 -23.09 -2.44 -3.66
CA TYR C 238 -22.79 -2.02 -2.29
C TYR C 238 -22.18 -0.62 -2.25
N HIS C 239 -21.67 -0.15 -3.38
CA HIS C 239 -21.10 1.20 -3.45
C HIS C 239 -22.25 2.19 -3.23
N MET C 240 -23.44 1.83 -3.66
CA MET C 240 -24.60 2.70 -3.50
C MET C 240 -24.85 2.89 -2.01
N THR C 241 -24.87 1.78 -1.27
CA THR C 241 -25.11 1.81 0.17
C THR C 241 -24.05 2.66 0.87
N LEU C 242 -22.80 2.51 0.46
CA LEU C 242 -21.72 3.28 1.06
C LEU C 242 -21.92 4.78 0.83
N ALA C 243 -22.21 5.15 -0.41
CA ALA C 243 -22.41 6.57 -0.73
C ALA C 243 -23.52 7.16 0.13
N LEU C 244 -24.64 6.45 0.24
CA LEU C 244 -25.75 6.93 1.04
C LEU C 244 -25.36 7.01 2.52
N ALA C 245 -24.70 5.97 3.03
CA ALA C 245 -24.29 5.95 4.42
C ALA C 245 -23.34 7.12 4.73
N MET C 246 -22.50 7.47 3.79
CA MET C 246 -21.56 8.58 3.97
C MET C 246 -22.25 9.94 3.99
N GLY C 247 -23.53 9.99 3.65
CA GLY C 247 -24.24 11.26 3.68
C GLY C 247 -24.92 11.73 2.41
N ALA C 248 -24.62 11.08 1.28
CA ALA C 248 -25.24 11.46 0.02
C ALA C 248 -26.74 11.17 0.10
N ASP C 249 -27.56 12.09 -0.40
CA ASP C 249 -29.01 11.91 -0.39
C ASP C 249 -29.43 11.06 -1.58
N PHE C 250 -28.77 11.27 -2.71
CA PHE C 250 -29.04 10.46 -3.89
C PHE C 250 -27.77 10.25 -4.68
N ILE C 251 -27.82 9.32 -5.63
CA ILE C 251 -26.67 8.95 -6.42
C ILE C 251 -26.91 9.10 -7.91
N MET C 252 -25.94 9.70 -8.62
CA MET C 252 -26.07 9.85 -10.06
C MET C 252 -25.17 8.81 -10.70
N LEU C 253 -25.74 8.05 -11.63
CA LEU C 253 -24.97 7.00 -12.30
C LEU C 253 -25.09 7.06 -13.82
N GLY C 254 -23.98 6.75 -14.49
CA GLY C 254 -23.96 6.74 -15.94
C GLY C 254 -23.86 5.29 -16.40
N ARG C 255 -22.70 4.69 -16.17
CA ARG C 255 -22.43 3.30 -16.56
C ARG C 255 -23.52 2.33 -16.15
N TYR C 256 -23.94 2.43 -14.89
CA TYR C 256 -24.97 1.56 -14.34
C TYR C 256 -26.21 1.49 -15.23
N PHE C 257 -26.67 2.65 -15.70
CA PHE C 257 -27.86 2.73 -16.55
C PHE C 257 -27.61 2.52 -18.04
N ALA C 258 -26.41 2.85 -18.51
CA ALA C 258 -26.07 2.69 -19.92
C ALA C 258 -26.17 1.23 -20.35
N ARG C 259 -26.02 0.32 -19.40
CA ARG C 259 -26.08 -1.11 -19.68
C ARG C 259 -27.50 -1.64 -19.93
N PHE C 260 -28.50 -0.84 -19.60
CA PHE C 260 -29.89 -1.28 -19.76
C PHE C 260 -30.54 -1.09 -21.13
N GLU C 261 -31.57 -1.90 -21.37
CA GLU C 261 -32.33 -1.85 -22.61
C GLU C 261 -32.83 -0.45 -22.91
N GLU C 262 -33.20 0.28 -21.85
CA GLU C 262 -33.73 1.62 -22.00
C GLU C 262 -32.74 2.73 -22.37
N SER C 263 -31.44 2.47 -22.27
CA SER C 263 -30.47 3.51 -22.62
C SER C 263 -30.60 3.74 -24.13
N PRO C 264 -30.43 4.99 -24.59
CA PRO C 264 -30.55 5.34 -26.00
C PRO C 264 -29.47 4.85 -26.96
N THR C 265 -28.53 4.05 -26.49
CA THR C 265 -27.46 3.56 -27.36
C THR C 265 -27.75 2.21 -28.00
N ARG C 266 -26.93 1.86 -28.98
CA ARG C 266 -27.07 0.60 -29.70
C ARG C 266 -26.42 -0.56 -28.99
N LYS C 267 -27.01 -1.75 -29.16
CA LYS C 267 -26.46 -2.95 -28.57
C LYS C 267 -25.52 -3.51 -29.62
N VAL C 268 -24.31 -3.88 -29.21
CA VAL C 268 -23.32 -4.41 -30.13
C VAL C 268 -22.64 -5.63 -29.53
N THR C 269 -22.36 -6.61 -30.38
CA THR C 269 -21.71 -7.83 -29.93
C THR C 269 -20.19 -7.72 -30.08
N ILE C 270 -19.47 -7.85 -28.97
CA ILE C 270 -18.01 -7.79 -28.99
C ILE C 270 -17.48 -9.08 -28.37
N ASN C 271 -16.94 -9.95 -29.22
CA ASN C 271 -16.38 -11.22 -28.77
C ASN C 271 -17.41 -12.12 -28.12
N GLY C 272 -18.53 -12.33 -28.81
CA GLY C 272 -19.58 -13.19 -28.28
C GLY C 272 -20.36 -12.62 -27.11
N SER C 273 -20.06 -11.39 -26.71
CA SER C 273 -20.76 -10.77 -25.60
C SER C 273 -21.60 -9.59 -26.07
N VAL C 274 -22.86 -9.55 -25.66
CA VAL C 274 -23.72 -8.44 -26.05
C VAL C 274 -23.37 -7.23 -25.19
N MET C 275 -23.02 -6.13 -25.83
CA MET C 275 -22.63 -4.91 -25.15
C MET C 275 -23.51 -3.75 -25.57
N LYS C 276 -23.32 -2.62 -24.91
CA LYS C 276 -24.04 -1.39 -25.24
C LYS C 276 -22.98 -0.30 -25.33
N GLU C 277 -23.20 0.67 -26.21
CA GLU C 277 -22.28 1.79 -26.36
C GLU C 277 -22.43 2.73 -25.17
N TYR C 278 -21.31 3.29 -24.73
CA TYR C 278 -21.31 4.23 -23.62
C TYR C 278 -20.09 5.13 -23.79
N TRP C 279 -20.31 6.43 -23.88
CA TRP C 279 -19.20 7.36 -24.05
C TRP C 279 -19.31 8.58 -23.15
N GLY C 280 -18.16 9.17 -22.82
CA GLY C 280 -18.14 10.33 -21.95
C GLY C 280 -18.52 11.60 -22.68
N GLU C 281 -19.04 12.57 -21.94
CA GLU C 281 -19.43 13.84 -22.52
C GLU C 281 -18.18 14.61 -22.96
N GLY C 282 -17.04 14.19 -22.42
CA GLY C 282 -15.78 14.82 -22.75
C GLY C 282 -15.03 14.13 -23.87
N SER C 283 -15.67 13.16 -24.51
CA SER C 283 -15.03 12.44 -25.62
C SER C 283 -15.33 13.19 -26.91
N SER C 284 -14.53 12.97 -27.94
CA SER C 284 -14.73 13.65 -29.21
C SER C 284 -16.08 13.27 -29.80
N ARG C 285 -16.61 12.11 -29.40
CA ARG C 285 -17.90 11.66 -29.91
C ARG C 285 -19.05 12.56 -29.43
N ALA C 286 -19.02 12.93 -28.14
CA ALA C 286 -20.06 13.76 -27.57
C ALA C 286 -19.82 15.25 -27.85
N ARG C 287 -18.57 15.67 -27.72
CA ARG C 287 -18.22 17.07 -27.96
C ARG C 287 -18.97 18.05 -27.06
N ASN C 288 -19.20 17.65 -25.81
CA ASN C 288 -19.89 18.53 -24.86
C ASN C 288 -18.86 19.48 -24.27
N TRP C 289 -18.43 20.47 -25.06
CA TRP C 289 -17.42 21.42 -24.60
C TRP C 289 -17.91 22.33 -23.47
N GLN C 290 -19.22 22.57 -23.40
CA GLN C 290 -19.76 23.43 -22.35
C GLN C 290 -19.47 22.87 -20.96
N ARG C 291 -19.46 21.56 -20.84
CA ARG C 291 -19.19 20.88 -19.57
C ARG C 291 -17.78 21.17 -19.04
N TYR C 292 -16.85 21.50 -19.94
CA TYR C 292 -15.47 21.79 -19.54
C TYR C 292 -15.08 23.23 -19.83
N ASP C 293 -16.08 24.05 -20.13
CA ASP C 293 -15.88 25.45 -20.47
C ASP C 293 -15.22 26.29 -19.38
N LEU C 294 -14.19 27.02 -19.77
CA LEU C 294 -13.45 27.90 -18.86
C LEU C 294 -13.41 29.29 -19.47
N GLY C 295 -14.45 29.64 -20.20
CA GLY C 295 -14.52 30.95 -20.83
C GLY C 295 -13.72 31.06 -22.11
N GLY C 296 -13.27 29.92 -22.63
CA GLY C 296 -12.49 29.92 -23.85
C GLY C 296 -13.30 29.72 -25.12
N LYS C 297 -12.68 29.12 -26.12
CA LYS C 297 -13.34 28.86 -27.41
C LYS C 297 -14.43 27.81 -27.26
N GLN C 298 -15.48 27.96 -28.06
CA GLN C 298 -16.62 27.03 -28.04
C GLN C 298 -16.28 25.69 -28.68
N LYS C 299 -15.26 25.03 -28.14
CA LYS C 299 -14.83 23.73 -28.65
C LYS C 299 -14.05 22.99 -27.57
N LEU C 300 -13.94 21.68 -27.73
CA LEU C 300 -13.22 20.85 -26.76
C LEU C 300 -11.72 21.01 -27.01
N SER C 301 -11.01 21.58 -26.04
CA SER C 301 -9.56 21.78 -26.16
C SER C 301 -8.82 20.45 -26.30
N PHE C 302 -9.30 19.44 -25.60
CA PHE C 302 -8.73 18.11 -25.63
C PHE C 302 -9.71 17.16 -24.96
N GLU C 303 -9.60 15.86 -25.23
CA GLU C 303 -10.52 14.89 -24.66
C GLU C 303 -10.32 14.64 -23.17
N GLU C 304 -11.42 14.47 -22.45
CA GLU C 304 -11.37 14.20 -21.02
C GLU C 304 -12.24 12.98 -20.72
N GLY C 305 -12.72 12.34 -21.79
CA GLY C 305 -13.55 11.16 -21.67
C GLY C 305 -13.31 10.22 -22.83
N VAL C 306 -13.73 8.97 -22.70
CA VAL C 306 -13.52 8.00 -23.76
C VAL C 306 -14.82 7.40 -24.32
N ASP C 307 -14.69 6.72 -25.45
CA ASP C 307 -15.81 6.05 -26.11
C ASP C 307 -15.62 4.59 -25.73
N SER C 308 -16.68 3.91 -25.30
CA SER C 308 -16.51 2.52 -24.86
C SER C 308 -17.73 1.63 -24.98
N TYR C 309 -17.58 0.42 -24.45
CA TYR C 309 -18.65 -0.58 -24.43
C TYR C 309 -18.80 -1.09 -23.00
N VAL C 310 -20.05 -1.34 -22.61
CA VAL C 310 -20.34 -1.87 -21.29
C VAL C 310 -21.23 -3.08 -21.50
N PRO C 311 -21.17 -4.06 -20.57
CA PRO C 311 -22.00 -5.25 -20.72
C PRO C 311 -23.50 -4.98 -20.67
N TYR C 312 -24.26 -5.62 -21.56
CA TYR C 312 -25.70 -5.45 -21.59
C TYR C 312 -26.25 -6.16 -20.36
N ALA C 313 -27.08 -5.47 -19.58
CA ALA C 313 -27.60 -6.06 -18.36
C ALA C 313 -29.11 -6.31 -18.34
N GLY C 314 -29.80 -5.96 -19.42
CA GLY C 314 -31.23 -6.19 -19.46
C GLY C 314 -32.09 -4.99 -19.17
N LYS C 315 -33.27 -5.23 -18.60
CA LYS C 315 -34.21 -4.15 -18.29
C LYS C 315 -33.88 -3.43 -17.00
N LEU C 316 -34.09 -2.12 -16.99
CA LEU C 316 -33.83 -1.28 -15.83
C LEU C 316 -34.59 -1.76 -14.59
N LYS C 317 -35.89 -1.99 -14.75
CA LYS C 317 -36.72 -2.45 -13.64
C LYS C 317 -36.13 -3.63 -12.88
N ASP C 318 -35.76 -4.69 -13.60
CA ASP C 318 -35.21 -5.89 -12.96
C ASP C 318 -33.88 -5.63 -12.26
N ASN C 319 -33.02 -4.85 -12.90
CA ASN C 319 -31.72 -4.54 -12.32
C ASN C 319 -31.82 -3.64 -11.11
N VAL C 320 -32.62 -2.59 -11.21
CA VAL C 320 -32.79 -1.67 -10.10
C VAL C 320 -33.39 -2.41 -8.91
N GLU C 321 -34.30 -3.33 -9.17
CA GLU C 321 -34.93 -4.10 -8.10
C GLU C 321 -33.86 -4.94 -7.39
N ALA C 322 -33.03 -5.62 -8.17
CA ALA C 322 -31.97 -6.45 -7.60
C ALA C 322 -30.97 -5.62 -6.79
N SER C 323 -30.56 -4.48 -7.33
CA SER C 323 -29.60 -3.61 -6.66
C SER C 323 -30.14 -3.11 -5.32
N LEU C 324 -31.35 -2.57 -5.34
CA LEU C 324 -31.96 -2.03 -4.13
C LEU C 324 -32.29 -3.08 -3.08
N ASN C 325 -32.49 -4.32 -3.50
CA ASN C 325 -32.77 -5.39 -2.53
C ASN C 325 -31.51 -5.58 -1.70
N LYS C 326 -30.35 -5.41 -2.33
CA LYS C 326 -29.08 -5.56 -1.61
C LYS C 326 -28.90 -4.36 -0.67
N VAL C 327 -29.26 -3.17 -1.16
CA VAL C 327 -29.15 -1.96 -0.37
C VAL C 327 -30.04 -2.06 0.86
N LYS C 328 -31.30 -2.44 0.66
CA LYS C 328 -32.24 -2.57 1.78
C LYS C 328 -31.78 -3.62 2.78
N SER C 329 -31.26 -4.74 2.30
CA SER C 329 -30.78 -5.80 3.18
C SER C 329 -29.64 -5.31 4.06
N THR C 330 -28.69 -4.59 3.46
CA THR C 330 -27.56 -4.07 4.20
C THR C 330 -28.05 -3.04 5.22
N MET C 331 -28.97 -2.18 4.81
CA MET C 331 -29.51 -1.17 5.71
C MET C 331 -30.07 -1.86 6.95
N CYS C 332 -30.73 -3.00 6.76
CA CYS C 332 -31.28 -3.76 7.89
C CYS C 332 -30.16 -4.32 8.78
N ASN C 333 -29.05 -4.75 8.18
CA ASN C 333 -27.93 -5.25 8.97
C ASN C 333 -27.42 -4.11 9.85
N CYS C 334 -27.52 -2.88 9.32
CA CYS C 334 -27.06 -1.69 10.02
C CYS C 334 -28.11 -1.10 10.96
N GLY C 335 -29.29 -1.73 10.98
CA GLY C 335 -30.37 -1.26 11.85
C GLY C 335 -31.09 -0.02 11.36
N ALA C 336 -31.11 0.19 10.05
CA ALA C 336 -31.76 1.38 9.50
C ALA C 336 -32.95 1.06 8.58
N LEU C 337 -34.04 1.78 8.77
CA LEU C 337 -35.23 1.60 7.94
C LEU C 337 -35.46 2.77 7.00
N THR C 338 -34.60 3.79 7.08
CA THR C 338 -34.68 4.97 6.21
C THR C 338 -33.25 5.43 5.92
N ILE C 339 -33.09 6.23 4.87
CA ILE C 339 -31.75 6.71 4.54
C ILE C 339 -31.18 7.60 5.64
N PRO C 340 -32.01 8.51 6.21
CA PRO C 340 -31.45 9.35 7.27
C PRO C 340 -30.97 8.51 8.45
N GLN C 341 -31.69 7.42 8.73
CA GLN C 341 -31.32 6.51 9.82
C GLN C 341 -29.95 5.88 9.53
N LEU C 342 -29.77 5.44 8.29
CA LEU C 342 -28.52 4.82 7.87
C LEU C 342 -27.36 5.80 8.03
N GLN C 343 -27.58 7.03 7.58
CA GLN C 343 -26.55 8.07 7.65
C GLN C 343 -26.17 8.39 9.10
N SER C 344 -27.11 8.16 10.01
CA SER C 344 -26.86 8.41 11.43
C SER C 344 -26.20 7.22 12.12
N LYS C 345 -26.69 6.01 11.83
CA LYS C 345 -26.19 4.79 12.46
C LYS C 345 -24.99 4.10 11.84
N ALA C 346 -24.69 4.39 10.59
CA ALA C 346 -23.57 3.74 9.89
C ALA C 346 -22.23 3.82 10.60
N LYS C 347 -21.52 2.69 10.58
CA LYS C 347 -20.17 2.57 11.16
C LYS C 347 -19.36 2.19 9.91
N ILE C 348 -18.48 3.09 9.50
CA ILE C 348 -17.71 2.90 8.28
C ILE C 348 -16.20 2.83 8.50
N THR C 349 -15.57 1.76 8.03
CA THR C 349 -14.13 1.58 8.19
C THR C 349 -13.40 1.43 6.86
N LEU C 350 -12.14 1.87 6.86
CA LEU C 350 -11.28 1.72 5.69
C LEU C 350 -10.78 0.28 5.81
N VAL C 351 -10.38 -0.31 4.69
CA VAL C 351 -9.94 -1.70 4.64
C VAL C 351 -8.57 -1.83 3.96
N SER C 352 -7.66 -2.58 4.60
CA SER C 352 -6.32 -2.78 4.04
C SER C 352 -6.44 -3.64 2.78
N SER C 353 -5.45 -3.57 1.90
CA SER C 353 -5.48 -4.35 0.67
C SER C 353 -5.52 -5.85 0.95
N VAL C 354 -4.85 -6.27 2.01
CA VAL C 354 -4.84 -7.70 2.37
C VAL C 354 -6.24 -8.10 2.86
N SER C 355 -6.91 -7.18 3.55
CA SER C 355 -8.26 -7.45 4.03
C SER C 355 -9.20 -7.57 2.84
N ILE C 356 -8.92 -6.80 1.79
CA ILE C 356 -9.74 -6.85 0.57
C ILE C 356 -9.67 -8.24 -0.04
N VAL C 357 -8.45 -8.80 -0.10
CA VAL C 357 -8.26 -10.14 -0.65
C VAL C 357 -9.10 -11.13 0.17
N GLU C 358 -9.06 -10.98 1.49
CA GLU C 358 -9.81 -11.87 2.37
C GLU C 358 -11.33 -11.75 2.16
N GLY C 359 -11.76 -10.57 1.71
CA GLY C 359 -13.18 -10.33 1.47
C GLY C 359 -13.81 -11.10 0.33
N GLY C 360 -13.01 -11.47 -0.67
CA GLY C 360 -13.55 -12.22 -1.78
C GLY C 360 -13.30 -13.70 -1.53
N ALA C 361 -13.70 -14.54 -2.47
CA ALA C 361 -13.45 -15.96 -2.32
C ALA C 361 -11.94 -16.09 -2.37
N HIS C 362 -11.37 -16.99 -1.58
CA HIS C 362 -9.93 -17.15 -1.60
C HIS C 362 -9.49 -18.56 -1.21
N ASP C 363 -8.41 -19.00 -1.84
CA ASP C 363 -7.83 -20.30 -1.58
C ASP C 363 -8.76 -21.48 -1.92
N VAL C 364 -9.63 -21.26 -2.90
CA VAL C 364 -10.55 -22.29 -3.37
C VAL C 364 -10.71 -22.07 -4.86
N ILE C 365 -11.07 -23.12 -5.58
CA ILE C 365 -11.32 -23.01 -7.01
C ILE C 365 -12.83 -22.90 -7.16
N VAL C 366 -13.29 -21.73 -7.56
CA VAL C 366 -14.72 -21.50 -7.72
C VAL C 366 -15.30 -22.29 -8.88
N LYS C 367 -16.28 -23.13 -8.57
CA LYS C 367 -16.94 -23.97 -9.57
C LYS C 367 -18.02 -23.18 -10.30
N ALA D 1 21.97 7.80 13.05
CA ALA D 1 21.36 8.20 11.77
C ALA D 1 20.10 9.02 12.03
N LYS D 2 19.64 9.72 11.00
CA LYS D 2 18.43 10.53 11.09
C LYS D 2 17.33 9.90 10.26
N TYR D 3 16.12 9.89 10.80
CA TYR D 3 14.98 9.31 10.10
C TYR D 3 13.87 10.36 9.92
N TYR D 4 12.83 10.02 9.17
CA TYR D 4 11.75 10.95 8.90
C TYR D 4 10.39 10.41 9.33
N ASN D 5 9.44 11.31 9.57
CA ASN D 5 8.11 10.93 10.01
C ASN D 5 7.23 10.32 8.93
N GLU D 6 7.50 10.68 7.68
CA GLU D 6 6.72 10.16 6.57
C GLU D 6 7.61 9.69 5.43
N PRO D 7 7.12 8.75 4.61
CA PRO D 7 7.88 8.24 3.48
C PRO D 7 7.78 9.29 2.38
N CYS D 8 8.69 9.26 1.41
CA CYS D 8 8.66 10.23 0.31
C CYS D 8 7.65 9.77 -0.74
N HIS D 9 7.12 10.73 -1.49
CA HIS D 9 6.14 10.44 -2.52
C HIS D 9 6.53 11.14 -3.81
N THR D 10 5.85 10.80 -4.91
CA THR D 10 6.14 11.48 -6.15
C THR D 10 4.86 11.79 -6.94
N PHE D 11 5.03 12.50 -8.05
CA PHE D 11 3.93 12.95 -8.90
C PHE D 11 2.66 12.15 -9.10
N ASN D 12 2.78 10.88 -9.50
CA ASN D 12 1.60 10.04 -9.73
C ASN D 12 0.68 9.91 -8.51
N GLU D 13 1.18 10.23 -7.32
CA GLU D 13 0.39 10.12 -6.10
C GLU D 13 -0.41 11.37 -5.73
N TYR D 14 -0.33 12.42 -6.56
CA TYR D 14 -1.02 13.66 -6.26
C TYR D 14 -2.08 14.14 -7.25
N LEU D 15 -2.99 14.96 -6.73
CA LEU D 15 -4.04 15.58 -7.52
C LEU D 15 -4.30 16.97 -6.95
N LEU D 16 -4.75 17.87 -7.80
CA LEU D 16 -5.07 19.23 -7.39
C LEU D 16 -6.58 19.31 -7.16
N ILE D 17 -6.98 19.96 -6.09
CA ILE D 17 -8.39 20.14 -5.78
C ILE D 17 -8.71 21.55 -6.21
N PRO D 18 -9.58 21.72 -7.22
CA PRO D 18 -9.97 23.03 -7.74
C PRO D 18 -10.45 24.04 -6.70
N GLY D 19 -10.09 25.30 -6.92
CA GLY D 19 -10.53 26.37 -6.05
C GLY D 19 -11.54 27.17 -6.85
N LEU D 20 -11.82 28.39 -6.45
CA LEU D 20 -12.78 29.22 -7.17
C LEU D 20 -12.24 29.77 -8.48
N SER D 21 -12.97 29.57 -9.56
CA SER D 21 -12.58 30.08 -10.86
C SER D 21 -13.44 31.31 -11.13
N THR D 22 -12.80 32.46 -11.29
CA THR D 22 -13.54 33.69 -11.57
C THR D 22 -13.75 33.80 -13.07
N VAL D 23 -14.59 34.73 -13.50
CA VAL D 23 -14.85 34.89 -14.93
C VAL D 23 -13.58 35.26 -15.72
N ASP D 24 -12.58 35.80 -15.04
CA ASP D 24 -11.34 36.16 -15.71
C ASP D 24 -10.35 35.01 -15.79
N CYS D 25 -10.72 33.86 -15.22
CA CYS D 25 -9.85 32.69 -15.25
C CYS D 25 -10.03 31.94 -16.56
N ILE D 26 -9.53 32.56 -17.62
CA ILE D 26 -9.61 32.00 -18.97
C ILE D 26 -8.21 31.59 -19.37
N PRO D 27 -8.05 30.40 -19.97
CA PRO D 27 -6.73 29.92 -20.38
C PRO D 27 -5.90 30.93 -21.17
N SER D 28 -6.57 31.71 -22.02
CA SER D 28 -5.87 32.70 -22.84
C SER D 28 -5.27 33.83 -22.00
N ASN D 29 -5.79 34.03 -20.78
CA ASN D 29 -5.27 35.08 -19.91
C ASN D 29 -4.14 34.60 -18.99
N VAL D 30 -3.80 33.31 -19.06
CA VAL D 30 -2.75 32.78 -18.21
C VAL D 30 -1.35 33.18 -18.66
N ASN D 31 -0.57 33.71 -17.72
CA ASN D 31 0.80 34.14 -17.98
C ASN D 31 1.74 33.09 -17.39
N LEU D 32 2.49 32.40 -18.25
CA LEU D 32 3.41 31.36 -17.82
C LEU D 32 4.85 31.82 -17.59
N SER D 33 5.07 33.12 -17.52
CA SER D 33 6.42 33.65 -17.30
C SER D 33 6.97 33.20 -15.95
N THR D 34 8.28 33.04 -15.87
CA THR D 34 8.89 32.59 -14.62
C THR D 34 10.36 33.03 -14.55
N PRO D 35 10.84 33.36 -13.33
CA PRO D 35 12.23 33.79 -13.15
C PRO D 35 13.21 32.63 -13.24
N LEU D 36 14.36 32.88 -13.86
CA LEU D 36 15.38 31.86 -14.02
C LEU D 36 16.51 32.01 -13.00
N VAL D 37 16.84 33.24 -12.64
CA VAL D 37 17.94 33.48 -11.69
C VAL D 37 17.53 34.34 -10.50
N LYS D 38 18.24 34.16 -9.38
CA LYS D 38 17.93 34.88 -8.15
C LYS D 38 17.88 36.39 -8.26
N PHE D 39 17.01 36.99 -7.44
CA PHE D 39 16.84 38.43 -7.41
C PHE D 39 16.42 38.88 -6.03
N GLN D 40 16.44 40.19 -5.81
CA GLN D 40 16.07 40.79 -4.53
C GLN D 40 14.57 41.05 -4.42
N LYS D 41 14.06 40.95 -3.21
CA LYS D 41 12.64 41.16 -2.94
C LYS D 41 12.17 42.46 -3.57
N GLY D 42 10.97 42.43 -4.16
CA GLY D 42 10.44 43.61 -4.78
C GLY D 42 10.89 43.81 -6.21
N GLN D 43 11.95 43.10 -6.62
CA GLN D 43 12.45 43.24 -7.98
C GLN D 43 12.14 42.07 -8.90
N GLN D 44 12.60 42.19 -10.13
CA GLN D 44 12.40 41.15 -11.13
C GLN D 44 13.72 40.47 -11.46
N SER D 45 13.66 39.20 -11.85
CA SER D 45 14.87 38.46 -12.20
C SER D 45 15.44 39.08 -13.48
N GLU D 46 16.76 38.96 -13.64
CA GLU D 46 17.42 39.50 -14.82
C GLU D 46 17.09 38.64 -16.04
N ILE D 47 16.64 37.42 -15.79
CA ILE D 47 16.28 36.51 -16.88
C ILE D 47 14.95 35.85 -16.56
N ASN D 48 13.95 36.10 -17.40
CA ASN D 48 12.63 35.51 -17.20
C ASN D 48 12.26 34.73 -18.46
N LEU D 49 11.82 33.49 -18.29
CA LEU D 49 11.40 32.68 -19.41
C LEU D 49 9.94 33.00 -19.67
N LYS D 50 9.45 32.70 -20.87
CA LYS D 50 8.06 32.93 -21.19
C LYS D 50 7.24 31.69 -20.84
N ILE D 51 7.91 30.53 -20.79
CA ILE D 51 7.28 29.27 -20.38
C ILE D 51 8.27 28.62 -19.42
N PRO D 52 7.78 27.89 -18.41
CA PRO D 52 8.63 27.23 -17.41
C PRO D 52 9.28 25.89 -17.77
N LEU D 53 9.66 25.72 -19.03
CA LEU D 53 10.27 24.46 -19.46
C LEU D 53 11.70 24.63 -19.95
N VAL D 54 12.61 23.79 -19.46
CA VAL D 54 14.01 23.84 -19.88
C VAL D 54 14.46 22.41 -20.21
N SER D 55 15.28 22.27 -21.25
CA SER D 55 15.74 20.94 -21.63
C SER D 55 16.99 20.51 -20.87
N ALA D 56 17.05 19.22 -20.56
CA ALA D 56 18.14 18.60 -19.81
C ALA D 56 19.54 18.77 -20.42
N ILE D 57 20.53 18.77 -19.54
CA ILE D 57 21.93 18.91 -19.93
C ILE D 57 22.40 17.53 -20.35
N MET D 58 21.93 17.09 -21.51
CA MET D 58 22.22 15.75 -22.01
C MET D 58 22.57 15.69 -23.49
N GLN D 59 23.48 14.79 -23.84
CA GLN D 59 23.92 14.59 -25.20
C GLN D 59 22.74 14.25 -26.11
N SER D 60 21.82 13.44 -25.61
CA SER D 60 20.67 13.03 -26.40
C SER D 60 19.49 14.00 -26.36
N VAL D 61 19.71 15.18 -25.80
CA VAL D 61 18.62 16.14 -25.72
C VAL D 61 18.91 17.57 -26.18
N SER D 62 19.81 18.25 -25.49
CA SER D 62 20.11 19.64 -25.78
C SER D 62 21.22 19.97 -26.78
N GLY D 63 20.89 19.86 -28.06
CA GLY D 63 21.83 20.19 -29.12
C GLY D 63 21.43 21.54 -29.67
N GLU D 64 22.05 21.97 -30.77
CA GLU D 64 21.72 23.27 -31.37
C GLU D 64 20.27 23.41 -31.81
N LYS D 65 19.74 22.41 -32.51
CA LYS D 65 18.37 22.46 -32.98
C LYS D 65 17.36 22.57 -31.85
N MET D 66 17.61 21.83 -30.77
CA MET D 66 16.73 21.86 -29.61
C MET D 66 16.74 23.24 -28.96
N ALA D 67 17.94 23.79 -28.76
CA ALA D 67 18.09 25.09 -28.13
C ALA D 67 17.33 26.19 -28.89
N ILE D 68 17.43 26.18 -30.20
CA ILE D 68 16.75 27.17 -31.02
C ILE D 68 15.23 26.99 -30.95
N ALA D 69 14.77 25.76 -31.14
CA ALA D 69 13.35 25.46 -31.11
C ALA D 69 12.69 25.79 -29.75
N LEU D 70 13.35 25.43 -28.67
CA LEU D 70 12.79 25.70 -27.35
C LEU D 70 12.85 27.19 -27.02
N ALA D 71 13.93 27.85 -27.40
CA ALA D 71 14.07 29.29 -27.14
C ALA D 71 12.94 30.02 -27.87
N ARG D 72 12.64 29.58 -29.09
CA ARG D 72 11.58 30.19 -29.88
C ARG D 72 10.23 30.11 -29.18
N GLU D 73 10.01 29.03 -28.43
CA GLU D 73 8.74 28.85 -27.73
C GLU D 73 8.71 29.49 -26.36
N GLY D 74 9.82 30.11 -25.96
CA GLY D 74 9.86 30.79 -24.68
C GLY D 74 10.66 30.14 -23.56
N GLY D 75 11.23 28.97 -23.81
CA GLY D 75 12.02 28.31 -22.79
C GLY D 75 13.50 28.48 -23.03
N ILE D 76 14.30 27.57 -22.51
CA ILE D 76 15.75 27.64 -22.70
C ILE D 76 16.35 26.25 -22.57
N SER D 77 17.39 25.99 -23.37
CA SER D 77 18.09 24.71 -23.34
C SER D 77 19.47 24.90 -22.74
N PHE D 78 19.96 23.88 -22.06
CA PHE D 78 21.30 23.92 -21.50
C PHE D 78 22.17 22.96 -22.30
N ILE D 79 22.90 23.50 -23.27
CA ILE D 79 23.76 22.71 -24.14
C ILE D 79 24.59 21.79 -23.27
N PHE D 80 24.57 20.48 -23.60
CA PHE D 80 25.30 19.51 -22.82
C PHE D 80 26.79 19.78 -22.72
N GLY D 81 27.35 19.50 -21.55
CA GLY D 81 28.76 19.73 -21.32
C GLY D 81 29.61 18.48 -21.42
N SER D 82 28.98 17.34 -21.68
CA SER D 82 29.72 16.09 -21.81
C SER D 82 30.27 16.00 -23.23
N GLN D 83 31.12 16.97 -23.57
CA GLN D 83 31.77 17.07 -24.87
C GLN D 83 32.92 18.05 -24.69
N SER D 84 33.78 18.18 -25.69
CA SER D 84 34.92 19.10 -25.56
C SER D 84 34.44 20.53 -25.35
N ILE D 85 35.26 21.32 -24.68
CA ILE D 85 34.94 22.72 -24.43
C ILE D 85 34.73 23.43 -25.77
N GLU D 86 35.61 23.17 -26.71
CA GLU D 86 35.55 23.78 -28.03
C GLU D 86 34.23 23.49 -28.75
N SER D 87 33.82 22.23 -28.77
CA SER D 87 32.58 21.89 -29.45
C SER D 87 31.35 22.46 -28.74
N GLN D 88 31.37 22.50 -27.41
CA GLN D 88 30.23 23.04 -26.68
C GLN D 88 30.14 24.54 -26.93
N ALA D 89 31.27 25.23 -26.89
CA ALA D 89 31.30 26.67 -27.13
C ALA D 89 30.77 26.97 -28.54
N ALA D 90 31.13 26.13 -29.49
CA ALA D 90 30.69 26.30 -30.88
C ALA D 90 29.16 26.18 -30.96
N MET D 91 28.57 25.24 -30.22
CA MET D 91 27.13 25.08 -30.23
C MET D 91 26.45 26.31 -29.67
N VAL D 92 26.96 26.79 -28.53
CA VAL D 92 26.41 27.97 -27.88
C VAL D 92 26.49 29.16 -28.83
N HIS D 93 27.64 29.32 -29.46
CA HIS D 93 27.85 30.42 -30.40
C HIS D 93 26.86 30.37 -31.56
N ALA D 94 26.64 29.17 -32.11
CA ALA D 94 25.73 29.01 -33.23
C ALA D 94 24.30 29.40 -32.86
N VAL D 95 23.90 29.07 -31.64
CA VAL D 95 22.55 29.40 -31.18
C VAL D 95 22.41 30.89 -30.96
N LYS D 96 23.41 31.49 -30.32
CA LYS D 96 23.40 32.93 -30.04
C LYS D 96 23.45 33.78 -31.30
N ASN D 97 24.08 33.28 -32.35
CA ASN D 97 24.19 34.04 -33.59
C ASN D 97 23.33 33.50 -34.72
N PHE D 98 22.31 32.72 -34.37
CA PHE D 98 21.43 32.16 -35.37
C PHE D 98 20.67 33.28 -36.07
N ARG D 104 17.64 37.80 -30.48
CA ARG D 104 18.68 36.90 -30.02
C ARG D 104 18.09 35.87 -29.06
N TYR D 105 18.23 34.60 -29.41
CA TYR D 105 17.71 33.51 -28.58
C TYR D 105 18.57 33.28 -27.33
N LEU D 106 17.91 32.96 -26.23
CA LEU D 106 18.60 32.69 -24.98
C LEU D 106 19.12 31.26 -25.04
N VAL D 107 20.23 30.99 -24.37
CA VAL D 107 20.77 29.64 -24.36
C VAL D 107 21.66 29.45 -23.14
N GLY D 108 21.56 28.27 -22.54
CA GLY D 108 22.36 27.97 -21.37
C GLY D 108 23.40 26.92 -21.72
N ALA D 109 24.27 26.60 -20.77
CA ALA D 109 25.30 25.61 -21.01
C ALA D 109 25.69 24.94 -19.70
N GLY D 110 25.84 23.62 -19.74
CA GLY D 110 26.23 22.90 -18.55
C GLY D 110 27.74 22.89 -18.36
N ILE D 111 28.18 22.89 -17.11
CA ILE D 111 29.60 22.85 -16.81
C ILE D 111 29.80 21.80 -15.73
N ASN D 112 31.04 21.44 -15.47
CA ASN D 112 31.34 20.46 -14.44
C ASN D 112 32.26 21.06 -13.40
N THR D 113 32.47 20.35 -12.31
CA THR D 113 33.31 20.84 -11.21
C THR D 113 34.81 20.61 -11.40
N ARG D 114 35.23 20.18 -12.57
CA ARG D 114 36.67 19.98 -12.81
C ARG D 114 37.38 20.90 -13.74
N ASP D 115 36.89 21.05 -14.96
CA ASP D 115 37.54 21.93 -15.93
C ASP D 115 36.90 23.31 -16.10
N PHE D 116 36.20 23.76 -15.07
CA PHE D 116 35.51 25.05 -15.12
C PHE D 116 36.42 26.25 -15.39
N ARG D 117 37.68 26.19 -14.95
CA ARG D 117 38.59 27.31 -15.17
C ARG D 117 38.83 27.57 -16.66
N GLU D 118 38.68 26.53 -17.47
CA GLU D 118 38.84 26.64 -18.91
C GLU D 118 37.49 26.70 -19.64
N ARG D 119 36.55 25.88 -19.19
CA ARG D 119 35.24 25.81 -19.83
C ARG D 119 34.39 27.09 -19.65
N VAL D 120 34.38 27.64 -18.44
CA VAL D 120 33.58 28.84 -18.19
C VAL D 120 33.95 30.02 -19.09
N PRO D 121 35.24 30.39 -19.16
CA PRO D 121 35.63 31.52 -20.00
C PRO D 121 35.20 31.30 -21.45
N ALA D 122 35.37 30.07 -21.94
CA ALA D 122 35.00 29.74 -23.31
C ALA D 122 33.51 29.90 -23.56
N LEU D 123 32.69 29.46 -22.58
CA LEU D 123 31.25 29.56 -22.72
C LEU D 123 30.77 31.00 -22.60
N VAL D 124 31.36 31.77 -21.70
CA VAL D 124 30.97 33.16 -21.54
C VAL D 124 31.30 33.89 -22.85
N GLU D 125 32.48 33.60 -23.39
CA GLU D 125 32.95 34.19 -24.63
C GLU D 125 31.99 33.84 -25.78
N ALA D 126 31.50 32.61 -25.78
CA ALA D 126 30.59 32.16 -26.82
C ALA D 126 29.22 32.83 -26.74
N GLY D 127 28.93 33.44 -25.60
CA GLY D 127 27.66 34.12 -25.43
C GLY D 127 26.59 33.42 -24.61
N ALA D 128 26.97 32.41 -23.83
CA ALA D 128 26.00 31.71 -23.01
C ALA D 128 25.35 32.69 -22.04
N ASP D 129 24.02 32.62 -21.90
CA ASP D 129 23.31 33.52 -21.01
C ASP D 129 23.32 33.06 -19.55
N VAL D 130 23.45 31.75 -19.36
CA VAL D 130 23.47 31.20 -18.02
C VAL D 130 24.16 29.84 -18.05
N LEU D 131 24.78 29.47 -16.94
CA LEU D 131 25.49 28.20 -16.84
C LEU D 131 24.80 27.36 -15.77
N CYS D 132 25.14 26.08 -15.71
CA CYS D 132 24.55 25.20 -14.70
C CYS D 132 25.46 24.00 -14.47
N ILE D 133 25.86 23.80 -13.22
CA ILE D 133 26.72 22.67 -12.89
C ILE D 133 25.88 21.41 -13.04
N ASP D 134 26.41 20.44 -13.77
CA ASP D 134 25.71 19.18 -14.03
C ASP D 134 26.24 18.11 -13.09
N SER D 135 25.51 17.83 -12.03
CA SER D 135 25.92 16.82 -11.06
C SER D 135 24.74 16.04 -10.49
N SER D 136 24.95 14.74 -10.31
CA SER D 136 23.91 13.87 -9.75
C SER D 136 23.65 14.30 -8.31
N ASP D 137 24.73 14.47 -7.55
CA ASP D 137 24.65 14.88 -6.15
C ASP D 137 25.43 16.19 -5.99
N GLY D 138 24.69 17.30 -6.02
CA GLY D 138 25.32 18.61 -5.90
C GLY D 138 25.61 19.12 -4.50
N PHE D 139 25.29 18.34 -3.48
CA PHE D 139 25.56 18.76 -2.11
C PHE D 139 27.03 18.49 -1.85
N SER D 140 27.91 19.32 -2.39
CA SER D 140 29.34 19.12 -2.21
C SER D 140 30.19 20.38 -2.25
N GLU D 141 31.35 20.29 -1.63
CA GLU D 141 32.29 21.40 -1.59
C GLU D 141 32.78 21.68 -3.02
N TRP D 142 32.77 20.65 -3.86
CA TRP D 142 33.20 20.82 -5.25
C TRP D 142 32.35 21.87 -5.96
N GLN D 143 31.04 21.87 -5.69
CA GLN D 143 30.16 22.85 -6.32
C GLN D 143 30.41 24.23 -5.69
N LYS D 144 30.63 24.26 -4.38
CA LYS D 144 30.89 25.52 -3.69
C LYS D 144 32.15 26.17 -4.26
N ILE D 145 33.18 25.35 -4.51
CA ILE D 145 34.43 25.83 -5.07
C ILE D 145 34.21 26.39 -6.47
N THR D 146 33.44 25.66 -7.28
CA THR D 146 33.16 26.08 -8.65
C THR D 146 32.43 27.42 -8.68
N ILE D 147 31.37 27.53 -7.89
CA ILE D 147 30.59 28.77 -7.84
C ILE D 147 31.47 29.91 -7.31
N GLY D 148 32.29 29.60 -6.31
CA GLY D 148 33.16 30.60 -5.73
C GLY D 148 34.15 31.17 -6.73
N TRP D 149 34.68 30.31 -7.59
CA TRP D 149 35.64 30.74 -8.61
C TRP D 149 34.95 31.68 -9.60
N ILE D 150 33.76 31.30 -10.02
CA ILE D 150 32.98 32.11 -10.95
C ILE D 150 32.71 33.49 -10.38
N ARG D 151 32.31 33.55 -9.10
CA ARG D 151 32.03 34.81 -8.44
C ARG D 151 33.31 35.65 -8.34
N GLU D 152 34.40 34.96 -8.05
CA GLU D 152 35.71 35.58 -7.92
C GLU D 152 36.13 36.27 -9.21
N LYS D 153 35.92 35.58 -10.33
CA LYS D 153 36.32 36.09 -11.64
C LYS D 153 35.29 36.97 -12.35
N TYR D 154 34.01 36.69 -12.14
CA TYR D 154 32.96 37.46 -12.83
C TYR D 154 31.94 38.19 -11.95
N GLY D 155 32.04 38.02 -10.64
CA GLY D 155 31.07 38.67 -9.77
C GLY D 155 29.69 38.16 -10.13
N ASP D 156 28.70 39.05 -10.17
CA ASP D 156 27.32 38.67 -10.49
C ASP D 156 27.02 38.74 -11.98
N LYS D 157 28.03 39.00 -12.80
CA LYS D 157 27.83 39.11 -14.25
C LYS D 157 27.53 37.76 -14.90
N VAL D 158 28.06 36.68 -14.33
CA VAL D 158 27.81 35.36 -14.88
C VAL D 158 26.84 34.62 -13.95
N LYS D 159 25.79 34.07 -14.55
CA LYS D 159 24.78 33.35 -13.79
C LYS D 159 25.06 31.87 -13.83
N VAL D 160 25.06 31.23 -12.67
CA VAL D 160 25.33 29.81 -12.61
C VAL D 160 24.35 29.05 -11.72
N GLY D 161 23.70 28.05 -12.30
CA GLY D 161 22.76 27.24 -11.55
C GLY D 161 23.56 26.13 -10.91
N ALA D 162 23.01 25.50 -9.89
CA ALA D 162 23.78 24.46 -9.24
C ALA D 162 22.97 23.37 -8.58
N GLY D 163 23.73 22.41 -8.10
CA GLY D 163 23.20 21.32 -7.35
C GLY D 163 22.62 20.04 -7.89
N ASN D 164 21.45 19.82 -7.32
CA ASN D 164 20.56 18.69 -7.44
C ASN D 164 20.75 18.16 -6.06
N ILE D 165 19.87 18.69 -5.24
CA ILE D 165 19.79 18.40 -3.84
C ILE D 165 18.32 17.98 -3.72
N VAL D 166 17.96 17.42 -2.58
CA VAL D 166 16.58 16.98 -2.40
C VAL D 166 16.00 17.37 -1.05
N ASP D 167 16.72 18.21 -0.31
CA ASP D 167 16.21 18.65 0.99
C ASP D 167 16.66 20.06 1.34
N GLY D 168 16.13 20.57 2.43
CA GLY D 168 16.45 21.91 2.88
C GLY D 168 17.93 22.15 3.13
N GLU D 169 18.61 21.18 3.73
CA GLU D 169 20.03 21.32 4.01
C GLU D 169 20.84 21.55 2.74
N GLY D 170 20.60 20.74 1.73
CA GLY D 170 21.31 20.88 0.47
C GLY D 170 21.05 22.23 -0.18
N PHE D 171 19.78 22.66 -0.18
CA PHE D 171 19.42 23.94 -0.77
C PHE D 171 20.19 25.06 -0.05
N ARG D 172 20.13 25.05 1.27
CA ARG D 172 20.78 26.07 2.08
C ARG D 172 22.27 26.18 1.76
N TYR D 173 22.93 25.03 1.64
CA TYR D 173 24.36 25.01 1.34
C TYR D 173 24.69 25.68 0.01
N LEU D 174 23.94 25.33 -1.05
CA LEU D 174 24.18 25.92 -2.35
C LEU D 174 23.75 27.38 -2.44
N ALA D 175 22.74 27.73 -1.66
CA ALA D 175 22.24 29.11 -1.63
C ALA D 175 23.33 29.99 -1.03
N ASP D 176 23.90 29.55 0.09
CA ASP D 176 24.96 30.29 0.75
C ASP D 176 26.19 30.32 -0.15
N ALA D 177 26.36 29.29 -0.98
CA ALA D 177 27.50 29.20 -1.88
C ALA D 177 27.39 30.24 -2.99
N GLY D 178 26.18 30.74 -3.22
CA GLY D 178 25.98 31.76 -4.24
C GLY D 178 25.28 31.36 -5.53
N ALA D 179 24.70 30.17 -5.57
CA ALA D 179 24.02 29.70 -6.78
C ALA D 179 22.88 30.64 -7.19
N ASP D 180 22.70 30.83 -8.49
CA ASP D 180 21.66 31.71 -9.00
C ASP D 180 20.31 31.01 -9.08
N PHE D 181 20.33 29.69 -9.15
CA PHE D 181 19.13 28.87 -9.12
C PHE D 181 19.57 27.48 -8.68
N ILE D 182 18.68 26.73 -8.05
CA ILE D 182 19.05 25.42 -7.55
C ILE D 182 18.16 24.32 -8.10
N LYS D 183 18.80 23.28 -8.63
CA LYS D 183 18.10 22.16 -9.25
C LYS D 183 17.79 21.05 -8.23
N ILE D 184 16.56 20.55 -8.30
CA ILE D 184 16.06 19.53 -7.37
C ILE D 184 15.86 18.16 -8.01
N GLY D 185 16.26 17.11 -7.30
CA GLY D 185 16.05 15.77 -7.82
C GLY D 185 17.23 14.83 -7.96
N ILE D 186 17.08 13.64 -7.40
CA ILE D 186 18.09 12.60 -7.49
C ILE D 186 17.41 11.25 -7.74
N GLY D 187 17.69 10.64 -8.90
CA GLY D 187 17.13 9.35 -9.23
C GLY D 187 15.78 9.26 -9.91
N GLY D 188 15.11 10.39 -10.08
CA GLY D 188 13.80 10.37 -10.69
C GLY D 188 13.80 10.30 -12.22
N GLY D 189 14.95 10.52 -12.83
CA GLY D 189 15.04 10.49 -14.28
C GLY D 189 14.57 9.18 -14.90
N SER D 190 13.89 9.28 -16.04
CA SER D 190 13.37 8.12 -16.74
C SER D 190 14.45 7.09 -17.09
N ILE D 191 15.65 7.56 -17.39
CA ILE D 191 16.74 6.65 -17.75
C ILE D 191 17.76 6.46 -16.63
N CYS D 192 17.41 6.92 -15.42
CA CYS D 192 18.29 6.84 -14.27
C CYS D 192 18.07 5.61 -13.39
N ILE D 193 19.17 4.96 -13.00
CA ILE D 193 19.08 3.79 -12.12
C ILE D 193 19.96 3.98 -10.89
N THR D 194 20.25 5.24 -10.58
CA THR D 194 21.07 5.56 -9.41
C THR D 194 20.47 5.02 -8.12
N ARG D 195 19.17 5.17 -7.95
CA ARG D 195 18.52 4.69 -6.73
C ARG D 195 18.63 3.19 -6.54
N GLU D 196 18.78 2.46 -7.64
CA GLU D 196 18.90 1.00 -7.58
C GLU D 196 20.36 0.56 -7.51
N GLN D 197 21.27 1.42 -7.93
CA GLN D 197 22.69 1.10 -7.91
C GLN D 197 23.37 1.54 -6.62
N LYS D 198 23.02 2.73 -6.13
CA LYS D 198 23.65 3.29 -4.93
C LYS D 198 22.73 3.42 -3.72
N GLY D 199 21.42 3.39 -3.96
CA GLY D 199 20.48 3.52 -2.87
C GLY D 199 20.31 4.93 -2.35
N ILE D 200 20.61 5.93 -3.17
CA ILE D 200 20.43 7.33 -2.75
C ILE D 200 19.34 7.97 -3.59
N GLY D 201 18.66 8.96 -3.01
CA GLY D 201 17.62 9.64 -3.73
C GLY D 201 16.41 9.95 -2.87
N ARG D 202 15.36 10.46 -3.50
CA ARG D 202 14.14 10.80 -2.79
C ARG D 202 13.03 11.01 -3.82
N GLY D 203 11.79 10.70 -3.43
CA GLY D 203 10.68 10.89 -4.35
C GLY D 203 10.71 12.34 -4.82
N GLN D 204 10.57 12.54 -6.12
CA GLN D 204 10.64 13.89 -6.68
C GLN D 204 9.70 14.92 -6.05
N ALA D 205 8.43 14.56 -5.85
CA ALA D 205 7.48 15.51 -5.28
C ALA D 205 7.89 15.93 -3.87
N THR D 206 8.21 14.96 -3.02
CA THR D 206 8.63 15.25 -1.66
C THR D 206 9.87 16.16 -1.67
N ALA D 207 10.80 15.89 -2.59
CA ALA D 207 12.01 16.70 -2.68
C ALA D 207 11.67 18.15 -3.02
N VAL D 208 10.81 18.36 -4.02
CA VAL D 208 10.41 19.70 -4.41
C VAL D 208 9.73 20.42 -3.25
N ILE D 209 8.76 19.77 -2.63
CA ILE D 209 8.02 20.35 -1.52
C ILE D 209 8.94 20.77 -0.36
N ASP D 210 9.89 19.91 -0.01
CA ASP D 210 10.82 20.20 1.07
C ASP D 210 11.76 21.35 0.73
N VAL D 211 12.35 21.31 -0.47
CA VAL D 211 13.28 22.35 -0.90
C VAL D 211 12.58 23.70 -1.00
N VAL D 212 11.36 23.71 -1.54
CA VAL D 212 10.59 24.94 -1.68
C VAL D 212 10.33 25.56 -0.31
N ALA D 213 10.02 24.73 0.67
CA ALA D 213 9.76 25.24 2.02
C ALA D 213 11.01 25.95 2.53
N GLU D 214 12.18 25.36 2.31
CA GLU D 214 13.43 25.97 2.75
C GLU D 214 13.72 27.23 1.95
N ARG D 215 13.44 27.20 0.65
CA ARG D 215 13.66 28.35 -0.21
C ARG D 215 12.84 29.55 0.27
N ASN D 216 11.60 29.31 0.68
CA ASN D 216 10.75 30.38 1.15
C ASN D 216 11.22 30.94 2.50
N LYS D 217 11.78 30.09 3.33
CA LYS D 217 12.30 30.55 4.62
C LYS D 217 13.53 31.40 4.35
N TYR D 218 14.36 30.94 3.42
CA TYR D 218 15.58 31.63 3.04
C TYR D 218 15.24 33.03 2.50
N PHE D 219 14.17 33.11 1.71
CA PHE D 219 13.72 34.37 1.14
C PHE D 219 13.31 35.35 2.23
N GLU D 220 12.55 34.87 3.21
CA GLU D 220 12.10 35.72 4.29
C GLU D 220 13.27 36.19 5.14
N GLU D 221 14.28 35.34 5.27
CA GLU D 221 15.46 35.65 6.06
C GLU D 221 16.42 36.64 5.37
N THR D 222 16.66 36.43 4.09
CA THR D 222 17.61 37.24 3.34
C THR D 222 17.05 38.26 2.35
N GLY D 223 15.79 38.11 1.98
CA GLY D 223 15.22 39.02 1.01
C GLY D 223 15.64 38.62 -0.39
N ILE D 224 16.31 37.49 -0.50
CA ILE D 224 16.77 36.97 -1.79
C ILE D 224 15.92 35.78 -2.23
N TYR D 225 15.32 35.89 -3.41
CA TYR D 225 14.48 34.81 -3.93
C TYR D 225 15.31 33.98 -4.91
N ILE D 226 15.50 32.71 -4.59
CA ILE D 226 16.26 31.81 -5.43
C ILE D 226 15.32 30.85 -6.16
N PRO D 227 15.25 30.97 -7.49
CA PRO D 227 14.37 30.07 -8.24
C PRO D 227 14.87 28.63 -8.11
N VAL D 228 13.95 27.67 -8.06
CA VAL D 228 14.35 26.27 -7.98
C VAL D 228 13.76 25.54 -9.17
N CYS D 229 14.47 24.50 -9.62
CA CYS D 229 14.05 23.72 -10.76
C CYS D 229 13.79 22.26 -10.42
N SER D 230 12.61 21.76 -10.79
CA SER D 230 12.28 20.35 -10.55
C SER D 230 12.87 19.61 -11.75
N ASP D 231 13.91 18.85 -11.51
CA ASP D 231 14.60 18.15 -12.58
C ASP D 231 14.40 16.64 -12.60
N GLY D 232 13.72 16.17 -13.64
CA GLY D 232 13.48 14.75 -13.82
C GLY D 232 12.17 14.20 -13.29
N GLY D 233 11.75 13.06 -13.83
CA GLY D 233 10.51 12.44 -13.37
C GLY D 233 9.21 12.87 -13.98
N ILE D 234 9.23 13.87 -14.87
CA ILE D 234 8.00 14.31 -15.50
C ILE D 234 7.57 13.27 -16.54
N VAL D 235 6.41 12.66 -16.32
CA VAL D 235 5.91 11.65 -17.24
C VAL D 235 4.69 12.14 -18.01
N TYR D 236 3.75 12.75 -17.31
CA TYR D 236 2.54 13.25 -17.94
C TYR D 236 2.50 14.77 -17.86
N ASP D 237 1.75 15.38 -18.77
CA ASP D 237 1.63 16.83 -18.78
C ASP D 237 1.17 17.38 -17.43
N TYR D 238 0.24 16.70 -16.78
CA TYR D 238 -0.23 17.22 -15.49
C TYR D 238 0.84 17.22 -14.41
N HIS D 239 1.91 16.44 -14.63
CA HIS D 239 3.02 16.40 -13.68
C HIS D 239 3.69 17.77 -13.67
N MET D 240 3.66 18.45 -14.82
CA MET D 240 4.24 19.78 -14.94
C MET D 240 3.48 20.72 -14.00
N THR D 241 2.16 20.67 -14.09
CA THR D 241 1.32 21.53 -13.27
C THR D 241 1.56 21.26 -11.79
N LEU D 242 1.71 19.99 -11.42
CA LEU D 242 1.97 19.63 -10.02
C LEU D 242 3.29 20.19 -9.53
N ALA D 243 4.34 20.01 -10.33
CA ALA D 243 5.66 20.51 -9.94
C ALA D 243 5.63 22.03 -9.71
N LEU D 244 4.99 22.75 -10.62
CA LEU D 244 4.88 24.20 -10.48
C LEU D 244 4.06 24.56 -9.25
N ALA D 245 2.92 23.90 -9.06
CA ALA D 245 2.06 24.18 -7.92
C ALA D 245 2.79 23.93 -6.61
N MET D 246 3.66 22.92 -6.58
CA MET D 246 4.42 22.62 -5.36
C MET D 246 5.49 23.65 -5.05
N GLY D 247 5.74 24.57 -5.98
CA GLY D 247 6.74 25.60 -5.73
C GLY D 247 7.87 25.74 -6.73
N ALA D 248 8.03 24.77 -7.63
CA ALA D 248 9.10 24.85 -8.62
C ALA D 248 8.84 26.04 -9.54
N ASP D 249 9.87 26.80 -9.86
CA ASP D 249 9.73 27.95 -10.75
C ASP D 249 9.76 27.48 -12.21
N PHE D 250 10.61 26.49 -12.48
CA PHE D 250 10.68 25.90 -13.81
C PHE D 250 11.00 24.42 -13.72
N ILE D 251 10.81 23.72 -14.83
CA ILE D 251 11.00 22.28 -14.88
C ILE D 251 12.03 21.86 -15.93
N MET D 252 12.91 20.95 -15.56
CA MET D 252 13.91 20.45 -16.50
C MET D 252 13.47 19.06 -16.93
N LEU D 253 13.43 18.85 -18.24
CA LEU D 253 13.00 17.57 -18.78
C LEU D 253 13.97 17.01 -19.82
N GLY D 254 14.12 15.69 -19.79
CA GLY D 254 14.98 15.02 -20.75
C GLY D 254 14.11 14.23 -21.72
N ARG D 255 13.50 13.17 -21.20
CA ARG D 255 12.64 12.31 -22.00
C ARG D 255 11.59 13.07 -22.83
N TYR D 256 10.93 14.02 -22.18
CA TYR D 256 9.90 14.82 -22.84
C TYR D 256 10.38 15.41 -24.16
N PHE D 257 11.59 15.98 -24.14
CA PHE D 257 12.16 16.60 -25.34
C PHE D 257 12.88 15.65 -26.29
N ALA D 258 13.44 14.57 -25.75
CA ALA D 258 14.16 13.58 -26.56
C ALA D 258 13.26 12.99 -27.64
N ARG D 259 11.96 12.98 -27.38
CA ARG D 259 10.98 12.42 -28.31
C ARG D 259 10.74 13.29 -29.55
N PHE D 260 11.16 14.55 -29.49
CA PHE D 260 10.91 15.47 -30.61
C PHE D 260 11.90 15.44 -31.76
N GLU D 261 11.41 15.91 -32.91
CA GLU D 261 12.19 15.98 -34.13
C GLU D 261 13.50 16.74 -33.91
N GLU D 262 13.44 17.77 -33.07
CA GLU D 262 14.60 18.60 -32.80
C GLU D 262 15.70 17.99 -31.92
N SER D 263 15.43 16.87 -31.25
CA SER D 263 16.47 16.25 -30.42
C SER D 263 17.55 15.76 -31.37
N PRO D 264 18.83 15.85 -30.94
CA PRO D 264 19.97 15.43 -31.76
C PRO D 264 20.16 13.94 -32.03
N THR D 265 19.22 13.11 -31.61
CA THR D 265 19.35 11.67 -31.82
C THR D 265 18.66 11.17 -33.07
N ARG D 266 18.96 9.92 -33.42
CA ARG D 266 18.39 9.30 -34.61
C ARG D 266 17.02 8.69 -34.36
N LYS D 267 16.18 8.71 -35.39
CA LYS D 267 14.86 8.11 -35.30
C LYS D 267 15.04 6.67 -35.75
N VAL D 268 14.52 5.74 -34.97
CA VAL D 268 14.65 4.32 -35.28
C VAL D 268 13.31 3.60 -35.12
N THR D 269 13.05 2.65 -36.01
CA THR D 269 11.81 1.90 -35.94
C THR D 269 12.00 0.62 -35.13
N ILE D 270 11.23 0.49 -34.06
CA ILE D 270 11.27 -0.70 -33.21
C ILE D 270 9.88 -1.31 -33.16
N ASN D 271 9.69 -2.44 -33.85
CA ASN D 271 8.41 -3.12 -33.87
C ASN D 271 7.29 -2.28 -34.48
N GLY D 272 7.53 -1.74 -35.66
CA GLY D 272 6.53 -0.94 -36.33
C GLY D 272 6.27 0.43 -35.73
N SER D 273 7.01 0.78 -34.68
CA SER D 273 6.84 2.07 -34.03
C SER D 273 8.07 2.95 -34.22
N VAL D 274 7.87 4.19 -34.64
CA VAL D 274 8.98 5.10 -34.83
C VAL D 274 9.41 5.61 -33.46
N MET D 275 10.68 5.41 -33.14
CA MET D 275 11.23 5.82 -31.85
C MET D 275 12.42 6.75 -32.04
N LYS D 276 12.91 7.28 -30.93
CA LYS D 276 14.10 8.13 -30.94
C LYS D 276 15.02 7.60 -29.86
N GLU D 277 16.32 7.70 -30.09
CA GLU D 277 17.30 7.24 -29.12
C GLU D 277 17.34 8.21 -27.94
N TYR D 278 17.53 7.67 -26.74
CA TYR D 278 17.61 8.49 -25.53
C TYR D 278 18.41 7.72 -24.51
N TRP D 279 19.52 8.29 -24.06
CA TRP D 279 20.36 7.61 -23.08
C TRP D 279 20.78 8.52 -21.93
N GLY D 280 21.04 7.92 -20.77
CA GLY D 280 21.45 8.70 -19.62
C GLY D 280 22.90 9.12 -19.67
N GLU D 281 23.23 10.20 -18.99
CA GLU D 281 24.61 10.69 -18.96
C GLU D 281 25.47 9.71 -18.16
N GLY D 282 24.81 8.88 -17.37
CA GLY D 282 25.51 7.90 -16.55
C GLY D 282 25.62 6.54 -17.21
N SER D 283 25.25 6.45 -18.49
CA SER D 283 25.35 5.19 -19.22
C SER D 283 26.72 5.12 -19.86
N SER D 284 27.16 3.91 -20.20
CA SER D 284 28.47 3.72 -20.82
C SER D 284 28.54 4.45 -22.15
N ARG D 285 27.38 4.67 -22.77
CA ARG D 285 27.32 5.36 -24.05
C ARG D 285 27.74 6.83 -23.92
N ALA D 286 27.27 7.50 -22.88
CA ALA D 286 27.60 8.91 -22.67
C ALA D 286 28.94 9.09 -21.97
N ARG D 287 29.21 8.25 -20.98
CA ARG D 287 30.46 8.33 -20.24
C ARG D 287 30.70 9.68 -19.57
N ASN D 288 29.64 10.31 -19.08
CA ASN D 288 29.76 11.60 -18.41
C ASN D 288 30.16 11.33 -16.97
N TRP D 289 31.42 10.97 -16.75
CA TRP D 289 31.91 10.66 -15.41
C TRP D 289 31.95 11.88 -14.48
N GLN D 290 32.10 13.08 -15.05
CA GLN D 290 32.15 14.29 -14.23
C GLN D 290 30.86 14.48 -13.43
N ARG D 291 29.73 14.09 -14.01
CA ARG D 291 28.44 14.21 -13.36
C ARG D 291 28.34 13.38 -12.06
N TYR D 292 29.14 12.32 -11.98
CA TYR D 292 29.13 11.46 -10.79
C TYR D 292 30.46 11.49 -10.05
N ASP D 293 31.30 12.46 -10.40
CA ASP D 293 32.62 12.61 -9.81
C ASP D 293 32.63 12.85 -8.31
N LEU D 294 33.43 12.05 -7.61
CA LEU D 294 33.59 12.17 -6.16
C LEU D 294 35.06 12.32 -5.83
N GLY D 295 35.79 12.98 -6.74
CA GLY D 295 37.22 13.20 -6.54
C GLY D 295 38.07 12.00 -6.88
N GLY D 296 37.47 11.01 -7.52
CA GLY D 296 38.22 9.81 -7.89
C GLY D 296 38.81 9.84 -9.28
N LYS D 297 38.95 8.66 -9.88
CA LYS D 297 39.50 8.53 -11.23
C LYS D 297 38.58 9.15 -12.28
N GLN D 298 39.19 9.72 -13.33
CA GLN D 298 38.44 10.34 -14.40
C GLN D 298 37.75 9.33 -15.31
N LYS D 299 36.90 8.50 -14.71
CA LYS D 299 36.17 7.48 -15.46
C LYS D 299 34.93 7.08 -14.67
N LEU D 300 33.97 6.47 -15.37
CA LEU D 300 32.73 6.02 -14.75
C LEU D 300 33.00 4.73 -13.98
N SER D 301 32.86 4.76 -12.66
CA SER D 301 33.10 3.58 -11.83
C SER D 301 32.13 2.45 -12.17
N PHE D 302 30.90 2.83 -12.49
CA PHE D 302 29.84 1.89 -12.84
C PHE D 302 28.69 2.69 -13.43
N GLU D 303 27.83 2.03 -14.19
CA GLU D 303 26.71 2.72 -14.82
C GLU D 303 25.61 3.15 -13.85
N GLU D 304 25.05 4.33 -14.08
CA GLU D 304 23.96 4.84 -13.25
C GLU D 304 22.83 5.30 -14.16
N GLY D 305 22.96 4.98 -15.45
CA GLY D 305 21.94 5.33 -16.43
C GLY D 305 21.89 4.28 -17.52
N VAL D 306 20.82 4.26 -18.30
CA VAL D 306 20.67 3.28 -19.37
C VAL D 306 20.53 3.89 -20.76
N ASP D 307 20.68 3.05 -21.77
CA ASP D 307 20.55 3.46 -23.17
C ASP D 307 19.15 2.97 -23.54
N SER D 308 18.35 3.80 -24.18
CA SER D 308 16.98 3.40 -24.49
C SER D 308 16.35 4.05 -25.71
N TYR D 309 15.06 3.76 -25.89
CA TYR D 309 14.26 4.33 -26.97
C TYR D 309 12.99 4.91 -26.38
N VAL D 310 12.57 6.04 -26.93
CA VAL D 310 11.34 6.70 -26.50
C VAL D 310 10.50 6.92 -27.75
N PRO D 311 9.17 6.97 -27.61
CA PRO D 311 8.31 7.17 -28.77
C PRO D 311 8.50 8.52 -29.44
N TYR D 312 8.52 8.52 -30.77
CA TYR D 312 8.68 9.76 -31.53
C TYR D 312 7.37 10.53 -31.40
N ALA D 313 7.44 11.79 -31.00
CA ALA D 313 6.25 12.59 -30.79
C ALA D 313 6.05 13.74 -31.76
N GLY D 314 6.99 13.95 -32.68
CA GLY D 314 6.84 15.03 -33.64
C GLY D 314 7.63 16.29 -33.34
N LYS D 315 7.08 17.44 -33.74
CA LYS D 315 7.76 18.72 -33.52
C LYS D 315 7.55 19.28 -32.13
N LEU D 316 8.59 19.91 -31.59
CA LEU D 316 8.55 20.49 -30.26
C LEU D 316 7.43 21.51 -30.11
N LYS D 317 7.34 22.44 -31.05
CA LYS D 317 6.31 23.47 -31.03
C LYS D 317 4.90 22.92 -30.78
N ASP D 318 4.49 21.94 -31.58
CA ASP D 318 3.15 21.36 -31.45
C ASP D 318 2.92 20.68 -30.11
N ASN D 319 3.93 19.93 -29.66
CA ASN D 319 3.81 19.22 -28.40
C ASN D 319 3.81 20.16 -27.20
N VAL D 320 4.70 21.14 -27.20
CA VAL D 320 4.77 22.09 -26.09
C VAL D 320 3.46 22.86 -26.01
N GLU D 321 2.90 23.20 -27.17
CA GLU D 321 1.64 23.93 -27.20
C GLU D 321 0.54 23.09 -26.54
N ALA D 322 0.46 21.82 -26.92
CA ALA D 322 -0.55 20.91 -26.38
C ALA D 322 -0.38 20.72 -24.87
N SER D 323 0.86 20.54 -24.42
CA SER D 323 1.14 20.35 -23.00
C SER D 323 0.72 21.56 -22.17
N LEU D 324 1.18 22.74 -22.59
CA LEU D 324 0.88 23.96 -21.87
C LEU D 324 -0.60 24.35 -21.90
N ASN D 325 -1.33 23.89 -22.90
CA ASN D 325 -2.76 24.20 -22.97
C ASN D 325 -3.43 23.47 -21.79
N LYS D 326 -2.91 22.29 -21.47
CA LYS D 326 -3.46 21.52 -20.36
C LYS D 326 -3.08 22.20 -19.05
N VAL D 327 -1.83 22.66 -18.97
CA VAL D 327 -1.35 23.35 -17.78
C VAL D 327 -2.18 24.61 -17.51
N LYS D 328 -2.36 25.42 -18.54
CA LYS D 328 -3.12 26.65 -18.41
C LYS D 328 -4.57 26.37 -18.01
N SER D 329 -5.17 25.34 -18.60
CA SER D 329 -6.54 24.98 -18.28
C SER D 329 -6.69 24.61 -16.81
N THR D 330 -5.77 23.79 -16.32
CA THR D 330 -5.79 23.37 -14.94
C THR D 330 -5.59 24.57 -14.03
N MET D 331 -4.64 25.44 -14.38
CA MET D 331 -4.40 26.63 -13.57
C MET D 331 -5.70 27.42 -13.42
N CYS D 332 -6.48 27.48 -14.48
CA CYS D 332 -7.76 28.20 -14.43
C CYS D 332 -8.75 27.49 -13.50
N ASN D 333 -8.73 26.16 -13.48
CA ASN D 333 -9.61 25.42 -12.58
C ASN D 333 -9.24 25.79 -11.15
N CYS D 334 -7.96 26.03 -10.94
CA CYS D 334 -7.44 26.39 -9.61
C CYS D 334 -7.52 27.89 -9.31
N GLY D 335 -8.03 28.65 -10.27
CA GLY D 335 -8.18 30.09 -10.07
C GLY D 335 -6.90 30.89 -10.18
N ALA D 336 -5.92 30.37 -10.92
CA ALA D 336 -4.64 31.08 -11.07
C ALA D 336 -4.34 31.53 -12.50
N LEU D 337 -3.88 32.76 -12.63
CA LEU D 337 -3.52 33.33 -13.94
C LEU D 337 -2.01 33.49 -14.10
N THR D 338 -1.27 33.15 -13.05
CA THR D 338 0.20 33.22 -13.08
C THR D 338 0.74 32.07 -12.23
N ILE D 339 2.01 31.73 -12.43
CA ILE D 339 2.60 30.65 -11.67
C ILE D 339 2.64 30.98 -10.17
N PRO D 340 3.04 32.22 -9.81
CA PRO D 340 3.06 32.53 -8.37
C PRO D 340 1.67 32.38 -7.75
N GLN D 341 0.63 32.73 -8.51
CA GLN D 341 -0.75 32.59 -8.04
C GLN D 341 -1.08 31.11 -7.79
N LEU D 342 -0.68 30.26 -8.72
CA LEU D 342 -0.92 28.83 -8.61
C LEU D 342 -0.24 28.27 -7.37
N GLN D 343 1.01 28.68 -7.15
CA GLN D 343 1.79 28.21 -6.01
C GLN D 343 1.17 28.65 -4.69
N SER D 344 0.44 29.75 -4.72
CA SER D 344 -0.22 30.26 -3.53
C SER D 344 -1.59 29.63 -3.30
N LYS D 345 -2.37 29.50 -4.37
CA LYS D 345 -3.73 28.96 -4.30
C LYS D 345 -3.91 27.44 -4.36
N ALA D 346 -2.91 26.74 -4.88
CA ALA D 346 -3.01 25.30 -5.04
C ALA D 346 -3.39 24.52 -3.78
N LYS D 347 -4.28 23.55 -3.94
CA LYS D 347 -4.72 22.66 -2.88
C LYS D 347 -4.29 21.30 -3.42
N ILE D 348 -3.32 20.69 -2.75
CA ILE D 348 -2.73 19.43 -3.22
C ILE D 348 -2.92 18.25 -2.26
N THR D 349 -3.50 17.18 -2.76
CA THR D 349 -3.75 16.00 -1.93
C THR D 349 -3.06 14.75 -2.45
N LEU D 350 -2.71 13.83 -1.53
CA LEU D 350 -2.13 12.56 -1.89
C LEU D 350 -3.35 11.70 -2.26
N VAL D 351 -3.12 10.67 -3.06
CA VAL D 351 -4.19 9.81 -3.54
C VAL D 351 -3.91 8.33 -3.28
N SER D 352 -4.88 7.61 -2.73
CA SER D 352 -4.70 6.18 -2.45
C SER D 352 -4.61 5.42 -3.78
N SER D 353 -4.04 4.22 -3.74
CA SER D 353 -3.91 3.43 -4.97
C SER D 353 -5.27 3.08 -5.55
N VAL D 354 -6.27 2.85 -4.69
CA VAL D 354 -7.60 2.54 -5.17
C VAL D 354 -8.22 3.78 -5.84
N SER D 355 -7.92 4.95 -5.31
CA SER D 355 -8.43 6.20 -5.88
C SER D 355 -7.79 6.40 -7.24
N ILE D 356 -6.55 5.95 -7.39
CA ILE D 356 -5.84 6.07 -8.67
C ILE D 356 -6.58 5.26 -9.73
N VAL D 357 -6.99 4.04 -9.37
CA VAL D 357 -7.73 3.18 -10.30
C VAL D 357 -9.02 3.88 -10.74
N GLU D 358 -9.70 4.51 -9.79
CA GLU D 358 -10.94 5.22 -10.07
C GLU D 358 -10.70 6.42 -10.99
N GLY D 359 -9.49 6.98 -10.94
CA GLY D 359 -9.15 8.13 -11.76
C GLY D 359 -9.07 7.88 -13.25
N GLY D 360 -8.78 6.65 -13.64
CA GLY D 360 -8.70 6.35 -15.05
C GLY D 360 -10.02 5.75 -15.49
N ALA D 361 -10.13 5.37 -16.76
CA ALA D 361 -11.36 4.75 -17.24
C ALA D 361 -11.43 3.42 -16.49
N HIS D 362 -12.62 3.01 -16.10
CA HIS D 362 -12.74 1.75 -15.38
C HIS D 362 -14.08 1.08 -15.60
N ASP D 363 -14.06 -0.25 -15.61
CA ASP D 363 -15.27 -1.04 -15.76
C ASP D 363 -15.99 -0.83 -17.09
N VAL D 364 -15.22 -0.48 -18.11
CA VAL D 364 -15.75 -0.27 -19.46
C VAL D 364 -14.67 -0.73 -20.43
N ILE D 365 -15.09 -1.12 -21.62
CA ILE D 365 -14.14 -1.53 -22.64
C ILE D 365 -13.95 -0.31 -23.54
N VAL D 366 -12.77 0.31 -23.47
CA VAL D 366 -12.49 1.50 -24.25
C VAL D 366 -12.42 1.20 -25.75
N LYS D 367 -13.29 1.84 -26.51
CA LYS D 367 -13.35 1.67 -27.95
C LYS D 367 -12.28 2.50 -28.64
#